data_3PU1
#
_entry.id   3PU1
#
_cell.length_a   163.222
_cell.length_b   233.189
_cell.length_c   75.570
_cell.angle_alpha   90.00
_cell.angle_beta   90.00
_cell.angle_gamma   90.00
#
_symmetry.space_group_name_H-M   'P 21 21 2'
#
loop_
_entity.id
_entity.type
_entity.pdbx_description
1 polymer Nucleoprotein
2 polymer 'RNA (45-MER)'
3 non-polymer 'URANYL (VI) ION'
#
loop_
_entity_poly.entity_id
_entity_poly.type
_entity_poly.pdbx_seq_one_letter_code
_entity_poly.pdbx_strand_id
1 'polypeptide(L)'
;SVTVKRIIDNTVIVPKLPANEDPVEYPADYFRKSKEIPLYINTTKSLSDLRGYVYQGLKSGNVSIIHVNSYLYGALKDIR
GKLDKDWSSFGINIGKAGDTIGIFDLVSLKALDGVLPDGVSDASRTSADDKWLPLYLLGLYRVGRTQMPEYRKKLMDGLT
NQCKMINEQFEPLVPEGRDIFDVWGNDSNYTKIVAAVDMFFHMFKKHECASFRYGTIVSRFKDCAALATFGHLCKITGMS
TEDVTTWILNREVADEMVQMMLPGQEIDKADSYMPYLIDFGLSSKSPYSSVKNPAFHFWGQLTALLLRSTRARNARQPDD
IEYTSLTTAGLLYAYAVGSSADLAQQFCVGDNKYTPDDSTGGLTTNAPPQGRDVVEWLGWFEDQNRKPTPDMMQYAKRAV
MSLQGLREKTIGKYAKSEFDK
;
A,B,C,D,E
2 'polyribonucleotide' GGGGGGGGGGGGGGGGGGGGGGGGGGGGGGGGGGGGGGGGGGGGG R
#
# COMPACT_ATOMS: atom_id res chain seq x y z
N SER A 1 -11.95 -20.75 -28.97
CA SER A 1 -11.02 -20.56 -27.85
C SER A 1 -11.00 -21.75 -26.85
N VAL A 2 -11.16 -22.99 -27.32
CA VAL A 2 -11.06 -24.14 -26.41
C VAL A 2 -9.63 -24.65 -26.34
N THR A 3 -8.97 -24.67 -27.50
CA THR A 3 -7.63 -25.24 -27.61
C THR A 3 -6.57 -24.17 -27.87
N VAL A 4 -5.60 -24.07 -26.97
CA VAL A 4 -4.57 -23.05 -27.09
C VAL A 4 -3.24 -23.72 -27.41
N LYS A 5 -2.58 -23.28 -28.48
CA LYS A 5 -1.26 -23.81 -28.77
C LYS A 5 -0.23 -22.71 -28.65
N ARG A 6 1.01 -23.09 -28.44
CA ARG A 6 2.10 -22.14 -28.27
C ARG A 6 2.93 -22.04 -29.55
N ILE A 7 2.95 -20.87 -30.20
CA ILE A 7 3.51 -20.81 -31.55
C ILE A 7 4.95 -21.35 -31.64
N ILE A 8 5.89 -20.86 -30.84
CA ILE A 8 7.29 -21.19 -31.05
C ILE A 8 7.62 -22.70 -31.18
N ASP A 9 6.92 -23.56 -30.45
CA ASP A 9 7.19 -25.00 -30.52
C ASP A 9 5.94 -25.78 -30.85
N ASN A 10 4.85 -25.05 -31.03
CA ASN A 10 3.56 -25.62 -31.40
C ASN A 10 2.99 -26.70 -30.47
N THR A 11 3.33 -26.64 -29.19
CA THR A 11 2.77 -27.56 -28.20
C THR A 11 1.47 -27.02 -27.58
N VAL A 12 0.74 -27.90 -26.91
CA VAL A 12 -0.53 -27.51 -26.28
C VAL A 12 -0.34 -27.00 -24.84
N ILE A 13 -1.05 -25.93 -24.52
CA ILE A 13 -1.13 -25.46 -23.15
C ILE A 13 -2.62 -25.47 -22.75
N VAL A 14 -2.91 -25.86 -21.51
CA VAL A 14 -4.28 -25.92 -21.04
C VAL A 14 -4.55 -24.99 -19.89
N PRO A 15 -4.90 -23.73 -20.20
CA PRO A 15 -5.11 -22.74 -19.15
C PRO A 15 -6.26 -23.17 -18.28
N LYS A 16 -5.94 -23.53 -17.04
CA LYS A 16 -6.95 -23.77 -16.04
C LYS A 16 -6.61 -22.84 -14.91
N LEU A 17 -7.52 -22.66 -13.96
CA LEU A 17 -7.21 -21.89 -12.75
C LEU A 17 -8.08 -22.34 -11.54
N PRO A 18 -7.56 -22.15 -10.31
CA PRO A 18 -8.14 -22.75 -9.09
C PRO A 18 -9.67 -22.78 -9.05
N ALA A 19 -10.21 -23.80 -8.41
CA ALA A 19 -11.65 -23.97 -8.31
C ALA A 19 -12.23 -22.83 -7.53
N ASN A 20 -13.55 -22.84 -7.39
CA ASN A 20 -14.26 -21.90 -6.55
C ASN A 20 -15.74 -22.19 -6.69
N GLU A 21 -16.42 -22.34 -5.57
CA GLU A 21 -17.82 -22.74 -5.61
C GLU A 21 -18.73 -22.03 -4.62
N ASP A 22 -19.03 -22.73 -3.54
CA ASP A 22 -20.20 -22.39 -2.72
C ASP A 22 -21.31 -21.73 -3.54
N PRO A 23 -22.15 -22.56 -4.14
CA PRO A 23 -23.41 -22.12 -4.72
C PRO A 23 -24.18 -21.29 -3.71
N VAL A 24 -25.10 -20.47 -4.18
CA VAL A 24 -26.06 -19.86 -3.29
C VAL A 24 -27.04 -20.94 -2.85
N GLU A 25 -27.96 -20.58 -1.97
CA GLU A 25 -29.04 -21.48 -1.59
C GLU A 25 -30.32 -20.68 -1.42
N TYR A 26 -31.39 -21.12 -2.05
CA TYR A 26 -32.64 -20.35 -2.07
C TYR A 26 -33.56 -20.81 -0.96
N PRO A 27 -34.45 -19.93 -0.52
CA PRO A 27 -35.49 -20.29 0.44
C PRO A 27 -36.28 -21.51 -0.01
N ALA A 28 -37.01 -21.40 -1.10
CA ALA A 28 -37.86 -22.50 -1.55
C ALA A 28 -37.11 -23.82 -1.60
N ASP A 29 -35.99 -23.84 -2.33
CA ASP A 29 -35.22 -25.06 -2.52
C ASP A 29 -34.62 -25.43 -1.15
N TYR A 30 -35.40 -25.23 -0.08
CA TYR A 30 -35.08 -25.66 1.30
C TYR A 30 -36.28 -26.29 1.98
N PHE A 31 -37.41 -25.59 1.97
CA PHE A 31 -38.68 -26.15 2.45
C PHE A 31 -39.06 -27.41 1.65
N ARG A 32 -38.22 -27.78 0.70
CA ARG A 32 -38.41 -29.02 -0.02
C ARG A 32 -37.73 -30.16 0.72
N LYS A 33 -36.98 -29.83 1.77
CA LYS A 33 -36.48 -30.82 2.71
C LYS A 33 -37.38 -30.79 3.95
N SER A 34 -36.87 -30.18 5.01
CA SER A 34 -37.64 -29.92 6.22
C SER A 34 -38.87 -29.05 5.94
N LYS A 35 -39.93 -29.17 6.76
CA LYS A 35 -41.07 -28.27 6.64
C LYS A 35 -41.40 -27.56 7.96
N GLU A 36 -40.36 -27.31 8.74
CA GLU A 36 -40.48 -26.60 10.01
C GLU A 36 -39.20 -25.83 10.28
N ILE A 37 -39.32 -24.72 11.01
CA ILE A 37 -38.12 -23.99 11.44
C ILE A 37 -37.89 -24.17 12.97
N PRO A 38 -36.95 -25.05 13.34
CA PRO A 38 -36.64 -25.49 14.71
C PRO A 38 -36.06 -24.39 15.59
N LEU A 39 -36.74 -24.10 16.71
CA LEU A 39 -36.23 -23.13 17.67
C LEU A 39 -35.85 -23.82 18.97
N TYR A 40 -34.60 -24.27 19.07
CA TYR A 40 -34.11 -24.92 20.28
C TYR A 40 -33.88 -23.91 21.39
N ILE A 41 -34.97 -23.47 22.01
CA ILE A 41 -35.00 -23.30 23.46
C ILE A 41 -34.81 -24.64 24.18
N ASN A 42 -33.55 -25.00 24.41
CA ASN A 42 -33.22 -26.25 25.07
C ASN A 42 -34.02 -26.44 26.37
N THR A 43 -34.12 -25.37 27.16
CA THR A 43 -34.53 -25.49 28.55
C THR A 43 -35.75 -24.63 28.84
N THR A 44 -36.56 -25.12 29.77
CA THR A 44 -37.63 -24.34 30.37
C THR A 44 -37.54 -24.41 31.90
N LYS A 45 -36.89 -23.40 32.49
CA LYS A 45 -36.87 -23.24 33.93
C LYS A 45 -38.09 -22.43 34.31
N SER A 46 -37.88 -21.23 34.83
CA SER A 46 -39.00 -20.38 35.19
C SER A 46 -38.81 -18.96 34.68
N LEU A 47 -39.89 -18.36 34.19
CA LEU A 47 -39.82 -16.98 33.69
C LEU A 47 -39.29 -16.03 34.74
N SER A 48 -39.80 -16.15 35.96
CA SER A 48 -39.37 -15.30 37.07
C SER A 48 -37.89 -15.53 37.38
N ASP A 49 -37.51 -16.80 37.53
CA ASP A 49 -36.11 -17.16 37.70
C ASP A 49 -35.23 -16.46 36.67
N LEU A 50 -35.60 -16.67 35.39
CA LEU A 50 -34.86 -16.13 34.24
C LEU A 50 -34.77 -14.61 34.25
N ARG A 51 -35.91 -13.96 34.48
CA ARG A 51 -35.99 -12.52 34.58
C ARG A 51 -34.83 -11.97 35.40
N GLY A 52 -34.45 -12.74 36.42
CA GLY A 52 -33.36 -12.35 37.30
C GLY A 52 -32.00 -12.63 36.69
N TYR A 53 -31.77 -13.90 36.35
CA TYR A 53 -30.49 -14.31 35.79
C TYR A 53 -29.92 -13.25 34.87
N VAL A 54 -30.75 -12.80 33.93
CA VAL A 54 -30.40 -11.75 32.97
C VAL A 54 -30.16 -10.42 33.66
N TYR A 55 -31.19 -9.90 34.32
CA TYR A 55 -31.13 -8.59 34.96
C TYR A 55 -29.76 -8.36 35.58
N GLN A 56 -29.22 -9.40 36.22
CA GLN A 56 -27.88 -9.33 36.80
C GLN A 56 -26.79 -9.64 35.77
N GLY A 57 -26.88 -10.81 35.15
CA GLY A 57 -25.93 -11.19 34.12
C GLY A 57 -25.67 -10.05 33.15
N LEU A 58 -26.59 -9.08 33.14
CA LEU A 58 -26.52 -7.92 32.26
C LEU A 58 -25.61 -6.81 32.78
N LYS A 59 -25.47 -6.72 34.09
CA LYS A 59 -24.46 -5.84 34.67
C LYS A 59 -23.13 -6.60 34.81
N SER A 60 -22.81 -7.41 33.81
CA SER A 60 -21.62 -8.24 33.85
C SER A 60 -21.38 -8.94 32.51
N GLY A 61 -20.11 -9.09 32.15
CA GLY A 61 -19.71 -9.66 30.87
C GLY A 61 -19.70 -11.16 30.86
N ASN A 62 -20.86 -11.76 31.11
CA ASN A 62 -20.99 -13.20 31.13
C ASN A 62 -22.42 -13.69 31.34
N VAL A 63 -23.41 -12.89 30.94
CA VAL A 63 -24.78 -13.38 30.87
C VAL A 63 -24.87 -14.42 29.75
N SER A 64 -25.49 -15.55 30.00
CA SER A 64 -25.45 -16.62 29.02
C SER A 64 -26.54 -16.45 27.99
N ILE A 65 -26.16 -16.60 26.73
CA ILE A 65 -27.08 -16.44 25.61
C ILE A 65 -28.18 -17.51 25.65
N ILE A 66 -27.94 -18.62 26.35
CA ILE A 66 -28.94 -19.66 26.49
C ILE A 66 -30.04 -19.15 27.41
N HIS A 67 -29.68 -18.17 28.24
CA HIS A 67 -30.61 -17.61 29.19
C HIS A 67 -31.55 -16.61 28.54
N VAL A 68 -30.99 -15.65 27.81
CA VAL A 68 -31.81 -14.63 27.13
C VAL A 68 -32.79 -15.27 26.15
N ASN A 69 -32.33 -16.25 25.37
CA ASN A 69 -33.22 -17.02 24.52
C ASN A 69 -34.43 -17.45 25.30
N SER A 70 -34.19 -17.95 26.52
CA SER A 70 -35.26 -18.48 27.35
C SER A 70 -36.09 -17.38 28.00
N TYR A 71 -35.47 -16.28 28.41
CA TYR A 71 -36.23 -15.18 28.96
C TYR A 71 -37.16 -14.64 27.90
N LEU A 72 -36.65 -14.51 26.68
CA LEU A 72 -37.43 -14.00 25.54
C LEU A 72 -38.61 -14.92 25.23
N TYR A 73 -38.34 -16.19 24.93
CA TYR A 73 -39.42 -17.14 24.78
C TYR A 73 -40.39 -16.92 25.93
N GLY A 74 -39.83 -16.85 27.14
CA GLY A 74 -40.62 -16.63 28.33
C GLY A 74 -41.54 -15.43 28.24
N ALA A 75 -40.97 -14.26 27.92
CA ALA A 75 -41.68 -12.98 27.96
C ALA A 75 -42.52 -12.65 26.70
N LEU A 76 -42.50 -13.50 25.69
CA LEU A 76 -43.06 -13.15 24.39
C LEU A 76 -44.25 -13.96 23.88
N LYS A 77 -44.89 -14.79 24.70
CA LYS A 77 -46.11 -15.40 24.18
C LYS A 77 -47.35 -14.58 24.49
N ASP A 78 -47.27 -13.31 24.13
CA ASP A 78 -48.44 -12.57 23.74
C ASP A 78 -48.91 -13.22 22.43
N ILE A 79 -49.58 -14.36 22.55
CA ILE A 79 -50.22 -14.99 21.40
C ILE A 79 -51.29 -14.00 20.89
N ARG A 80 -50.82 -12.78 20.63
CA ARG A 80 -51.62 -11.56 20.67
C ARG A 80 -51.91 -10.96 19.30
N GLY A 81 -52.37 -11.80 18.37
CA GLY A 81 -52.69 -11.32 17.03
C GLY A 81 -53.74 -12.12 16.27
N LYS A 82 -54.68 -11.40 15.65
CA LYS A 82 -55.76 -12.01 14.86
C LYS A 82 -55.59 -11.78 13.36
N LEU A 83 -55.46 -12.87 12.60
CA LEU A 83 -55.38 -12.77 11.16
C LEU A 83 -56.70 -12.25 10.61
N ASP A 84 -56.63 -11.13 9.89
CA ASP A 84 -57.80 -10.66 9.15
C ASP A 84 -57.98 -11.51 7.89
N LYS A 85 -56.87 -12.00 7.34
CA LYS A 85 -56.89 -12.84 6.14
C LYS A 85 -55.98 -14.05 6.33
N ASP A 86 -55.86 -14.88 5.29
CA ASP A 86 -55.02 -16.09 5.33
C ASP A 86 -53.53 -15.78 5.38
N TRP A 87 -52.75 -16.72 5.91
CA TRP A 87 -51.30 -16.60 5.91
C TRP A 87 -50.63 -17.90 5.50
N SER A 88 -49.88 -17.86 4.41
CA SER A 88 -49.15 -19.03 3.89
C SER A 88 -47.75 -18.64 3.43
N SER A 89 -46.95 -19.64 3.09
CA SER A 89 -45.60 -19.40 2.58
C SER A 89 -44.82 -20.69 2.41
N PHE A 90 -44.37 -20.92 1.19
CA PHE A 90 -43.54 -22.07 0.86
C PHE A 90 -44.20 -23.40 1.24
N GLY A 91 -45.53 -23.39 1.28
CA GLY A 91 -46.27 -24.56 1.74
C GLY A 91 -46.72 -24.39 3.18
N ILE A 92 -45.74 -24.17 4.05
CA ILE A 92 -45.99 -23.99 5.47
C ILE A 92 -47.21 -23.14 5.72
N ASN A 93 -48.24 -23.72 6.33
CA ASN A 93 -49.46 -22.99 6.59
C ASN A 93 -49.47 -22.39 7.99
N ILE A 94 -49.02 -21.15 8.12
CA ILE A 94 -48.98 -20.49 9.42
C ILE A 94 -50.34 -20.44 10.12
N GLY A 95 -51.36 -19.90 9.46
CA GLY A 95 -52.68 -19.79 10.07
C GLY A 95 -53.82 -19.73 9.06
N LYS A 96 -55.01 -19.32 9.52
CA LYS A 96 -56.14 -19.08 8.62
C LYS A 96 -57.16 -18.08 9.18
N ALA A 97 -57.73 -17.27 8.28
CA ALA A 97 -58.44 -16.04 8.64
C ALA A 97 -59.33 -16.09 9.90
N GLY A 98 -59.32 -14.99 10.66
CA GLY A 98 -60.06 -14.88 11.90
C GLY A 98 -59.26 -15.39 13.09
N ASP A 99 -58.38 -16.35 12.78
CA ASP A 99 -57.52 -17.04 13.73
C ASP A 99 -56.76 -16.16 14.72
N THR A 100 -56.26 -16.80 15.78
CA THR A 100 -55.35 -16.16 16.72
C THR A 100 -54.00 -16.87 16.69
N ILE A 101 -52.94 -16.09 16.49
CA ILE A 101 -51.57 -16.62 16.45
C ILE A 101 -50.62 -15.75 17.26
N GLY A 102 -49.57 -16.39 17.77
CA GLY A 102 -48.51 -15.73 18.53
C GLY A 102 -47.15 -15.91 17.87
N ILE A 103 -46.18 -15.09 18.31
CA ILE A 103 -44.88 -15.06 17.67
C ILE A 103 -44.38 -16.43 17.32
N PHE A 104 -44.31 -17.30 18.32
CA PHE A 104 -43.62 -18.56 18.15
C PHE A 104 -44.43 -19.62 17.40
N ASP A 105 -45.51 -19.18 16.75
CA ASP A 105 -46.27 -20.08 15.89
C ASP A 105 -45.41 -20.33 14.65
N LEU A 106 -44.10 -20.43 14.90
CA LEU A 106 -43.08 -20.84 13.94
C LEU A 106 -42.07 -21.82 14.62
N VAL A 107 -42.66 -22.88 15.21
CA VAL A 107 -42.12 -24.27 15.34
C VAL A 107 -41.08 -24.65 16.43
N SER A 108 -41.52 -24.62 17.70
CA SER A 108 -40.63 -24.73 18.87
C SER A 108 -40.25 -26.17 19.34
N LEU A 109 -38.94 -26.42 19.43
CA LEU A 109 -38.42 -27.66 20.01
C LEU A 109 -37.52 -27.31 21.23
N LYS A 110 -36.96 -28.32 21.91
CA LYS A 110 -36.07 -28.12 23.08
C LYS A 110 -34.98 -29.19 23.15
N ALA A 111 -33.85 -28.89 23.78
CA ALA A 111 -32.74 -29.88 23.78
C ALA A 111 -31.70 -29.80 24.92
N LEU A 112 -30.46 -30.19 24.57
CA LEU A 112 -29.34 -30.45 25.52
C LEU A 112 -29.37 -29.73 26.88
N ASP A 113 -28.67 -30.30 27.86
CA ASP A 113 -28.97 -30.11 29.27
C ASP A 113 -28.33 -28.94 30.06
N GLY A 114 -27.50 -29.29 31.04
CA GLY A 114 -26.99 -28.38 32.07
C GLY A 114 -26.91 -26.89 31.82
N VAL A 115 -27.80 -26.13 32.44
CA VAL A 115 -27.76 -24.67 32.37
C VAL A 115 -26.95 -24.06 33.53
N LEU A 116 -26.72 -22.75 33.47
CA LEU A 116 -25.76 -22.09 34.37
C LEU A 116 -26.31 -21.85 35.82
N PRO A 117 -26.21 -20.61 36.39
CA PRO A 117 -26.73 -20.50 37.78
C PRO A 117 -28.17 -21.00 38.05
N ASP A 118 -28.39 -21.60 39.22
CA ASP A 118 -29.63 -22.31 39.59
C ASP A 118 -30.68 -21.47 40.36
N GLY A 119 -31.83 -22.08 40.62
CA GLY A 119 -32.85 -21.52 41.51
C GLY A 119 -33.40 -20.16 41.15
N VAL A 120 -32.99 -19.12 41.89
CA VAL A 120 -33.45 -17.73 41.67
C VAL A 120 -32.31 -16.70 41.88
N SER A 121 -31.64 -16.30 40.81
CA SER A 121 -30.44 -15.43 40.91
C SER A 121 -30.76 -13.96 41.19
N ASP A 122 -31.31 -13.69 42.38
CA ASP A 122 -31.90 -12.39 42.74
C ASP A 122 -33.40 -12.40 42.46
N ALA A 123 -34.18 -12.33 43.53
CA ALA A 123 -35.64 -12.38 43.41
C ALA A 123 -36.26 -10.99 43.25
N SER A 124 -35.42 -9.95 43.19
CA SER A 124 -35.92 -8.58 43.32
C SER A 124 -36.69 -8.04 42.11
N ARG A 125 -36.32 -8.43 40.90
CA ARG A 125 -36.95 -7.87 39.70
C ARG A 125 -38.42 -8.29 39.54
N THR A 126 -39.25 -7.29 39.21
CA THR A 126 -40.70 -7.42 39.09
C THR A 126 -41.18 -7.50 37.64
N SER A 127 -42.50 -7.53 37.44
CA SER A 127 -43.08 -7.66 36.11
C SER A 127 -42.93 -6.44 35.20
N ALA A 128 -41.90 -5.63 35.45
CA ALA A 128 -41.36 -4.74 34.42
C ALA A 128 -40.69 -5.41 33.22
N ASP A 129 -41.48 -6.18 32.49
CA ASP A 129 -40.97 -7.34 31.77
C ASP A 129 -41.32 -7.27 30.28
N ASP A 130 -42.45 -7.85 29.91
CA ASP A 130 -43.05 -7.67 28.58
C ASP A 130 -43.01 -6.18 28.23
N LYS A 131 -42.92 -5.36 29.26
CA LYS A 131 -42.84 -3.92 29.10
C LYS A 131 -41.60 -3.51 28.30
N TRP A 132 -40.44 -4.04 28.67
CA TRP A 132 -39.20 -3.44 28.17
C TRP A 132 -37.94 -4.33 28.13
N LEU A 133 -37.85 -5.33 29.00
CA LEU A 133 -36.63 -6.13 29.04
C LEU A 133 -36.35 -6.82 27.70
N PRO A 134 -37.39 -7.42 27.09
CA PRO A 134 -37.26 -8.01 25.75
C PRO A 134 -36.82 -6.98 24.69
N LEU A 135 -37.60 -5.91 24.51
CA LEU A 135 -37.28 -4.85 23.58
C LEU A 135 -35.82 -4.44 23.66
N TYR A 136 -35.27 -4.43 24.88
CA TYR A 136 -33.88 -4.05 25.11
C TYR A 136 -32.94 -5.13 24.58
N LEU A 137 -33.27 -6.38 24.90
CA LEU A 137 -32.46 -7.52 24.50
C LEU A 137 -32.44 -7.65 22.99
N LEU A 138 -33.60 -7.46 22.37
CA LEU A 138 -33.73 -7.49 20.92
C LEU A 138 -32.99 -6.30 20.31
N GLY A 139 -33.20 -5.13 20.89
CA GLY A 139 -32.47 -3.96 20.47
C GLY A 139 -30.99 -4.21 20.30
N LEU A 140 -30.40 -4.92 21.25
CA LEU A 140 -28.98 -5.15 21.25
C LEU A 140 -28.45 -5.84 19.98
N TYR A 141 -29.28 -6.66 19.35
CA TYR A 141 -28.90 -7.35 18.10
C TYR A 141 -28.45 -6.36 17.04
N ARG A 142 -29.19 -5.27 16.95
CA ARG A 142 -28.98 -4.21 15.98
C ARG A 142 -27.67 -3.48 16.23
N VAL A 143 -27.46 -3.13 17.50
CA VAL A 143 -26.25 -2.44 17.91
C VAL A 143 -25.03 -3.33 17.70
N GLY A 144 -25.25 -4.63 17.71
CA GLY A 144 -24.18 -5.60 17.55
C GLY A 144 -23.67 -5.69 16.13
N ARG A 145 -24.55 -5.44 15.15
CA ARG A 145 -24.20 -5.63 13.74
C ARG A 145 -23.15 -4.65 13.17
N THR A 146 -23.00 -3.50 13.81
CA THR A 146 -22.09 -2.46 13.32
C THR A 146 -20.73 -2.41 14.07
N GLN A 147 -19.66 -2.15 13.33
CA GLN A 147 -18.30 -2.05 13.89
C GLN A 147 -17.92 -0.62 14.27
N MET A 148 -18.50 0.34 13.56
CA MET A 148 -18.07 1.74 13.61
C MET A 148 -18.76 2.52 14.73
N PRO A 149 -18.10 3.60 15.24
CA PRO A 149 -18.58 4.47 16.32
C PRO A 149 -20.05 4.90 16.21
N GLU A 150 -20.67 4.65 15.05
CA GLU A 150 -22.11 4.85 14.88
C GLU A 150 -22.87 3.88 15.78
N TYR A 151 -22.16 2.92 16.36
CA TYR A 151 -22.81 1.92 17.19
C TYR A 151 -23.37 2.56 18.45
N ARG A 152 -22.51 3.23 19.22
CA ARG A 152 -22.94 3.92 20.42
C ARG A 152 -23.87 5.07 20.02
N LYS A 153 -24.04 5.24 18.71
CA LYS A 153 -25.03 6.17 18.19
C LYS A 153 -26.40 5.52 18.31
N LYS A 154 -26.55 4.36 17.66
CA LYS A 154 -27.81 3.62 17.68
C LYS A 154 -28.15 3.23 19.11
N LEU A 155 -27.14 3.12 19.96
CA LEU A 155 -27.34 2.72 21.35
C LEU A 155 -27.99 3.84 22.15
N MET A 156 -27.43 5.05 22.06
CA MET A 156 -28.01 6.23 22.69
C MET A 156 -29.47 6.36 22.27
N ASP A 157 -29.67 6.40 20.96
CA ASP A 157 -31.01 6.40 20.39
C ASP A 157 -31.79 5.17 20.89
N GLY A 158 -31.20 4.00 20.69
CA GLY A 158 -31.89 2.75 20.97
C GLY A 158 -32.05 2.40 22.43
N LEU A 159 -31.93 3.41 23.30
CA LEU A 159 -32.15 3.19 24.73
C LEU A 159 -33.22 4.16 25.27
N THR A 160 -33.70 5.03 24.40
CA THR A 160 -34.75 5.98 24.79
C THR A 160 -36.14 5.37 24.57
N ASN A 161 -36.17 4.19 23.94
CA ASN A 161 -37.43 3.54 23.58
C ASN A 161 -37.96 2.65 24.71
N GLN A 162 -37.09 2.40 25.68
CA GLN A 162 -37.47 1.64 26.86
C GLN A 162 -38.04 2.63 27.86
N CYS A 163 -37.43 3.81 27.92
CA CYS A 163 -37.94 4.93 28.73
C CYS A 163 -39.45 5.01 28.54
N LYS A 164 -39.83 4.83 27.29
CA LYS A 164 -41.22 4.71 26.88
C LYS A 164 -42.01 3.68 27.65
N MET A 165 -43.11 4.16 28.25
CA MET A 165 -44.12 3.31 28.87
C MET A 165 -43.41 2.23 29.66
N ILE A 166 -42.46 2.67 30.48
CA ILE A 166 -41.52 1.80 31.20
C ILE A 166 -40.58 2.62 32.13
N ASN A 167 -39.71 3.41 31.50
CA ASN A 167 -38.90 4.48 32.13
C ASN A 167 -37.45 4.24 32.62
N GLU A 168 -36.76 3.23 32.07
CA GLU A 168 -35.40 2.94 32.55
C GLU A 168 -34.30 2.44 31.54
N GLN A 169 -33.07 2.31 32.06
CA GLN A 169 -31.83 2.66 31.33
C GLN A 169 -30.77 1.58 30.99
N PHE A 170 -29.53 2.04 30.82
CA PHE A 170 -28.37 1.20 30.40
C PHE A 170 -28.06 0.02 31.35
N GLU A 171 -27.21 -0.91 30.91
CA GLU A 171 -26.91 -2.13 31.67
C GLU A 171 -25.47 -2.65 31.56
N PRO A 172 -24.94 -2.77 30.33
CA PRO A 172 -23.63 -3.40 30.14
C PRO A 172 -22.45 -2.72 30.85
N LEU A 173 -21.49 -2.24 30.05
CA LEU A 173 -20.19 -1.80 30.57
C LEU A 173 -19.27 -1.51 29.39
N VAL A 174 -18.64 -2.58 28.90
CA VAL A 174 -17.52 -2.55 27.96
C VAL A 174 -17.91 -2.05 26.56
N PRO A 175 -16.93 -1.44 25.84
CA PRO A 175 -16.96 -0.92 24.46
C PRO A 175 -17.22 -2.22 23.64
N GLU A 176 -17.39 -2.09 22.33
CA GLU A 176 -17.73 -3.26 21.51
C GLU A 176 -16.86 -4.21 20.66
N GLY A 177 -16.59 -3.79 19.41
CA GLY A 177 -15.77 -4.55 18.47
C GLY A 177 -16.18 -6.00 18.36
N ARG A 178 -17.48 -6.24 18.57
CA ARG A 178 -18.01 -7.61 18.71
C ARG A 178 -17.37 -8.41 19.87
N ASP A 179 -18.05 -8.42 21.01
CA ASP A 179 -17.51 -9.04 22.20
C ASP A 179 -18.43 -8.98 23.43
N ILE A 180 -19.09 -7.83 23.64
CA ILE A 180 -19.89 -7.59 24.86
C ILE A 180 -21.21 -8.36 24.92
N PHE A 181 -21.76 -8.63 23.74
CA PHE A 181 -23.05 -9.29 23.55
C PHE A 181 -23.30 -9.29 22.06
N ASP A 182 -22.20 -9.31 21.30
CA ASP A 182 -22.24 -9.30 19.86
C ASP A 182 -22.15 -10.73 19.39
N VAL A 183 -21.55 -11.57 20.22
CA VAL A 183 -21.57 -13.00 19.97
C VAL A 183 -23.04 -13.43 19.81
N TRP A 184 -23.93 -12.64 20.42
CA TRP A 184 -25.37 -12.92 20.39
C TRP A 184 -25.85 -13.23 18.98
N GLY A 185 -25.42 -12.41 18.03
CA GLY A 185 -25.82 -12.61 16.64
C GLY A 185 -25.46 -13.98 16.12
N ASN A 186 -24.47 -14.62 16.74
CA ASN A 186 -23.97 -15.90 16.25
C ASN A 186 -24.74 -17.11 16.78
N ASP A 187 -25.65 -16.86 17.71
CA ASP A 187 -26.45 -17.93 18.28
C ASP A 187 -27.61 -18.27 17.37
N SER A 188 -27.48 -19.36 16.63
CA SER A 188 -28.52 -19.82 15.72
C SER A 188 -29.95 -19.70 16.24
N ASN A 189 -30.14 -19.70 17.55
CA ASN A 189 -31.48 -19.66 18.13
C ASN A 189 -31.92 -18.28 18.52
N TYR A 190 -30.96 -17.41 18.81
CA TYR A 190 -31.23 -16.01 19.08
C TYR A 190 -31.81 -15.35 17.82
N THR A 191 -31.10 -15.51 16.70
CA THR A 191 -31.54 -14.96 15.43
C THR A 191 -32.93 -15.48 15.07
N LYS A 192 -33.16 -16.77 15.25
CA LYS A 192 -34.46 -17.34 14.90
C LYS A 192 -35.58 -16.66 15.67
N ILE A 193 -35.26 -16.11 16.83
CA ILE A 193 -36.26 -15.44 17.65
C ILE A 193 -36.46 -14.02 17.18
N VAL A 194 -35.36 -13.31 16.92
CA VAL A 194 -35.44 -11.93 16.44
C VAL A 194 -36.09 -11.93 15.06
N ALA A 195 -35.80 -12.95 14.27
CA ALA A 195 -36.43 -13.05 12.95
C ALA A 195 -37.93 -13.26 13.06
N ALA A 196 -38.35 -14.18 13.92
CA ALA A 196 -39.76 -14.47 14.12
C ALA A 196 -40.51 -13.30 14.76
N VAL A 197 -39.81 -12.47 15.52
CA VAL A 197 -40.43 -11.31 16.15
C VAL A 197 -40.67 -10.24 15.11
N ASP A 198 -39.66 -9.97 14.31
CA ASP A 198 -39.77 -9.00 13.23
C ASP A 198 -40.83 -9.41 12.23
N MET A 199 -40.78 -10.66 11.79
CA MET A 199 -41.75 -11.21 10.85
C MET A 199 -43.17 -11.18 11.36
N PHE A 200 -43.33 -11.44 12.64
CA PHE A 200 -44.63 -11.41 13.27
C PHE A 200 -45.20 -9.98 13.26
N PHE A 201 -44.38 -9.01 13.63
CA PHE A 201 -44.85 -7.64 13.75
C PHE A 201 -44.80 -6.89 12.41
N HIS A 202 -44.36 -7.58 11.38
CA HIS A 202 -44.50 -7.01 10.05
C HIS A 202 -45.94 -7.25 9.63
N MET A 203 -46.46 -8.41 9.99
CA MET A 203 -47.82 -8.78 9.65
C MET A 203 -48.83 -7.95 10.44
N PHE A 204 -48.59 -7.80 11.74
CA PHE A 204 -49.47 -6.99 12.57
C PHE A 204 -48.81 -5.66 12.89
N LYS A 205 -48.50 -4.89 11.86
CA LYS A 205 -47.85 -3.60 12.02
C LYS A 205 -48.51 -2.77 13.14
N LYS A 206 -49.76 -3.10 13.47
CA LYS A 206 -50.61 -2.24 14.29
C LYS A 206 -50.57 -2.51 15.79
N HIS A 207 -49.96 -3.62 16.18
CA HIS A 207 -49.95 -4.07 17.57
C HIS A 207 -49.34 -3.08 18.58
N GLU A 208 -49.67 -3.25 19.86
CA GLU A 208 -49.14 -2.37 20.90
C GLU A 208 -47.67 -2.67 21.15
N CYS A 209 -47.33 -3.96 21.11
CA CYS A 209 -45.97 -4.40 21.37
C CYS A 209 -45.16 -4.45 20.07
N ALA A 210 -45.70 -3.83 19.02
CA ALA A 210 -45.04 -3.81 17.71
C ALA A 210 -43.76 -3.01 17.80
N SER A 211 -43.66 -2.20 18.85
CA SER A 211 -42.50 -1.35 19.10
C SER A 211 -41.20 -2.13 19.12
N PHE A 212 -41.30 -3.42 19.44
CA PHE A 212 -40.13 -4.30 19.57
C PHE A 212 -39.23 -4.27 18.34
N ARG A 213 -39.83 -4.07 17.18
CA ARG A 213 -39.09 -4.14 15.95
C ARG A 213 -37.92 -3.15 15.88
N TYR A 214 -37.70 -2.38 16.93
CA TYR A 214 -36.63 -1.39 16.90
C TYR A 214 -35.28 -1.98 16.45
N GLY A 215 -34.88 -3.09 17.07
CA GLY A 215 -33.61 -3.70 16.74
C GLY A 215 -33.86 -4.99 16.00
N THR A 216 -35.13 -5.37 15.94
CA THR A 216 -35.54 -6.60 15.31
C THR A 216 -35.63 -6.44 13.78
N ILE A 217 -35.52 -5.19 13.33
CA ILE A 217 -35.74 -4.88 11.92
C ILE A 217 -34.60 -5.20 10.98
N VAL A 218 -33.37 -4.86 11.34
CA VAL A 218 -32.26 -5.07 10.41
C VAL A 218 -32.07 -6.53 10.16
N SER A 219 -33.01 -7.34 10.63
CA SER A 219 -33.01 -8.77 10.32
C SER A 219 -33.61 -8.99 8.96
N ARG A 220 -34.65 -8.20 8.66
CA ARG A 220 -35.35 -8.25 7.38
C ARG A 220 -34.48 -7.84 6.21
N PHE A 221 -34.32 -8.77 5.27
CA PHE A 221 -33.47 -8.60 4.11
C PHE A 221 -31.99 -8.52 4.46
N LYS A 222 -31.59 -9.27 5.47
CA LYS A 222 -30.19 -9.34 5.83
C LYS A 222 -29.44 -10.06 4.72
N ASP A 223 -28.26 -9.58 4.37
CA ASP A 223 -27.48 -10.19 3.30
C ASP A 223 -28.31 -10.24 2.01
N CYS A 224 -29.15 -9.22 1.83
CA CYS A 224 -30.04 -9.11 0.66
C CYS A 224 -29.90 -7.79 -0.10
N ALA A 225 -28.74 -7.15 0.00
CA ALA A 225 -28.52 -5.84 -0.62
C ALA A 225 -28.93 -5.74 -2.09
N ALA A 226 -28.10 -6.28 -2.97
CA ALA A 226 -28.34 -6.23 -4.40
C ALA A 226 -29.81 -6.11 -4.74
N LEU A 227 -30.57 -7.13 -4.36
CA LEU A 227 -31.99 -7.24 -4.71
C LEU A 227 -32.80 -6.07 -4.14
N ALA A 228 -32.11 -4.99 -3.79
CA ALA A 228 -32.75 -3.83 -3.18
C ALA A 228 -32.00 -2.56 -3.55
N THR A 229 -30.75 -2.71 -3.97
CA THR A 229 -30.09 -1.62 -4.66
C THR A 229 -30.83 -1.54 -5.97
N PHE A 230 -31.38 -2.67 -6.40
CA PHE A 230 -32.13 -2.76 -7.65
C PHE A 230 -33.42 -1.97 -7.62
N GLY A 231 -34.13 -2.01 -6.50
CA GLY A 231 -35.33 -1.21 -6.39
C GLY A 231 -34.98 0.25 -6.21
N HIS A 232 -33.75 0.53 -5.76
CA HIS A 232 -33.32 1.91 -5.54
C HIS A 232 -32.95 2.52 -6.88
N LEU A 233 -32.39 1.68 -7.76
CA LEU A 233 -32.05 2.10 -9.13
C LEU A 233 -33.32 2.41 -9.89
N CYS A 234 -34.35 1.59 -9.71
CA CYS A 234 -35.63 1.88 -10.34
C CYS A 234 -36.12 3.25 -9.90
N LYS A 235 -36.22 3.43 -8.59
CA LYS A 235 -36.78 4.66 -8.04
C LYS A 235 -36.06 5.90 -8.55
N ILE A 236 -34.75 5.81 -8.70
CA ILE A 236 -33.94 7.00 -8.95
C ILE A 236 -33.85 7.35 -10.42
N THR A 237 -34.13 6.38 -11.28
CA THR A 237 -34.28 6.62 -12.71
C THR A 237 -35.74 6.77 -13.14
N GLY A 238 -36.67 6.66 -12.21
CA GLY A 238 -38.07 6.73 -12.54
C GLY A 238 -38.54 5.73 -13.60
N MET A 239 -37.69 4.76 -13.92
CA MET A 239 -38.06 3.76 -14.92
C MET A 239 -38.84 2.59 -14.29
N SER A 240 -39.37 1.71 -15.13
CA SER A 240 -40.12 0.56 -14.64
C SER A 240 -39.16 -0.55 -14.36
N THR A 241 -39.63 -1.53 -13.59
CA THR A 241 -38.74 -2.61 -13.23
C THR A 241 -38.29 -3.35 -14.49
N GLU A 242 -39.16 -3.37 -15.51
CA GLU A 242 -38.87 -4.10 -16.74
C GLU A 242 -37.99 -3.29 -17.66
N ASP A 243 -38.15 -1.98 -17.63
CA ASP A 243 -37.37 -1.10 -18.49
C ASP A 243 -35.92 -1.02 -18.00
N VAL A 244 -35.74 -0.95 -16.69
CA VAL A 244 -34.42 -0.98 -16.06
C VAL A 244 -33.63 -2.21 -16.52
N THR A 245 -34.23 -3.38 -16.38
CA THR A 245 -33.62 -4.62 -16.82
C THR A 245 -33.06 -4.57 -18.24
N THR A 246 -33.80 -3.95 -19.15
CA THR A 246 -33.40 -3.91 -20.56
C THR A 246 -32.10 -3.17 -20.76
N TRP A 247 -31.82 -2.24 -19.83
CA TRP A 247 -30.61 -1.42 -19.83
C TRP A 247 -29.37 -2.09 -19.23
N ILE A 248 -29.53 -3.32 -18.76
CA ILE A 248 -28.39 -4.11 -18.36
C ILE A 248 -27.61 -4.40 -19.64
N LEU A 249 -26.31 -4.14 -19.62
CA LEU A 249 -25.50 -4.23 -20.84
C LEU A 249 -24.21 -5.06 -20.72
N ASN A 250 -24.07 -5.88 -19.68
CA ASN A 250 -22.89 -6.74 -19.54
C ASN A 250 -23.25 -8.14 -19.03
N ARG A 251 -22.66 -9.16 -19.65
CA ARG A 251 -22.92 -10.56 -19.27
C ARG A 251 -23.15 -10.81 -17.74
N GLU A 252 -22.26 -10.34 -16.86
CA GLU A 252 -22.41 -10.76 -15.48
C GLU A 252 -23.59 -10.06 -14.88
N VAL A 253 -23.77 -8.80 -15.22
CA VAL A 253 -24.85 -8.09 -14.56
C VAL A 253 -26.12 -8.81 -14.96
N ALA A 254 -26.13 -9.31 -16.18
CA ALA A 254 -27.28 -10.04 -16.67
C ALA A 254 -27.41 -11.38 -15.95
N ASP A 255 -26.33 -12.17 -15.95
CA ASP A 255 -26.24 -13.41 -15.17
C ASP A 255 -26.74 -13.22 -13.73
N GLU A 256 -26.18 -12.22 -13.05
CA GLU A 256 -26.55 -11.90 -11.69
C GLU A 256 -28.01 -11.55 -11.59
N MET A 257 -28.52 -10.81 -12.57
CA MET A 257 -29.91 -10.40 -12.54
C MET A 257 -30.85 -11.61 -12.57
N VAL A 258 -30.57 -12.53 -13.48
CA VAL A 258 -31.34 -13.76 -13.58
C VAL A 258 -31.30 -14.47 -12.24
N GLN A 259 -30.10 -14.59 -11.69
CA GLN A 259 -29.89 -15.25 -10.40
C GLN A 259 -30.89 -14.75 -9.38
N MET A 260 -30.98 -13.43 -9.22
CA MET A 260 -31.84 -12.83 -8.21
C MET A 260 -33.32 -12.99 -8.53
N MET A 261 -33.64 -13.10 -9.81
CA MET A 261 -35.03 -13.04 -10.25
C MET A 261 -35.71 -14.39 -10.44
N LEU A 262 -34.91 -15.46 -10.42
CA LEU A 262 -35.40 -16.84 -10.49
C LEU A 262 -36.63 -17.03 -9.63
N PRO A 263 -37.70 -17.58 -10.24
CA PRO A 263 -39.06 -17.52 -9.67
C PRO A 263 -39.35 -18.54 -8.59
N GLY A 264 -40.44 -18.31 -7.87
CA GLY A 264 -40.86 -19.18 -6.80
C GLY A 264 -40.03 -18.96 -5.56
N GLN A 265 -39.91 -17.70 -5.13
CA GLN A 265 -39.11 -17.36 -3.96
C GLN A 265 -39.85 -16.34 -3.14
N GLU A 266 -41.01 -15.92 -3.62
CA GLU A 266 -41.81 -14.92 -2.91
C GLU A 266 -41.08 -13.61 -2.63
N ILE A 267 -40.07 -13.26 -3.43
CA ILE A 267 -39.37 -12.01 -3.14
C ILE A 267 -40.33 -10.83 -3.22
N ASP A 268 -41.36 -10.95 -4.06
CA ASP A 268 -42.36 -9.87 -4.26
C ASP A 268 -43.57 -10.02 -3.35
N LYS A 269 -43.61 -11.11 -2.58
CA LYS A 269 -44.75 -11.44 -1.73
C LYS A 269 -44.77 -10.63 -0.45
N ALA A 270 -45.97 -10.29 0.00
CA ALA A 270 -46.14 -9.35 1.09
C ALA A 270 -45.37 -9.75 2.34
N ASP A 271 -45.94 -10.66 3.12
CA ASP A 271 -45.29 -11.18 4.32
C ASP A 271 -44.95 -12.67 4.14
N SER A 272 -43.72 -12.93 3.71
CA SER A 272 -43.28 -14.31 3.54
C SER A 272 -42.07 -14.51 4.42
N TYR A 273 -41.50 -15.72 4.37
CA TYR A 273 -40.29 -16.05 5.11
C TYR A 273 -39.06 -15.52 4.42
N MET A 274 -39.16 -15.26 3.14
CA MET A 274 -37.96 -15.04 2.35
C MET A 274 -37.00 -13.95 2.84
N PRO A 275 -37.52 -12.79 3.25
CA PRO A 275 -36.64 -11.72 3.76
C PRO A 275 -35.66 -12.22 4.82
N TYR A 276 -36.11 -13.20 5.60
CA TYR A 276 -35.33 -13.70 6.72
C TYR A 276 -34.56 -14.96 6.37
N LEU A 277 -34.41 -15.22 5.08
CA LEU A 277 -33.77 -16.44 4.65
C LEU A 277 -32.49 -16.70 5.42
N ILE A 278 -31.84 -15.65 5.92
CA ILE A 278 -30.54 -15.80 6.57
C ILE A 278 -30.63 -16.12 8.06
N ASP A 279 -31.42 -15.34 8.80
CA ASP A 279 -31.53 -15.51 10.25
C ASP A 279 -32.41 -16.67 10.72
N PHE A 280 -33.28 -17.18 9.86
CA PHE A 280 -34.05 -18.36 10.19
C PHE A 280 -33.24 -19.58 9.83
N GLY A 281 -32.04 -19.32 9.29
CA GLY A 281 -31.19 -20.40 8.82
C GLY A 281 -31.83 -21.18 7.70
N LEU A 282 -32.60 -20.49 6.85
CA LEU A 282 -33.13 -21.07 5.62
C LEU A 282 -32.03 -21.21 4.57
N SER A 283 -31.03 -20.34 4.65
CA SER A 283 -29.98 -20.28 3.67
C SER A 283 -28.68 -19.83 4.29
N SER A 284 -27.58 -20.46 3.89
CA SER A 284 -26.27 -20.10 4.41
C SER A 284 -25.54 -19.12 3.51
N LYS A 285 -25.74 -19.26 2.21
CA LYS A 285 -25.27 -18.25 1.25
C LYS A 285 -26.45 -17.69 0.47
N SER A 286 -26.53 -16.36 0.43
CA SER A 286 -27.70 -15.68 -0.09
C SER A 286 -27.58 -15.40 -1.57
N PRO A 287 -28.59 -15.80 -2.36
CA PRO A 287 -28.63 -15.45 -3.79
C PRO A 287 -28.74 -13.94 -4.01
N TYR A 288 -29.20 -13.22 -3.00
CA TYR A 288 -29.49 -11.79 -3.11
C TYR A 288 -28.45 -10.86 -2.45
N SER A 289 -27.27 -11.38 -2.17
CA SER A 289 -26.25 -10.60 -1.49
C SER A 289 -25.43 -9.77 -2.47
N SER A 290 -24.93 -8.64 -2.02
CA SER A 290 -24.10 -7.81 -2.87
C SER A 290 -22.74 -8.44 -3.09
N VAL A 291 -22.55 -9.65 -2.58
CA VAL A 291 -21.28 -10.32 -2.79
C VAL A 291 -21.39 -11.42 -3.83
N LYS A 292 -22.60 -11.91 -4.06
CA LYS A 292 -22.83 -12.83 -5.16
C LYS A 292 -23.43 -12.06 -6.35
N ASN A 293 -23.54 -10.75 -6.19
CA ASN A 293 -24.00 -9.86 -7.24
C ASN A 293 -23.08 -8.65 -7.31
N PRO A 294 -21.77 -8.89 -7.42
CA PRO A 294 -20.76 -7.83 -7.36
C PRO A 294 -20.85 -6.90 -8.55
N ALA A 295 -21.07 -7.47 -9.73
CA ALA A 295 -21.18 -6.65 -10.92
C ALA A 295 -22.49 -5.88 -10.88
N PHE A 296 -23.59 -6.55 -10.52
CA PHE A 296 -24.86 -5.85 -10.51
C PHE A 296 -24.87 -4.78 -9.45
N HIS A 297 -23.98 -4.92 -8.50
CA HIS A 297 -23.88 -3.96 -7.42
C HIS A 297 -23.09 -2.74 -7.90
N PHE A 298 -21.91 -2.97 -8.43
CA PHE A 298 -21.10 -1.89 -8.93
C PHE A 298 -21.89 -1.13 -9.96
N TRP A 299 -22.53 -1.87 -10.84
CA TRP A 299 -23.26 -1.24 -11.91
C TRP A 299 -24.35 -0.35 -11.31
N GLY A 300 -25.37 -0.95 -10.71
CA GLY A 300 -26.52 -0.19 -10.25
C GLY A 300 -26.21 0.94 -9.26
N GLN A 301 -25.13 0.78 -8.51
CA GLN A 301 -24.76 1.76 -7.52
C GLN A 301 -23.97 2.91 -8.17
N LEU A 302 -23.11 2.60 -9.13
CA LEU A 302 -22.37 3.62 -9.85
C LEU A 302 -23.37 4.48 -10.58
N THR A 303 -24.29 3.79 -11.24
CA THR A 303 -25.30 4.46 -12.04
C THR A 303 -26.11 5.40 -11.17
N ALA A 304 -26.50 4.93 -9.98
CA ALA A 304 -27.36 5.75 -9.14
C ALA A 304 -26.59 6.94 -8.61
N LEU A 305 -25.28 6.76 -8.45
CA LEU A 305 -24.42 7.83 -7.95
C LEU A 305 -24.32 8.98 -8.94
N LEU A 306 -24.17 8.62 -10.22
CA LEU A 306 -24.16 9.58 -11.30
C LEU A 306 -25.48 10.34 -11.38
N LEU A 307 -26.58 9.65 -11.06
CA LEU A 307 -27.92 10.26 -11.04
C LEU A 307 -28.27 10.99 -9.75
N ARG A 308 -27.28 11.19 -8.88
CA ARG A 308 -27.41 12.01 -7.66
C ARG A 308 -27.85 11.27 -6.40
N SER A 309 -27.67 9.96 -6.34
CA SER A 309 -27.92 9.22 -5.09
C SER A 309 -27.01 9.71 -3.98
N THR A 310 -27.53 9.85 -2.77
CA THR A 310 -26.66 10.11 -1.63
C THR A 310 -26.33 8.77 -1.00
N ARG A 311 -27.34 7.93 -0.93
CA ARG A 311 -27.20 6.55 -0.47
C ARG A 311 -25.94 5.89 -1.03
N ALA A 312 -25.61 6.19 -2.29
CA ALA A 312 -24.59 5.42 -3.03
C ALA A 312 -23.17 5.94 -2.91
N ARG A 313 -22.99 7.14 -2.36
CA ARG A 313 -21.67 7.69 -2.20
C ARG A 313 -20.82 6.69 -1.42
N ASN A 314 -21.47 5.94 -0.54
CA ASN A 314 -20.76 5.11 0.44
C ASN A 314 -20.93 3.59 0.27
N ALA A 315 -21.37 3.18 -0.91
CA ALA A 315 -21.40 1.77 -1.24
C ALA A 315 -19.98 1.32 -1.43
N ARG A 316 -19.70 0.08 -1.11
CA ARG A 316 -18.36 -0.44 -1.24
C ARG A 316 -18.10 -1.04 -2.64
N GLN A 317 -16.87 -0.89 -3.10
CA GLN A 317 -16.52 -1.24 -4.47
C GLN A 317 -16.00 -2.65 -4.54
N PRO A 318 -16.81 -3.57 -5.09
CA PRO A 318 -16.46 -4.99 -5.16
C PRO A 318 -15.13 -5.19 -5.82
N ASP A 319 -14.43 -6.26 -5.47
CA ASP A 319 -13.20 -6.64 -6.17
C ASP A 319 -13.57 -7.72 -7.17
N ASP A 320 -12.63 -8.00 -8.08
CA ASP A 320 -12.79 -9.09 -9.04
C ASP A 320 -14.05 -8.93 -9.91
N ILE A 321 -14.37 -7.69 -10.28
CA ILE A 321 -15.36 -7.40 -11.32
C ILE A 321 -14.70 -6.60 -12.44
N GLU A 322 -15.35 -6.54 -13.60
CA GLU A 322 -14.74 -5.90 -14.76
C GLU A 322 -15.05 -4.41 -14.72
N TYR A 323 -14.13 -3.65 -14.13
CA TYR A 323 -14.41 -2.26 -13.80
C TYR A 323 -14.71 -1.39 -15.00
N THR A 324 -13.83 -1.40 -15.99
CA THR A 324 -13.92 -0.43 -17.10
C THR A 324 -15.20 -0.54 -17.93
N SER A 325 -15.58 -1.76 -18.30
CA SER A 325 -16.76 -1.97 -19.12
C SER A 325 -18.03 -1.78 -18.32
N LEU A 326 -17.98 -2.13 -17.05
CA LEU A 326 -19.11 -1.94 -16.16
C LEU A 326 -19.40 -0.43 -16.02
N THR A 327 -18.35 0.38 -15.86
CA THR A 327 -18.57 1.79 -15.57
C THR A 327 -19.09 2.49 -16.81
N THR A 328 -18.48 2.21 -17.95
CA THR A 328 -18.92 2.78 -19.22
C THR A 328 -20.40 2.47 -19.45
N ALA A 329 -20.76 1.22 -19.23
CA ALA A 329 -22.15 0.78 -19.32
C ALA A 329 -23.08 1.53 -18.39
N GLY A 330 -22.55 2.02 -17.27
CA GLY A 330 -23.35 2.78 -16.33
C GLY A 330 -23.33 4.27 -16.66
N LEU A 331 -22.25 4.74 -17.25
CA LEU A 331 -22.18 6.12 -17.69
C LEU A 331 -23.22 6.31 -18.76
N LEU A 332 -23.26 5.37 -19.71
CA LEU A 332 -24.23 5.47 -20.80
C LEU A 332 -25.65 5.57 -20.26
N TYR A 333 -25.98 4.66 -19.34
CA TYR A 333 -27.30 4.62 -18.72
C TYR A 333 -27.65 5.87 -17.90
N ALA A 334 -26.64 6.42 -17.21
CA ALA A 334 -26.78 7.63 -16.42
C ALA A 334 -26.96 8.81 -17.37
N TYR A 335 -26.15 8.85 -18.42
CA TYR A 335 -26.25 9.94 -19.39
C TYR A 335 -27.60 9.93 -20.10
N ALA A 336 -28.14 8.74 -20.36
CA ALA A 336 -29.44 8.66 -20.98
C ALA A 336 -30.46 9.34 -20.07
N VAL A 337 -30.73 8.72 -18.94
CA VAL A 337 -31.68 9.24 -17.96
C VAL A 337 -31.45 10.71 -17.59
N GLY A 338 -30.23 11.17 -17.75
CA GLY A 338 -29.86 12.46 -17.20
C GLY A 338 -30.15 13.63 -18.11
N SER A 339 -29.83 13.47 -19.39
CA SER A 339 -30.02 14.54 -20.35
C SER A 339 -31.49 14.66 -20.77
N SER A 340 -32.08 13.57 -21.24
CA SER A 340 -33.49 13.59 -21.62
C SER A 340 -34.43 13.35 -20.42
N ALA A 341 -34.87 14.42 -19.80
CA ALA A 341 -35.80 14.34 -18.67
C ALA A 341 -37.15 13.80 -19.10
N ASP A 342 -38.17 13.96 -18.22
CA ASP A 342 -39.47 13.35 -18.45
C ASP A 342 -40.59 14.35 -18.20
N LEU A 343 -40.37 15.59 -18.63
CA LEU A 343 -41.38 16.63 -18.47
C LEU A 343 -42.52 16.45 -19.44
N ALA A 344 -43.74 16.42 -18.92
CA ALA A 344 -44.94 16.25 -19.74
C ALA A 344 -46.01 16.88 -18.87
N GLN A 345 -46.67 17.91 -19.39
CA GLN A 345 -47.89 18.42 -18.79
C GLN A 345 -48.68 17.30 -18.11
N GLN A 346 -49.08 17.55 -16.86
CA GLN A 346 -49.91 16.60 -16.13
C GLN A 346 -51.29 17.16 -15.81
N PHE A 347 -51.37 18.47 -15.56
CA PHE A 347 -52.67 19.14 -15.38
C PHE A 347 -52.89 20.31 -16.37
N CYS A 348 -54.16 20.67 -16.59
CA CYS A 348 -54.51 21.72 -17.55
C CYS A 348 -55.87 22.39 -17.26
N VAL A 349 -56.10 23.55 -17.86
CA VAL A 349 -57.42 24.19 -17.76
C VAL A 349 -58.13 24.29 -19.13
N GLY A 350 -58.21 23.18 -19.86
CA GLY A 350 -58.82 23.17 -21.19
C GLY A 350 -57.82 23.32 -22.33
N ASP A 351 -56.60 23.74 -22.02
CA ASP A 351 -55.50 23.81 -23.00
C ASP A 351 -54.24 23.04 -22.55
N ASN A 352 -53.61 22.35 -23.48
CA ASN A 352 -52.46 21.51 -23.12
C ASN A 352 -51.52 21.22 -24.30
N LYS A 353 -50.22 21.19 -24.02
CA LYS A 353 -49.21 20.99 -25.05
C LYS A 353 -49.27 19.61 -25.70
N TYR A 354 -49.79 19.56 -26.93
CA TYR A 354 -49.77 18.35 -27.73
C TYR A 354 -48.38 18.16 -28.34
N THR A 355 -47.55 17.44 -27.60
CA THR A 355 -46.10 17.53 -27.75
C THR A 355 -45.52 17.12 -29.11
N PRO A 356 -45.83 15.90 -29.59
CA PRO A 356 -45.23 15.37 -30.84
C PRO A 356 -45.37 16.25 -32.11
N ASP A 357 -44.86 17.48 -32.03
CA ASP A 357 -44.88 18.42 -33.15
C ASP A 357 -44.03 18.01 -34.37
N ASP A 358 -42.90 18.70 -34.52
CA ASP A 358 -41.93 18.43 -35.57
C ASP A 358 -40.72 17.81 -34.90
N SER A 359 -40.54 16.51 -35.07
CA SER A 359 -39.34 15.84 -34.59
C SER A 359 -38.12 16.43 -35.30
N THR A 360 -38.26 17.67 -35.76
CA THR A 360 -37.29 18.34 -36.64
C THR A 360 -36.35 19.32 -35.90
N GLY A 361 -36.29 20.56 -36.37
CA GLY A 361 -35.48 21.61 -35.75
C GLY A 361 -34.21 22.03 -36.49
N GLY A 362 -33.27 21.10 -36.65
CA GLY A 362 -32.04 21.36 -37.38
C GLY A 362 -30.76 20.64 -36.97
N LEU A 363 -30.80 19.86 -35.89
CA LEU A 363 -29.58 19.20 -35.40
C LEU A 363 -29.22 17.94 -36.21
N THR A 364 -28.75 18.20 -37.44
CA THR A 364 -28.62 17.29 -38.58
C THR A 364 -27.88 15.93 -38.40
N THR A 365 -27.75 15.44 -37.14
CA THR A 365 -27.16 14.11 -36.84
C THR A 365 -26.17 14.17 -35.66
N ASN A 366 -25.94 12.99 -35.06
CA ASN A 366 -24.95 12.81 -33.98
C ASN A 366 -25.40 13.33 -32.62
N ALA A 367 -26.46 14.16 -32.60
CA ALA A 367 -27.05 14.60 -31.34
C ALA A 367 -27.90 13.44 -30.80
N PRO A 368 -27.62 13.05 -29.54
CA PRO A 368 -28.09 11.83 -28.88
C PRO A 368 -29.60 11.73 -28.82
N PRO A 369 -30.11 10.48 -28.74
CA PRO A 369 -31.52 10.07 -28.80
C PRO A 369 -32.48 10.79 -27.86
N GLN A 370 -33.77 10.68 -28.20
CA GLN A 370 -34.81 11.58 -27.72
C GLN A 370 -35.42 11.11 -26.40
N GLY A 371 -35.51 9.81 -26.24
CA GLY A 371 -36.09 9.26 -25.02
C GLY A 371 -35.07 8.45 -24.26
N ARG A 372 -35.50 7.30 -23.76
CA ARG A 372 -34.64 6.40 -23.00
C ARG A 372 -34.77 4.98 -23.51
N ASP A 373 -34.79 4.78 -24.81
CA ASP A 373 -34.83 3.42 -25.32
C ASP A 373 -33.44 2.85 -25.44
N VAL A 374 -33.27 1.64 -24.89
CA VAL A 374 -31.99 0.94 -24.85
C VAL A 374 -31.38 0.76 -26.23
N VAL A 375 -32.22 0.70 -27.25
CA VAL A 375 -31.77 0.45 -28.59
C VAL A 375 -31.36 1.73 -29.32
N GLU A 376 -32.23 2.73 -29.31
CA GLU A 376 -31.86 4.00 -29.89
C GLU A 376 -30.47 4.41 -29.36
N TRP A 377 -30.28 4.26 -28.05
CA TRP A 377 -29.07 4.72 -27.38
C TRP A 377 -27.86 3.88 -27.68
N LEU A 378 -28.07 2.58 -27.67
CA LEU A 378 -27.02 1.64 -28.03
C LEU A 378 -26.51 1.91 -29.45
N GLY A 379 -27.42 2.35 -30.33
CA GLY A 379 -27.10 2.70 -31.70
C GLY A 379 -26.31 3.99 -31.81
N TRP A 380 -26.77 5.01 -31.12
CA TRP A 380 -26.04 6.27 -31.02
C TRP A 380 -24.63 6.08 -30.47
N PHE A 381 -24.47 5.11 -29.56
CA PHE A 381 -23.17 4.80 -28.98
C PHE A 381 -22.26 4.09 -30.00
N GLU A 382 -22.82 3.13 -30.75
CA GLU A 382 -22.14 2.55 -31.91
C GLU A 382 -21.58 3.64 -32.85
N ASP A 383 -22.49 4.53 -33.27
CA ASP A 383 -22.13 5.70 -34.09
C ASP A 383 -20.97 6.50 -33.50
N GLN A 384 -20.91 6.60 -32.17
CA GLN A 384 -19.91 7.44 -31.52
C GLN A 384 -18.55 6.76 -31.30
N ASN A 385 -18.38 5.55 -31.85
CA ASN A 385 -17.15 4.77 -31.73
C ASN A 385 -17.11 3.91 -30.48
N ARG A 386 -18.29 3.63 -29.93
CA ARG A 386 -18.41 2.90 -28.67
C ARG A 386 -17.38 3.42 -27.66
N LYS A 387 -17.12 4.71 -27.76
CA LYS A 387 -16.13 5.41 -26.95
C LYS A 387 -16.77 6.74 -26.57
N PRO A 388 -17.16 6.89 -25.29
CA PRO A 388 -18.05 7.97 -24.81
C PRO A 388 -17.66 9.40 -25.25
N THR A 389 -18.67 10.19 -25.62
CA THR A 389 -18.46 11.55 -26.09
C THR A 389 -17.88 12.42 -24.98
N PRO A 390 -17.41 13.64 -25.31
CA PRO A 390 -16.81 14.48 -24.28
C PRO A 390 -17.85 15.26 -23.45
N ASP A 391 -19.13 15.15 -23.80
CA ASP A 391 -20.17 15.76 -22.99
C ASP A 391 -20.64 14.76 -21.97
N MET A 392 -20.91 13.53 -22.39
CA MET A 392 -21.28 12.51 -21.39
C MET A 392 -20.13 12.31 -20.39
N MET A 393 -18.91 12.62 -20.82
CA MET A 393 -17.80 12.62 -19.90
C MET A 393 -17.85 13.87 -18.98
N GLN A 394 -18.31 14.99 -19.52
CA GLN A 394 -18.46 16.22 -18.75
C GLN A 394 -19.62 16.06 -17.79
N TYR A 395 -20.62 15.30 -18.22
CA TYR A 395 -21.75 14.99 -17.37
C TYR A 395 -21.28 14.32 -16.10
N ALA A 396 -20.50 13.25 -16.26
CA ALA A 396 -19.98 12.48 -15.13
C ALA A 396 -19.17 13.36 -14.20
N LYS A 397 -18.39 14.27 -14.77
CA LYS A 397 -17.56 15.18 -13.98
C LYS A 397 -18.42 16.06 -13.07
N ARG A 398 -19.50 16.60 -13.61
CA ARG A 398 -20.37 17.47 -12.83
C ARG A 398 -21.11 16.72 -11.73
N ALA A 399 -21.21 15.41 -11.87
CA ALA A 399 -21.95 14.61 -10.90
C ALA A 399 -21.06 14.08 -9.75
N VAL A 400 -19.74 14.20 -9.91
CA VAL A 400 -18.80 13.71 -8.89
C VAL A 400 -17.91 14.77 -8.25
N MET A 401 -17.32 15.66 -9.04
CA MET A 401 -16.68 16.84 -8.44
C MET A 401 -17.68 17.40 -7.44
N SER A 402 -17.17 17.95 -6.34
CA SER A 402 -18.03 18.56 -5.34
C SER A 402 -18.75 17.55 -4.45
N LEU A 403 -18.24 16.31 -4.42
CA LEU A 403 -18.60 15.38 -3.39
C LEU A 403 -17.42 15.42 -2.46
N GLN A 404 -17.66 15.27 -1.15
CA GLN A 404 -16.57 15.08 -0.19
C GLN A 404 -16.89 14.10 0.94
N GLY A 405 -15.88 13.80 1.74
CA GLY A 405 -16.01 12.89 2.86
C GLY A 405 -16.13 11.49 2.33
N LEU A 406 -15.22 11.15 1.42
CA LEU A 406 -15.29 9.91 0.67
C LEU A 406 -14.38 8.84 1.25
N ARG A 407 -15.01 7.79 1.77
CA ARG A 407 -14.31 6.66 2.35
C ARG A 407 -13.60 5.82 1.31
N GLU A 408 -12.44 5.28 1.69
CA GLU A 408 -11.63 4.47 0.79
C GLU A 408 -12.39 3.21 0.41
N LYS A 409 -12.34 2.85 -0.87
CA LYS A 409 -13.03 1.68 -1.39
C LYS A 409 -14.55 1.80 -1.39
N THR A 410 -15.08 3.00 -1.62
CA THR A 410 -16.50 3.12 -1.93
C THR A 410 -16.68 3.45 -3.41
N ILE A 411 -17.83 3.11 -4.00
CA ILE A 411 -18.02 3.37 -5.42
C ILE A 411 -18.06 4.88 -5.61
N GLY A 412 -18.21 5.61 -4.52
CA GLY A 412 -18.12 7.06 -4.60
C GLY A 412 -16.69 7.51 -4.80
N LYS A 413 -15.77 6.98 -4.01
CA LYS A 413 -14.40 7.45 -4.10
C LYS A 413 -13.87 6.95 -5.40
N TYR A 414 -14.45 5.86 -5.87
CA TYR A 414 -14.08 5.31 -7.18
C TYR A 414 -14.47 6.26 -8.27
N ALA A 415 -15.72 6.68 -8.23
CA ALA A 415 -16.25 7.59 -9.22
C ALA A 415 -15.51 8.93 -9.29
N LYS A 416 -15.28 9.60 -8.16
CA LYS A 416 -14.63 10.91 -8.22
C LYS A 416 -13.20 10.82 -8.72
N SER A 417 -12.53 9.73 -8.41
CA SER A 417 -11.17 9.56 -8.92
C SER A 417 -11.16 9.32 -10.40
N GLU A 418 -12.24 8.72 -10.91
CA GLU A 418 -12.33 8.34 -12.32
C GLU A 418 -12.89 9.46 -13.22
N PHE A 419 -13.65 10.38 -12.67
CA PHE A 419 -14.25 11.40 -13.50
C PHE A 419 -13.82 12.84 -13.17
N ASP A 420 -13.45 13.13 -11.93
CA ASP A 420 -12.99 14.47 -11.59
C ASP A 420 -11.49 14.60 -11.81
N LYS A 421 -11.14 15.05 -12.99
CA LYS A 421 -9.76 15.46 -13.29
C LYS A 421 -9.66 15.87 -14.78
N SER B 1 24.22 -16.28 -33.00
CA SER B 1 24.80 -15.67 -31.80
C SER B 1 25.45 -16.71 -30.85
N VAL B 2 26.07 -17.76 -31.40
CA VAL B 2 26.74 -18.74 -30.53
C VAL B 2 28.19 -18.35 -30.34
N THR B 3 28.80 -17.90 -31.43
CA THR B 3 30.23 -17.59 -31.44
C THR B 3 30.51 -16.09 -31.55
N VAL B 4 31.17 -15.55 -30.53
CA VAL B 4 31.48 -14.13 -30.53
C VAL B 4 32.98 -13.88 -30.71
N LYS B 5 33.34 -13.06 -31.68
CA LYS B 5 34.74 -12.74 -31.89
C LYS B 5 34.93 -11.25 -31.66
N ARG B 6 36.16 -10.87 -31.34
CA ARG B 6 36.47 -9.50 -31.01
C ARG B 6 37.16 -8.81 -32.18
N ILE B 7 36.54 -7.78 -32.74
CA ILE B 7 37.05 -7.30 -34.03
C ILE B 7 38.53 -6.93 -34.03
N ILE B 8 38.99 -6.11 -33.08
CA ILE B 8 40.34 -5.56 -33.20
C ILE B 8 41.48 -6.59 -33.33
N ASP B 9 41.36 -7.75 -32.70
CA ASP B 9 42.41 -8.75 -32.85
C ASP B 9 41.87 -10.09 -33.33
N ASN B 10 40.56 -10.12 -33.55
CA ASN B 10 39.87 -11.29 -34.11
C ASN B 10 39.94 -12.57 -33.28
N THR B 11 40.10 -12.43 -31.97
CA THR B 11 40.10 -13.58 -31.06
C THR B 11 38.70 -13.91 -30.53
N VAL B 12 38.54 -15.11 -30.00
CA VAL B 12 37.24 -15.55 -29.51
C VAL B 12 37.04 -15.18 -28.05
N ILE B 13 35.84 -14.75 -27.72
CA ILE B 13 35.45 -14.50 -26.34
C ILE B 13 34.23 -15.35 -26.09
N VAL B 14 34.10 -15.92 -24.89
CA VAL B 14 32.99 -16.81 -24.60
C VAL B 14 32.17 -16.31 -23.43
N PRO B 15 31.16 -15.50 -23.72
CA PRO B 15 30.39 -14.86 -22.66
C PRO B 15 29.63 -15.92 -21.95
N LYS B 16 30.02 -16.16 -20.71
CA LYS B 16 29.28 -17.00 -19.78
C LYS B 16 28.96 -16.14 -18.56
N LEU B 17 28.03 -16.59 -17.73
CA LEU B 17 27.79 -15.89 -16.46
C LEU B 17 27.28 -16.85 -15.36
N PRO B 18 27.56 -16.53 -14.08
CA PRO B 18 27.34 -17.46 -12.96
C PRO B 18 26.11 -18.34 -13.10
N ALA B 19 26.21 -19.54 -12.58
CA ALA B 19 25.10 -20.49 -12.62
C ALA B 19 23.91 -19.96 -11.84
N ASN B 20 22.83 -20.72 -11.84
CA ASN B 20 21.67 -20.40 -11.03
C ASN B 20 20.63 -21.46 -11.30
N GLU B 21 20.09 -22.06 -10.25
CA GLU B 21 19.19 -23.17 -10.44
C GLU B 21 17.99 -23.17 -9.48
N ASP B 22 18.07 -24.01 -8.45
CA ASP B 22 16.88 -24.49 -7.76
C ASP B 22 15.64 -24.50 -8.67
N PRO B 23 15.45 -25.63 -9.38
CA PRO B 23 14.21 -25.93 -10.09
C PRO B 23 13.04 -25.77 -9.16
N VAL B 24 11.85 -25.62 -9.70
CA VAL B 24 10.67 -25.71 -8.87
C VAL B 24 10.46 -27.20 -8.59
N GLU B 25 9.45 -27.51 -7.78
CA GLU B 25 9.08 -28.89 -7.53
C GLU B 25 7.56 -28.94 -7.46
N TYR B 26 6.96 -29.87 -8.19
CA TYR B 26 5.50 -29.95 -8.28
C TYR B 26 4.92 -30.93 -7.29
N PRO B 27 3.64 -30.75 -6.93
CA PRO B 27 2.96 -31.70 -6.06
C PRO B 27 3.06 -33.10 -6.61
N ALA B 28 2.46 -33.34 -7.76
CA ALA B 28 2.40 -34.68 -8.29
C ALA B 28 3.77 -35.34 -8.31
N ASP B 29 4.73 -34.68 -8.95
CA ASP B 29 6.09 -35.21 -9.11
C ASP B 29 6.74 -35.30 -7.69
N TYR B 30 5.91 -35.67 -6.70
CA TYR B 30 6.33 -35.93 -5.32
C TYR B 30 5.65 -37.18 -4.78
N PHE B 31 4.33 -37.24 -4.88
CA PHE B 31 3.61 -38.46 -4.53
C PHE B 31 4.04 -39.66 -5.39
N ARG B 32 4.98 -39.42 -6.29
CA ARG B 32 5.58 -40.50 -7.05
C ARG B 32 6.76 -41.08 -6.29
N LYS B 33 7.11 -40.45 -5.17
CA LYS B 33 8.04 -41.06 -4.21
C LYS B 33 7.22 -41.67 -3.07
N SER B 34 7.22 -40.97 -1.93
CA SER B 34 6.37 -41.32 -0.79
C SER B 34 4.89 -41.24 -1.16
N LYS B 35 4.04 -41.98 -0.45
CA LYS B 35 2.59 -41.89 -0.66
C LYS B 35 1.84 -41.61 0.66
N GLU B 36 2.51 -40.89 1.55
CA GLU B 36 1.94 -40.50 2.82
C GLU B 36 2.53 -39.16 3.23
N ILE B 37 1.77 -38.38 4.00
CA ILE B 37 2.30 -37.13 4.56
C ILE B 37 2.50 -37.28 6.07
N PRO B 38 3.75 -37.51 6.50
CA PRO B 38 4.15 -37.80 7.88
C PRO B 38 3.95 -36.64 8.86
N LEU B 39 3.16 -36.86 9.91
CA LEU B 39 2.96 -35.86 10.95
C LEU B 39 3.60 -36.32 12.25
N TYR B 40 4.87 -35.97 12.45
CA TYR B 40 5.58 -36.33 13.67
C TYR B 40 5.13 -35.48 14.85
N ILE B 41 3.96 -35.81 15.39
CA ILE B 41 3.74 -35.78 16.83
C ILE B 41 4.60 -36.82 17.53
N ASN B 42 5.83 -36.43 17.87
CA ASN B 42 6.78 -37.34 18.51
C ASN B 42 6.15 -38.05 19.71
N THR B 43 5.43 -37.30 20.53
CA THR B 43 5.09 -37.74 21.87
C THR B 43 3.58 -37.77 22.06
N THR B 44 3.14 -38.72 22.88
CA THR B 44 1.77 -38.72 23.42
C THR B 44 1.80 -38.83 24.95
N LYS B 45 1.74 -37.69 25.61
CA LYS B 45 1.57 -37.64 27.06
C LYS B 45 0.09 -37.69 27.34
N SER B 46 -0.45 -36.63 27.92
CA SER B 46 -1.87 -36.62 28.20
C SER B 46 -2.52 -35.31 27.80
N LEU B 47 -3.71 -35.39 27.21
CA LEU B 47 -4.40 -34.19 26.75
C LEU B 47 -4.58 -33.19 27.88
N SER B 48 -5.02 -33.68 29.04
CA SER B 48 -5.22 -32.82 30.21
C SER B 48 -3.90 -32.17 30.63
N ASP B 49 -2.88 -33.01 30.80
CA ASP B 49 -1.52 -32.55 31.09
C ASP B 49 -1.15 -31.40 30.16
N LEU B 50 -1.25 -31.66 28.86
CA LEU B 50 -0.89 -30.71 27.78
C LEU B 50 -1.68 -29.41 27.83
N ARG B 51 -3.00 -29.53 27.99
CA ARG B 51 -3.90 -28.40 28.12
C ARG B 51 -3.29 -27.38 29.05
N GLY B 52 -2.64 -27.88 30.10
CA GLY B 52 -2.01 -27.02 31.12
C GLY B 52 -0.69 -26.42 30.66
N TYR B 53 0.26 -27.29 30.32
CA TYR B 53 1.57 -26.87 29.84
C TYR B 53 1.45 -25.58 29.01
N VAL B 54 0.59 -25.63 28.01
CA VAL B 54 0.35 -24.49 27.13
C VAL B 54 -0.27 -23.30 27.87
N TYR B 55 -1.45 -23.51 28.42
CA TYR B 55 -2.18 -22.46 29.12
C TYR B 55 -1.22 -21.56 29.88
N GLN B 56 -0.23 -22.16 30.55
CA GLN B 56 0.79 -21.38 31.26
C GLN B 56 1.92 -20.94 30.33
N GLY B 57 2.55 -21.91 29.67
CA GLY B 57 3.60 -21.60 28.72
C GLY B 57 3.21 -20.42 27.84
N LEU B 58 1.91 -20.16 27.77
CA LEU B 58 1.36 -19.10 26.92
C LEU B 58 1.43 -17.71 27.55
N LYS B 59 1.43 -17.65 28.88
CA LYS B 59 1.69 -16.40 29.58
C LYS B 59 3.21 -16.26 29.82
N SER B 60 4.00 -16.70 28.83
CA SER B 60 5.46 -16.71 28.96
C SER B 60 6.14 -17.05 27.63
N GLY B 61 7.27 -16.41 27.37
CA GLY B 61 7.97 -16.56 26.11
C GLY B 61 8.86 -17.79 26.04
N ASN B 62 8.24 -18.96 26.17
CA ASN B 62 8.98 -20.22 26.14
C ASN B 62 8.08 -21.45 26.20
N VAL B 63 6.84 -21.32 25.72
CA VAL B 63 5.99 -22.49 25.51
C VAL B 63 6.59 -23.28 24.35
N SER B 64 6.73 -24.59 24.53
CA SER B 64 7.42 -25.37 23.50
C SER B 64 6.47 -25.75 22.38
N ILE B 65 6.95 -25.53 21.17
CA ILE B 65 6.19 -25.85 19.97
C ILE B 65 5.91 -27.36 19.84
N ILE B 66 6.71 -28.19 20.52
CA ILE B 66 6.43 -29.62 20.54
C ILE B 66 5.21 -29.90 21.40
N HIS B 67 4.89 -28.97 22.28
CA HIS B 67 3.74 -29.11 23.15
C HIS B 67 2.43 -28.75 22.43
N VAL B 68 2.39 -27.58 21.82
CA VAL B 68 1.19 -27.16 21.06
C VAL B 68 0.81 -28.17 19.98
N ASN B 69 1.79 -28.65 19.21
CA ASN B 69 1.54 -29.71 18.25
C ASN B 69 0.75 -30.83 18.90
N SER B 70 1.15 -31.19 20.13
CA SER B 70 0.55 -32.29 20.87
C SER B 70 -0.80 -31.91 21.48
N TYR B 71 -0.92 -30.68 21.98
CA TYR B 71 -2.22 -30.23 22.44
C TYR B 71 -3.23 -30.25 21.31
N LEU B 72 -2.82 -29.74 20.16
CA LEU B 72 -3.68 -29.69 18.99
C LEU B 72 -4.10 -31.09 18.53
N TYR B 73 -3.13 -31.96 18.28
CA TYR B 73 -3.46 -33.35 17.95
C TYR B 73 -4.45 -33.82 19.00
N GLY B 74 -4.14 -33.49 20.25
CA GLY B 74 -4.97 -33.88 21.38
C GLY B 74 -6.40 -33.40 21.30
N ALA B 75 -6.56 -32.11 21.04
CA ALA B 75 -7.88 -31.46 21.01
C ALA B 75 -8.67 -31.58 19.70
N LEU B 76 -8.08 -32.18 18.66
CA LEU B 76 -8.67 -32.12 17.34
C LEU B 76 -9.15 -33.43 16.68
N LYS B 77 -9.27 -34.52 17.42
CA LYS B 77 -9.93 -35.67 16.80
C LYS B 77 -11.43 -35.74 17.01
N ASP B 78 -12.07 -34.63 16.69
CA ASP B 78 -13.43 -34.65 16.20
C ASP B 78 -13.33 -35.32 14.84
N ILE B 79 -13.26 -36.65 14.85
CA ILE B 79 -13.34 -37.45 13.63
C ILE B 79 -14.76 -37.19 13.05
N ARG B 80 -15.05 -35.91 12.84
CA ARG B 80 -16.41 -35.37 12.87
C ARG B 80 -16.91 -34.94 11.51
N GLY B 81 -16.76 -35.78 10.49
CA GLY B 81 -17.22 -35.45 9.15
C GLY B 81 -17.58 -36.64 8.29
N LYS B 82 -18.71 -36.53 7.58
CA LYS B 82 -19.19 -37.59 6.68
C LYS B 82 -19.10 -37.17 5.22
N LEU B 83 -18.33 -37.92 4.44
CA LEU B 83 -18.23 -37.67 3.01
C LEU B 83 -19.56 -37.94 2.33
N ASP B 84 -20.10 -36.93 1.67
CA ASP B 84 -21.29 -37.16 0.87
C ASP B 84 -20.87 -37.86 -0.43
N LYS B 85 -19.64 -37.59 -0.89
CA LYS B 85 -19.12 -38.16 -2.12
C LYS B 85 -17.70 -38.69 -1.89
N ASP B 86 -17.08 -39.20 -2.94
CA ASP B 86 -15.72 -39.72 -2.86
C ASP B 86 -14.68 -38.63 -2.64
N TRP B 87 -13.54 -39.00 -2.06
CA TRP B 87 -12.41 -38.08 -1.92
C TRP B 87 -11.08 -38.73 -2.33
N SER B 88 -10.44 -38.18 -3.35
CA SER B 88 -9.15 -38.67 -3.83
C SER B 88 -8.19 -37.52 -4.11
N SER B 89 -6.93 -37.86 -4.38
CA SER B 89 -5.95 -36.86 -4.78
C SER B 89 -4.56 -37.45 -4.96
N PHE B 90 -4.00 -37.29 -6.16
CA PHE B 90 -2.65 -37.75 -6.46
C PHE B 90 -2.45 -39.23 -6.14
N GLY B 91 -3.52 -40.01 -6.25
CA GLY B 91 -3.48 -41.42 -5.92
C GLY B 91 -4.01 -41.64 -4.52
N ILE B 92 -3.39 -40.97 -3.56
CA ILE B 92 -3.79 -41.07 -2.16
C ILE B 92 -5.32 -41.08 -2.01
N ASN B 93 -5.84 -42.21 -1.54
CA ASN B 93 -7.28 -42.32 -1.34
C ASN B 93 -7.73 -41.99 0.09
N ILE B 94 -8.09 -40.73 0.32
CA ILE B 94 -8.49 -40.25 1.63
C ILE B 94 -9.68 -41.03 2.22
N GLY B 95 -10.79 -41.11 1.50
CA GLY B 95 -11.96 -41.82 1.97
C GLY B 95 -12.88 -42.34 0.86
N LYS B 96 -14.09 -42.73 1.22
CA LYS B 96 -15.09 -43.09 0.22
C LYS B 96 -16.53 -42.87 0.72
N ALA B 97 -17.39 -42.44 -0.19
CA ALA B 97 -18.72 -41.88 0.13
C ALA B 97 -19.51 -42.55 1.27
N GLY B 98 -20.19 -41.72 2.05
CA GLY B 98 -20.92 -42.17 3.23
C GLY B 98 -20.02 -42.19 4.46
N ASP B 99 -18.74 -42.44 4.19
CA ASP B 99 -17.69 -42.61 5.20
C ASP B 99 -17.65 -41.54 6.31
N THR B 100 -16.94 -41.87 7.38
CA THR B 100 -16.60 -40.89 8.43
C THR B 100 -15.10 -40.71 8.51
N ILE B 101 -14.66 -39.45 8.45
CA ILE B 101 -13.24 -39.09 8.51
C ILE B 101 -13.01 -37.90 9.42
N GLY B 102 -11.80 -37.82 9.97
CA GLY B 102 -11.41 -36.75 10.86
C GLY B 102 -10.11 -36.12 10.38
N ILE B 103 -9.78 -34.97 10.93
CA ILE B 103 -8.71 -34.14 10.39
C ILE B 103 -7.49 -34.94 10.06
N PHE B 104 -7.01 -35.69 11.02
CA PHE B 104 -5.72 -36.34 10.88
C PHE B 104 -5.74 -37.61 10.05
N ASP B 105 -6.82 -37.82 9.31
CA ASP B 105 -6.89 -38.90 8.32
C ASP B 105 -5.98 -38.51 7.14
N LEU B 106 -4.87 -37.89 7.50
CA LEU B 106 -3.74 -37.57 6.63
C LEU B 106 -2.39 -37.87 7.35
N VAL B 107 -2.29 -39.11 7.88
CA VAL B 107 -1.06 -39.95 8.03
C VAL B 107 -0.05 -39.77 9.22
N SER B 108 -0.51 -40.06 10.44
CA SER B 108 0.23 -39.76 11.68
C SER B 108 1.33 -40.76 12.11
N LEU B 109 2.55 -40.24 12.34
CA LEU B 109 3.65 -41.02 12.93
C LEU B 109 4.11 -40.32 14.23
N LYS B 110 5.09 -40.91 14.92
CA LYS B 110 5.64 -40.33 16.17
C LYS B 110 7.15 -40.61 16.31
N ALA B 111 7.88 -39.77 17.05
CA ALA B 111 9.35 -39.94 17.11
C ALA B 111 10.09 -39.40 18.37
N LEU B 112 11.34 -38.98 18.14
CA LEU B 112 12.34 -38.62 19.18
C LEU B 112 11.82 -38.13 20.56
N ASP B 113 12.66 -38.29 21.58
CA ASP B 113 12.22 -38.43 22.98
C ASP B 113 12.04 -37.17 23.85
N GLY B 114 12.84 -37.10 24.93
CA GLY B 114 12.71 -36.13 26.02
C GLY B 114 11.93 -34.84 25.81
N VAL B 115 10.75 -34.77 26.41
CA VAL B 115 9.94 -33.54 26.37
C VAL B 115 10.17 -32.70 27.63
N LEU B 116 9.62 -31.49 27.63
CA LEU B 116 9.97 -30.47 28.62
C LEU B 116 9.27 -30.70 30.00
N PRO B 117 8.60 -29.69 30.61
CA PRO B 117 8.03 -30.01 31.94
C PRO B 117 7.12 -31.24 32.06
N ASP B 118 7.21 -31.93 33.21
CA ASP B 118 6.60 -33.25 33.42
C ASP B 118 5.21 -33.23 34.09
N GLY B 119 4.60 -34.41 34.23
CA GLY B 119 3.40 -34.61 35.05
C GLY B 119 2.18 -33.79 34.68
N VAL B 120 1.86 -32.78 35.51
CA VAL B 120 0.73 -31.87 35.28
C VAL B 120 1.06 -30.40 35.63
N SER B 121 1.47 -29.59 34.65
CA SER B 121 1.93 -28.19 34.87
C SER B 121 0.81 -27.17 35.17
N ASP B 122 0.13 -27.39 36.29
CA ASP B 122 -1.10 -26.68 36.66
C ASP B 122 -2.31 -27.52 36.26
N ALA B 123 -3.04 -28.01 37.25
CA ALA B 123 -4.20 -28.86 36.99
C ALA B 123 -5.50 -28.05 36.83
N SER B 124 -5.41 -26.73 36.87
CA SER B 124 -6.61 -25.89 36.99
C SER B 124 -7.47 -25.78 35.74
N ARG B 125 -6.87 -25.83 34.56
CA ARG B 125 -7.63 -25.61 33.32
C ARG B 125 -8.59 -26.75 33.00
N THR B 126 -9.81 -26.37 32.61
CA THR B 126 -10.92 -27.30 32.38
C THR B 126 -11.18 -27.53 30.88
N SER B 127 -12.23 -28.27 30.56
CA SER B 127 -12.56 -28.61 29.17
C SER B 127 -13.07 -27.42 28.35
N ALA B 128 -12.69 -26.21 28.72
CA ALA B 128 -12.71 -25.08 27.78
C ALA B 128 -11.76 -25.14 26.59
N ASP B 129 -11.90 -26.19 25.78
CA ASP B 129 -10.76 -26.76 25.06
C ASP B 129 -11.00 -26.77 23.55
N ASP B 130 -11.56 -27.87 23.05
CA ASP B 130 -12.08 -27.95 21.68
C ASP B 130 -12.90 -26.69 21.38
N LYS B 131 -13.35 -26.04 22.44
CA LYS B 131 -14.10 -24.81 22.34
C LYS B 131 -13.27 -23.71 21.64
N TRP B 132 -12.03 -23.51 22.09
CA TRP B 132 -11.33 -22.28 21.74
C TRP B 132 -9.79 -22.26 21.82
N LEU B 133 -9.21 -23.09 22.68
CA LEU B 133 -7.74 -23.09 22.81
C LEU B 133 -7.04 -23.36 21.46
N PRO B 134 -7.49 -24.41 20.74
CA PRO B 134 -6.98 -24.73 19.39
C PRO B 134 -7.13 -23.57 18.42
N LEU B 135 -8.35 -23.09 18.24
CA LEU B 135 -8.66 -21.96 17.35
C LEU B 135 -7.71 -20.78 17.58
N TYR B 136 -7.34 -20.59 18.84
CA TYR B 136 -6.44 -19.50 19.22
C TYR B 136 -5.01 -19.80 18.76
N LEU B 137 -4.56 -21.02 19.03
CA LEU B 137 -3.24 -21.46 18.64
C LEU B 137 -3.07 -21.44 17.12
N LEU B 138 -4.09 -21.92 16.42
CA LEU B 138 -4.08 -21.90 14.96
C LEU B 138 -4.14 -20.46 14.47
N GLY B 139 -5.03 -19.66 15.07
CA GLY B 139 -5.09 -18.25 14.72
C GLY B 139 -3.72 -17.59 14.69
N LEU B 140 -2.88 -17.91 15.68
CA LEU B 140 -1.58 -17.29 15.81
C LEU B 140 -0.70 -17.43 14.57
N TYR B 141 -0.85 -18.53 13.84
CA TYR B 141 -0.06 -18.78 12.62
C TYR B 141 -0.19 -17.64 11.63
N ARG B 142 -1.43 -17.19 11.47
CA ARG B 142 -1.80 -16.12 10.56
C ARG B 142 -1.19 -14.80 10.96
N VAL B 143 -1.28 -14.47 12.25
CA VAL B 143 -0.72 -13.23 12.81
C VAL B 143 0.79 -13.26 12.69
N GLY B 144 1.37 -14.47 12.69
CA GLY B 144 2.81 -14.65 12.58
C GLY B 144 3.38 -14.32 11.21
N ARG B 145 2.58 -14.53 10.17
CA ARG B 145 3.06 -14.37 8.78
C ARG B 145 3.38 -12.93 8.34
N THR B 146 2.81 -11.94 9.02
CA THR B 146 3.00 -10.53 8.66
C THR B 146 4.01 -9.80 9.55
N GLN B 147 4.79 -8.90 8.93
CA GLN B 147 5.80 -8.11 9.64
C GLN B 147 5.29 -6.76 10.11
N MET B 148 4.30 -6.24 9.39
CA MET B 148 3.84 -4.86 9.53
C MET B 148 2.76 -4.69 10.61
N PRO B 149 2.65 -3.48 11.18
CA PRO B 149 1.70 -3.14 12.25
C PRO B 149 0.26 -3.61 12.01
N GLU B 150 -0.03 -4.06 10.80
CA GLU B 150 -1.31 -4.70 10.49
C GLU B 150 -1.42 -6.02 11.26
N TYR B 151 -0.32 -6.45 11.87
CA TYR B 151 -0.33 -7.69 12.63
C TYR B 151 -1.23 -7.59 13.86
N ARG B 152 -0.96 -6.61 14.74
CA ARG B 152 -1.79 -6.39 15.91
C ARG B 152 -3.19 -5.94 15.46
N LYS B 153 -3.36 -5.80 14.14
CA LYS B 153 -4.67 -5.54 13.55
C LYS B 153 -5.42 -6.86 13.49
N LYS B 154 -4.84 -7.84 12.78
CA LYS B 154 -5.43 -9.18 12.68
C LYS B 154 -5.56 -9.80 14.07
N LEU B 155 -4.73 -9.38 15.01
CA LEU B 155 -4.76 -9.95 16.35
C LEU B 155 -5.99 -9.48 17.11
N MET B 156 -6.21 -8.17 17.09
CA MET B 156 -7.38 -7.57 17.72
C MET B 156 -8.63 -8.26 17.18
N ASP B 157 -8.74 -8.23 15.86
CA ASP B 157 -9.81 -8.92 15.16
C ASP B 157 -9.78 -10.41 15.54
N GLY B 158 -8.61 -11.01 15.39
CA GLY B 158 -8.46 -12.44 15.56
C GLY B 158 -8.47 -12.96 16.97
N LEU B 159 -9.01 -12.15 17.88
CA LEU B 159 -9.17 -12.55 19.27
C LEU B 159 -10.63 -12.41 19.72
N THR B 160 -11.46 -11.88 18.84
CA THR B 160 -12.88 -11.76 19.16
C THR B 160 -13.66 -13.01 18.77
N ASN B 161 -12.95 -13.94 18.11
CA ASN B 161 -13.59 -15.16 17.63
C ASN B 161 -13.59 -16.27 18.67
N GLN B 162 -12.81 -16.08 19.73
CA GLN B 162 -12.76 -17.03 20.82
C GLN B 162 -13.85 -16.62 21.80
N CYS B 163 -14.03 -15.31 21.94
CA CYS B 163 -15.12 -14.75 22.75
C CYS B 163 -16.38 -15.52 22.42
N LYS B 164 -16.52 -15.79 21.13
CA LYS B 164 -17.56 -16.65 20.59
C LYS B 164 -17.61 -18.03 21.25
N MET B 165 -18.79 -18.35 21.76
CA MET B 165 -19.05 -19.69 22.24
C MET B 165 -18.31 -19.94 23.55
N ILE B 166 -17.53 -18.96 24.02
CA ILE B 166 -16.84 -19.07 25.33
C ILE B 166 -16.28 -17.78 25.99
N ASN B 167 -16.25 -16.68 25.25
CA ASN B 167 -15.44 -15.52 25.62
C ASN B 167 -14.12 -15.93 26.27
N GLU B 168 -13.01 -15.42 25.74
CA GLU B 168 -11.69 -15.77 26.24
C GLU B 168 -10.84 -14.53 26.48
N GLN B 169 -9.70 -14.46 25.80
CA GLN B 169 -8.96 -13.20 25.69
C GLN B 169 -7.50 -13.46 25.36
N PHE B 170 -6.65 -12.46 25.61
CA PHE B 170 -5.25 -12.50 25.17
C PHE B 170 -4.39 -13.36 26.11
N GLU B 171 -3.14 -13.63 25.72
CA GLU B 171 -2.26 -14.52 26.48
C GLU B 171 -0.78 -14.12 26.50
N PRO B 172 -0.18 -13.78 25.33
CA PRO B 172 1.27 -13.56 25.24
C PRO B 172 1.81 -12.39 26.08
N LEU B 173 2.36 -11.40 25.41
CA LEU B 173 3.13 -10.35 26.07
C LEU B 173 3.82 -9.47 25.02
N VAL B 174 4.96 -9.97 24.55
CA VAL B 174 5.90 -9.24 23.70
C VAL B 174 5.37 -8.93 22.30
N PRO B 175 5.87 -7.85 21.70
CA PRO B 175 5.68 -7.61 20.26
C PRO B 175 6.23 -8.77 19.42
N GLU B 176 6.58 -8.47 18.17
CA GLU B 176 6.44 -9.45 17.09
C GLU B 176 7.76 -9.64 16.34
N GLY B 177 7.87 -9.03 15.17
CA GLY B 177 9.07 -9.11 14.37
C GLY B 177 9.53 -10.53 14.17
N ARG B 178 8.59 -11.47 14.22
CA ARG B 178 8.92 -12.90 14.27
C ARG B 178 9.84 -13.25 15.46
N ASP B 179 9.22 -13.73 16.54
CA ASP B 179 9.95 -14.05 17.76
C ASP B 179 9.09 -14.64 18.89
N ILE B 180 7.87 -14.11 19.07
CA ILE B 180 7.02 -14.46 20.21
C ILE B 180 6.38 -15.85 20.10
N PHE B 181 6.18 -16.29 18.86
CA PHE B 181 5.51 -17.55 18.53
C PHE B 181 5.41 -17.59 17.03
N ASP B 182 6.35 -16.91 16.39
CA ASP B 182 6.39 -16.78 14.94
C ASP B 182 7.31 -17.86 14.44
N VAL B 183 8.24 -18.28 15.27
CA VAL B 183 9.05 -19.45 14.98
C VAL B 183 8.11 -20.60 14.68
N TRP B 184 6.89 -20.52 15.21
CA TRP B 184 5.88 -21.55 15.04
C TRP B 184 5.74 -21.97 13.57
N GLY B 185 5.66 -20.98 12.70
CA GLY B 185 5.52 -21.23 11.28
C GLY B 185 6.64 -22.08 10.75
N ASN B 186 7.77 -22.11 11.44
CA ASN B 186 8.91 -22.85 10.93
C ASN B 186 8.94 -24.33 11.33
N ASP B 187 8.02 -24.72 12.20
CA ASP B 187 7.97 -26.10 12.66
C ASP B 187 7.26 -26.95 11.64
N SER B 188 8.04 -27.76 10.91
CA SER B 188 7.51 -28.62 9.86
C SER B 188 6.23 -29.38 10.23
N ASN B 189 6.01 -29.60 11.53
CA ASN B 189 4.86 -30.37 11.99
C ASN B 189 3.67 -29.48 12.36
N TYR B 190 3.97 -28.25 12.76
CA TYR B 190 2.94 -27.29 13.06
C TYR B 190 2.15 -26.97 11.81
N THR B 191 2.87 -26.59 10.76
CA THR B 191 2.27 -26.33 9.45
C THR B 191 1.45 -27.52 8.91
N LYS B 192 1.99 -28.73 9.00
CA LYS B 192 1.27 -29.91 8.53
C LYS B 192 -0.09 -30.03 9.22
N ILE B 193 -0.20 -29.52 10.44
CA ILE B 193 -1.46 -29.56 11.19
C ILE B 193 -2.40 -28.46 10.77
N VAL B 194 -1.88 -27.25 10.63
CA VAL B 194 -2.70 -26.13 10.21
C VAL B 194 -3.17 -26.37 8.78
N ALA B 195 -2.31 -26.98 7.97
CA ALA B 195 -2.68 -27.32 6.59
C ALA B 195 -3.78 -28.37 6.52
N ALA B 196 -3.65 -29.41 7.31
CA ALA B 196 -4.66 -30.45 7.37
C ALA B 196 -5.98 -29.96 7.96
N VAL B 197 -5.91 -28.97 8.85
CA VAL B 197 -7.11 -28.43 9.45
C VAL B 197 -7.85 -27.63 8.41
N ASP B 198 -7.12 -26.77 7.70
CA ASP B 198 -7.71 -25.93 6.66
C ASP B 198 -8.31 -26.76 5.56
N MET B 199 -7.55 -27.75 5.11
CA MET B 199 -7.97 -28.67 4.06
C MET B 199 -9.19 -29.47 4.45
N PHE B 200 -9.22 -29.88 5.70
CA PHE B 200 -10.34 -30.66 6.20
C PHE B 200 -11.61 -29.81 6.16
N PHE B 201 -11.51 -28.58 6.66
CA PHE B 201 -12.69 -27.72 6.77
C PHE B 201 -13.02 -26.98 5.49
N HIS B 202 -12.20 -27.18 4.46
CA HIS B 202 -12.57 -26.71 3.14
C HIS B 202 -13.57 -27.68 2.57
N MET B 203 -13.35 -28.96 2.84
CA MET B 203 -14.24 -30.00 2.36
C MET B 203 -15.59 -29.98 3.08
N PHE B 204 -15.55 -29.81 4.40
CA PHE B 204 -16.77 -29.73 5.18
C PHE B 204 -17.01 -28.28 5.60
N LYS B 205 -17.17 -27.40 4.62
CA LYS B 205 -17.37 -25.98 4.90
C LYS B 205 -18.44 -25.76 5.97
N LYS B 206 -19.29 -26.76 6.15
CA LYS B 206 -20.53 -26.61 6.91
C LYS B 206 -20.43 -26.91 8.41
N HIS B 207 -19.32 -27.53 8.83
CA HIS B 207 -19.13 -28.00 10.20
C HIS B 207 -19.25 -26.93 11.30
N GLU B 208 -19.55 -27.35 12.53
CA GLU B 208 -19.66 -26.42 13.65
C GLU B 208 -18.28 -25.87 14.03
N CYS B 209 -17.27 -26.73 13.98
CA CYS B 209 -15.91 -26.33 14.36
C CYS B 209 -15.16 -25.82 13.16
N ALA B 210 -15.90 -25.53 12.08
CA ALA B 210 -15.30 -25.02 10.85
C ALA B 210 -14.72 -23.62 11.07
N SER B 211 -15.17 -22.98 12.14
CA SER B 211 -14.70 -21.64 12.52
C SER B 211 -13.19 -21.56 12.65
N PHE B 212 -12.55 -22.71 12.85
CA PHE B 212 -11.11 -22.79 13.12
C PHE B 212 -10.32 -22.16 12.00
N ARG B 213 -10.87 -22.23 10.79
CA ARG B 213 -10.14 -21.78 9.62
C ARG B 213 -9.72 -20.32 9.70
N TYR B 214 -9.99 -19.64 10.82
CA TYR B 214 -9.70 -18.21 10.88
C TYR B 214 -8.26 -17.90 10.56
N GLY B 215 -7.33 -18.62 11.18
CA GLY B 215 -5.92 -18.37 10.94
C GLY B 215 -5.35 -19.50 10.12
N THR B 216 -6.16 -20.53 9.94
CA THR B 216 -5.75 -21.73 9.24
C THR B 216 -5.84 -21.51 7.72
N ILE B 217 -6.48 -20.43 7.33
CA ILE B 217 -6.74 -20.15 5.91
C ILE B 217 -5.53 -19.71 5.09
N VAL B 218 -4.76 -18.75 5.57
CA VAL B 218 -3.68 -18.22 4.75
C VAL B 218 -2.65 -19.29 4.47
N SER B 219 -2.99 -20.52 4.82
CA SER B 219 -2.16 -21.66 4.46
C SER B 219 -2.46 -22.05 3.03
N ARG B 220 -3.73 -21.95 2.67
CA ARG B 220 -4.20 -22.28 1.32
C ARG B 220 -3.64 -21.36 0.24
N PHE B 221 -2.91 -21.96 -0.67
CA PHE B 221 -2.25 -21.30 -1.78
C PHE B 221 -1.12 -20.42 -1.31
N LYS B 222 -0.45 -20.87 -0.27
CA LYS B 222 0.72 -20.17 0.22
C LYS B 222 1.81 -20.27 -0.84
N ASP B 223 2.55 -19.19 -1.03
CA ASP B 223 3.59 -19.15 -2.05
C ASP B 223 3.02 -19.55 -3.41
N CYS B 224 1.75 -19.17 -3.64
CA CYS B 224 1.04 -19.46 -4.90
C CYS B 224 0.43 -18.22 -5.58
N ALA B 225 1.02 -17.05 -5.37
CA ALA B 225 0.48 -15.80 -5.90
C ALA B 225 0.17 -15.86 -7.39
N ALA B 226 1.21 -15.81 -8.22
CA ALA B 226 1.08 -15.75 -9.67
C ALA B 226 -0.16 -16.44 -10.14
N LEU B 227 -0.21 -17.74 -9.90
CA LEU B 227 -1.31 -18.58 -10.35
C LEU B 227 -2.67 -18.12 -9.83
N ALA B 228 -2.78 -16.85 -9.43
CA ALA B 228 -4.01 -16.33 -8.83
C ALA B 228 -4.09 -14.86 -9.05
N THR B 229 -2.95 -14.25 -9.38
CA THR B 229 -2.97 -12.91 -9.94
C THR B 229 -3.54 -13.13 -11.34
N PHE B 230 -3.34 -14.34 -11.84
CA PHE B 230 -3.84 -14.75 -13.14
C PHE B 230 -5.34 -14.86 -13.20
N GLY B 231 -5.98 -15.34 -12.15
CA GLY B 231 -7.41 -15.39 -12.16
C GLY B 231 -7.99 -14.03 -11.88
N HIS B 232 -7.18 -13.13 -11.34
CA HIS B 232 -7.61 -11.76 -11.01
C HIS B 232 -7.58 -10.93 -12.29
N LEU B 233 -6.59 -11.22 -13.13
CA LEU B 233 -6.48 -10.58 -14.44
C LEU B 233 -7.65 -10.98 -15.31
N CYS B 234 -8.05 -12.24 -15.24
CA CYS B 234 -9.21 -12.69 -16.02
C CYS B 234 -10.43 -11.90 -15.57
N LYS B 235 -10.69 -11.90 -14.28
CA LYS B 235 -11.89 -11.27 -13.72
C LYS B 235 -11.97 -9.81 -14.11
N ILE B 236 -10.82 -9.12 -14.10
CA ILE B 236 -10.83 -7.67 -14.24
C ILE B 236 -10.89 -7.22 -15.69
N THR B 237 -10.52 -8.11 -16.61
CA THR B 237 -10.66 -7.88 -18.06
C THR B 237 -11.92 -8.53 -18.64
N GLY B 238 -12.67 -9.24 -17.83
CA GLY B 238 -13.86 -9.88 -18.31
C GLY B 238 -13.60 -10.87 -19.44
N MET B 239 -12.33 -11.18 -19.68
CA MET B 239 -11.99 -12.15 -20.71
C MET B 239 -11.97 -13.61 -20.19
N SER B 240 -11.82 -14.56 -21.11
CA SER B 240 -11.84 -15.96 -20.76
C SER B 240 -10.44 -16.38 -20.43
N THR B 241 -10.32 -17.51 -19.76
CA THR B 241 -9.00 -17.93 -19.35
C THR B 241 -8.14 -18.12 -20.59
N GLU B 242 -8.77 -18.57 -21.67
CA GLU B 242 -8.06 -18.93 -22.90
C GLU B 242 -7.74 -17.70 -23.70
N ASP B 243 -8.64 -16.71 -23.68
CA ASP B 243 -8.41 -15.46 -24.40
C ASP B 243 -7.30 -14.63 -23.75
N VAL B 244 -7.29 -14.58 -22.41
CA VAL B 244 -6.23 -13.90 -21.68
C VAL B 244 -4.87 -14.41 -22.11
N THR B 245 -4.72 -15.74 -22.11
CA THR B 245 -3.46 -16.37 -22.48
C THR B 245 -2.94 -15.87 -23.80
N THR B 246 -3.84 -15.70 -24.76
CA THR B 246 -3.45 -15.34 -26.12
C THR B 246 -2.79 -13.97 -26.15
N TRP B 247 -3.14 -13.13 -25.18
CA TRP B 247 -2.64 -11.77 -25.07
C TRP B 247 -1.29 -11.67 -24.36
N ILE B 248 -0.75 -12.81 -23.93
CA ILE B 248 0.63 -12.86 -23.47
C ILE B 248 1.55 -12.56 -24.64
N LEU B 249 2.43 -11.58 -24.48
CA LEU B 249 3.22 -11.07 -25.60
C LEU B 249 4.75 -11.02 -25.37
N ASN B 250 5.25 -11.71 -24.34
CA ASN B 250 6.70 -11.80 -24.14
C ASN B 250 7.20 -13.19 -23.72
N ARG B 251 8.35 -13.59 -24.24
CA ARG B 251 8.87 -14.92 -24.04
C ARG B 251 8.70 -15.42 -22.60
N GLU B 252 9.12 -14.63 -21.61
CA GLU B 252 9.15 -15.16 -20.25
C GLU B 252 7.76 -15.27 -19.70
N VAL B 253 6.93 -14.28 -19.96
CA VAL B 253 5.58 -14.40 -19.47
C VAL B 253 4.98 -15.67 -20.03
N ALA B 254 5.31 -15.98 -21.28
CA ALA B 254 4.85 -17.22 -21.89
C ALA B 254 5.51 -18.43 -21.23
N ASP B 255 6.84 -18.43 -21.11
CA ASP B 255 7.53 -19.51 -20.40
C ASP B 255 6.91 -19.73 -19.06
N GLU B 256 6.73 -18.64 -18.32
CA GLU B 256 6.20 -18.72 -16.96
C GLU B 256 4.79 -19.27 -16.96
N MET B 257 3.99 -18.91 -17.96
CA MET B 257 2.62 -19.37 -18.02
C MET B 257 2.56 -20.87 -18.21
N VAL B 258 3.44 -21.39 -19.06
CA VAL B 258 3.50 -22.81 -19.30
C VAL B 258 3.85 -23.49 -18.01
N GLN B 259 4.89 -22.99 -17.36
CA GLN B 259 5.32 -23.49 -16.07
C GLN B 259 4.12 -23.73 -15.16
N MET B 260 3.33 -22.70 -14.92
CA MET B 260 2.19 -22.80 -14.01
C MET B 260 1.10 -23.74 -14.48
N MET B 261 0.98 -23.89 -15.80
CA MET B 261 -0.16 -24.60 -16.38
C MET B 261 0.07 -26.10 -16.66
N LEU B 262 1.34 -26.52 -16.63
CA LEU B 262 1.73 -27.92 -16.81
C LEU B 262 0.76 -28.81 -16.05
N PRO B 263 0.22 -29.83 -16.75
CA PRO B 263 -0.94 -30.61 -16.31
C PRO B 263 -0.65 -31.72 -15.32
N GLY B 264 -1.72 -32.24 -14.72
CA GLY B 264 -1.63 -33.25 -13.68
C GLY B 264 -1.15 -32.70 -12.35
N GLN B 265 -1.79 -31.64 -11.86
CA GLN B 265 -1.39 -31.00 -10.62
C GLN B 265 -2.63 -30.62 -9.84
N GLU B 266 -3.78 -30.91 -10.41
CA GLU B 266 -5.07 -30.61 -9.80
C GLU B 266 -5.25 -29.15 -9.40
N ILE B 267 -4.60 -28.21 -10.10
CA ILE B 267 -4.75 -26.80 -9.71
C ILE B 267 -6.21 -26.38 -9.84
N ASP B 268 -6.92 -27.02 -10.74
CA ASP B 268 -8.31 -26.66 -10.98
C ASP B 268 -9.27 -27.54 -10.20
N LYS B 269 -8.71 -28.49 -9.46
CA LYS B 269 -9.51 -29.48 -8.73
C LYS B 269 -10.10 -28.91 -7.45
N ALA B 270 -11.30 -29.35 -7.13
CA ALA B 270 -12.07 -28.79 -6.01
C ALA B 270 -11.27 -28.77 -4.70
N ASP B 271 -11.26 -29.91 -4.00
CA ASP B 271 -10.50 -30.07 -2.77
C ASP B 271 -9.37 -31.07 -2.98
N SER B 272 -8.18 -30.57 -3.25
CA SER B 272 -7.02 -31.40 -3.45
C SER B 272 -5.95 -30.97 -2.46
N TYR B 273 -4.83 -31.67 -2.47
CA TYR B 273 -3.66 -31.33 -1.66
C TYR B 273 -2.89 -30.16 -2.23
N MET B 274 -3.03 -29.92 -3.52
CA MET B 274 -2.16 -28.96 -4.19
C MET B 274 -2.02 -27.58 -3.50
N PRO B 275 -3.14 -26.92 -3.14
CA PRO B 275 -3.06 -25.59 -2.52
C PRO B 275 -2.03 -25.54 -1.39
N TYR B 276 -1.89 -26.67 -0.70
CA TYR B 276 -1.05 -26.73 0.47
C TYR B 276 0.31 -27.31 0.15
N LEU B 277 0.69 -27.25 -1.11
CA LEU B 277 1.93 -27.89 -1.54
C LEU B 277 3.10 -27.45 -0.67
N ILE B 278 3.00 -26.24 -0.12
CA ILE B 278 4.10 -25.71 0.68
C ILE B 278 4.11 -26.13 2.16
N ASP B 279 2.97 -25.99 2.85
CA ASP B 279 2.89 -26.31 4.28
C ASP B 279 2.81 -27.80 4.63
N PHE B 280 2.39 -28.64 3.70
CA PHE B 280 2.45 -30.08 3.88
C PHE B 280 3.84 -30.61 3.53
N GLY B 281 4.73 -29.70 3.16
CA GLY B 281 6.06 -30.09 2.74
C GLY B 281 6.05 -30.97 1.51
N LEU B 282 5.07 -30.76 0.64
CA LEU B 282 5.05 -31.45 -0.65
C LEU B 282 6.11 -30.85 -1.58
N SER B 283 6.43 -29.58 -1.37
CA SER B 283 7.31 -28.85 -2.27
C SER B 283 8.07 -27.77 -1.53
N SER B 284 9.36 -27.61 -1.84
CA SER B 284 10.18 -26.64 -1.16
C SER B 284 10.28 -25.36 -1.97
N LYS B 285 10.26 -25.49 -3.29
CA LYS B 285 10.13 -24.33 -4.18
C LYS B 285 8.89 -24.47 -5.06
N SER B 286 8.06 -23.43 -5.04
CA SER B 286 6.73 -23.46 -5.65
C SER B 286 6.76 -23.03 -7.09
N PRO B 287 6.21 -23.86 -7.98
CA PRO B 287 6.06 -23.48 -9.39
C PRO B 287 5.12 -22.30 -9.56
N TYR B 288 4.29 -22.03 -8.56
CA TYR B 288 3.22 -21.03 -8.66
C TYR B 288 3.51 -19.72 -7.89
N SER B 289 4.76 -19.49 -7.55
CA SER B 289 5.11 -18.34 -6.73
C SER B 289 5.34 -17.12 -7.60
N SER B 290 5.04 -15.95 -7.06
CA SER B 290 5.32 -14.72 -7.77
C SER B 290 6.82 -14.47 -7.93
N VAL B 291 7.65 -15.39 -7.47
CA VAL B 291 9.11 -15.19 -7.54
C VAL B 291 9.71 -16.07 -8.63
N LYS B 292 9.00 -17.15 -8.96
CA LYS B 292 9.38 -17.96 -10.11
C LYS B 292 8.49 -17.60 -11.30
N ASN B 293 7.68 -16.56 -11.13
CA ASN B 293 6.87 -16.01 -12.19
C ASN B 293 6.92 -14.46 -12.18
N PRO B 294 8.14 -13.91 -12.14
CA PRO B 294 8.34 -12.48 -11.94
C PRO B 294 7.80 -11.65 -13.10
N ALA B 295 7.98 -12.15 -14.32
CA ALA B 295 7.50 -11.43 -15.48
C ALA B 295 6.00 -11.55 -15.55
N PHE B 296 5.50 -12.75 -15.32
CA PHE B 296 4.06 -12.91 -15.41
C PHE B 296 3.39 -12.12 -14.32
N HIS B 297 4.14 -11.83 -13.28
CA HIS B 297 3.60 -11.07 -12.15
C HIS B 297 3.56 -9.56 -12.44
N PHE B 298 4.70 -9.02 -12.85
CA PHE B 298 4.76 -7.64 -13.22
C PHE B 298 3.73 -7.38 -14.34
N TRP B 299 3.68 -8.27 -15.33
CA TRP B 299 2.78 -8.08 -16.46
C TRP B 299 1.33 -8.05 -15.97
N GLY B 300 0.85 -9.18 -15.48
CA GLY B 300 -0.53 -9.29 -15.04
C GLY B 300 -0.98 -8.27 -13.99
N GLN B 301 -0.04 -7.80 -13.19
CA GLN B 301 -0.38 -6.87 -12.14
C GLN B 301 -0.39 -5.41 -12.66
N LEU B 302 0.57 -5.09 -13.52
CA LEU B 302 0.62 -3.75 -14.12
C LEU B 302 -0.62 -3.58 -14.95
N THR B 303 -0.94 -4.61 -15.73
CA THR B 303 -2.12 -4.60 -16.58
C THR B 303 -3.39 -4.37 -15.78
N ALA B 304 -3.53 -5.06 -14.66
CA ALA B 304 -4.72 -4.93 -13.85
C ALA B 304 -4.78 -3.57 -13.17
N LEU B 305 -3.61 -2.99 -12.91
CA LEU B 305 -3.56 -1.68 -12.30
C LEU B 305 -4.09 -0.63 -13.25
N LEU B 306 -3.69 -0.72 -14.52
CA LEU B 306 -4.15 0.17 -15.59
C LEU B 306 -5.67 0.05 -15.75
N LEU B 307 -6.18 -1.16 -15.50
CA LEU B 307 -7.61 -1.44 -15.59
C LEU B 307 -8.37 -1.18 -14.31
N ARG B 308 -7.73 -0.50 -13.37
CA ARG B 308 -8.44 -0.01 -12.18
C ARG B 308 -8.46 -0.95 -10.96
N SER B 309 -7.59 -1.96 -10.95
CA SER B 309 -7.43 -2.78 -9.75
C SER B 309 -7.02 -1.92 -8.57
N THR B 310 -7.57 -2.24 -7.40
CA THR B 310 -7.08 -1.62 -6.16
C THR B 310 -6.08 -2.57 -5.51
N ARG B 311 -6.44 -3.85 -5.50
CA ARG B 311 -5.55 -4.92 -5.09
C ARG B 311 -4.11 -4.71 -5.62
N ALA B 312 -3.97 -4.14 -6.82
CA ALA B 312 -2.67 -4.13 -7.51
C ALA B 312 -1.78 -2.93 -7.24
N ARG B 313 -2.37 -1.86 -6.71
CA ARG B 313 -1.58 -0.68 -6.33
C ARG B 313 -0.36 -1.12 -5.52
N ASN B 314 -0.51 -2.18 -4.73
CA ASN B 314 0.48 -2.53 -3.72
C ASN B 314 1.21 -3.85 -3.96
N ALA B 315 1.17 -4.34 -5.19
CA ALA B 315 1.98 -5.48 -5.56
C ALA B 315 3.42 -5.02 -5.62
N ARG B 316 4.34 -5.93 -5.37
CA ARG B 316 5.75 -5.57 -5.34
C ARG B 316 6.41 -5.82 -6.68
N GLN B 317 7.34 -4.95 -7.03
CA GLN B 317 7.90 -4.93 -8.36
C GLN B 317 9.15 -5.80 -8.38
N PRO B 318 9.03 -7.01 -8.97
CA PRO B 318 10.15 -7.94 -9.08
C PRO B 318 11.39 -7.28 -9.64
N ASP B 319 12.56 -7.82 -9.31
CA ASP B 319 13.79 -7.38 -9.93
C ASP B 319 14.18 -8.35 -11.02
N ASP B 320 15.16 -7.97 -11.84
CA ASP B 320 15.67 -8.86 -12.85
C ASP B 320 14.59 -9.37 -13.82
N ILE B 321 13.65 -8.49 -14.18
CA ILE B 321 12.76 -8.73 -15.31
C ILE B 321 12.93 -7.63 -16.33
N GLU B 322 12.42 -7.84 -17.54
CA GLU B 322 12.61 -6.87 -18.62
C GLU B 322 11.49 -5.84 -18.54
N TYR B 323 11.76 -4.73 -17.87
CA TYR B 323 10.70 -3.80 -17.50
C TYR B 323 10.04 -3.13 -18.68
N THR B 324 10.83 -2.55 -19.59
CA THR B 324 10.27 -1.72 -20.67
C THR B 324 9.35 -2.48 -21.62
N SER B 325 9.77 -3.66 -22.05
CA SER B 325 8.98 -4.43 -23.01
C SER B 325 7.78 -5.04 -22.33
N LEU B 326 7.94 -5.39 -21.06
CA LEU B 326 6.86 -5.96 -20.28
C LEU B 326 5.75 -4.93 -20.12
N THR B 327 6.11 -3.68 -19.82
CA THR B 327 5.11 -2.65 -19.54
C THR B 327 4.36 -2.25 -20.81
N THR B 328 5.10 -2.00 -21.89
CA THR B 328 4.47 -1.70 -23.18
C THR B 328 3.45 -2.78 -23.55
N ALA B 329 3.84 -4.05 -23.40
CA ALA B 329 2.97 -5.19 -23.64
C ALA B 329 1.73 -5.19 -22.76
N GLY B 330 1.82 -4.58 -21.60
CA GLY B 330 0.69 -4.51 -20.71
C GLY B 330 -0.15 -3.28 -20.97
N LEU B 331 0.50 -2.20 -21.43
CA LEU B 331 -0.21 -0.99 -21.84
C LEU B 331 -1.11 -1.32 -23.02
N LEU B 332 -0.55 -2.02 -24.01
CA LEU B 332 -1.32 -2.42 -25.18
C LEU B 332 -2.57 -3.17 -24.76
N TYR B 333 -2.38 -4.15 -23.87
CA TYR B 333 -3.45 -5.02 -23.38
C TYR B 333 -4.48 -4.26 -22.57
N ALA B 334 -4.00 -3.30 -21.78
CA ALA B 334 -4.87 -2.48 -20.99
C ALA B 334 -5.67 -1.55 -21.90
N TYR B 335 -4.98 -0.95 -22.88
CA TYR B 335 -5.62 -0.02 -23.80
C TYR B 335 -6.65 -0.73 -24.64
N ALA B 336 -6.38 -1.97 -25.04
CA ALA B 336 -7.38 -2.75 -25.75
C ALA B 336 -8.66 -2.85 -24.94
N VAL B 337 -8.60 -3.58 -23.82
CA VAL B 337 -9.73 -3.79 -22.93
C VAL B 337 -10.40 -2.50 -22.45
N GLY B 338 -9.65 -1.41 -22.45
CA GLY B 338 -10.13 -0.18 -21.87
C GLY B 338 -10.98 0.68 -22.79
N SER B 339 -10.55 0.82 -24.03
CA SER B 339 -11.26 1.69 -24.96
C SER B 339 -12.50 0.98 -25.50
N SER B 340 -12.31 -0.22 -26.04
CA SER B 340 -13.41 -1.01 -26.57
C SER B 340 -14.11 -1.80 -25.47
N ALA B 341 -14.86 -1.09 -24.63
CA ALA B 341 -15.69 -1.72 -23.61
C ALA B 341 -16.56 -2.82 -24.21
N ASP B 342 -17.80 -2.91 -23.75
CA ASP B 342 -18.34 -4.15 -23.22
C ASP B 342 -19.86 -4.17 -23.30
N LEU B 343 -20.39 -3.95 -24.50
CA LEU B 343 -21.58 -3.13 -24.67
C LEU B 343 -22.45 -3.66 -25.81
N ALA B 344 -23.73 -3.86 -25.52
CA ALA B 344 -24.36 -5.16 -25.71
C ALA B 344 -25.67 -5.26 -24.94
N GLN B 345 -26.79 -5.23 -25.66
CA GLN B 345 -28.09 -5.46 -25.07
C GLN B 345 -28.20 -6.87 -24.46
N GLN B 346 -28.80 -6.98 -23.28
CA GLN B 346 -28.96 -8.28 -22.64
C GLN B 346 -30.43 -8.64 -22.46
N PHE B 347 -31.28 -7.64 -22.18
CA PHE B 347 -32.73 -7.86 -22.08
C PHE B 347 -33.51 -6.95 -23.03
N CYS B 348 -34.75 -7.34 -23.35
CA CYS B 348 -35.58 -6.60 -24.30
C CYS B 348 -37.08 -6.85 -24.13
N VAL B 349 -37.91 -6.00 -24.73
CA VAL B 349 -39.35 -6.22 -24.71
C VAL B 349 -39.91 -6.40 -26.13
N GLY B 350 -39.29 -7.29 -26.90
CA GLY B 350 -39.70 -7.52 -28.29
C GLY B 350 -38.88 -6.76 -29.32
N ASP B 351 -38.15 -5.72 -28.89
CA ASP B 351 -37.24 -4.96 -29.77
C ASP B 351 -35.81 -4.91 -29.22
N ASN B 352 -34.84 -5.04 -30.11
CA ASN B 352 -33.43 -5.10 -29.67
C ASN B 352 -32.41 -4.72 -30.74
N LYS B 353 -31.35 -4.05 -30.32
CA LYS B 353 -30.37 -3.53 -31.25
C LYS B 353 -29.61 -4.63 -31.95
N TYR B 354 -29.91 -4.83 -33.24
CA TYR B 354 -29.15 -5.77 -34.07
C TYR B 354 -27.88 -5.07 -34.54
N THR B 355 -26.82 -5.26 -33.76
CA THR B 355 -25.67 -4.37 -33.78
C THR B 355 -24.87 -4.26 -35.07
N PRO B 356 -24.42 -5.40 -35.64
CA PRO B 356 -23.55 -5.40 -36.83
C PRO B 356 -24.10 -4.65 -38.06
N ASP B 357 -24.42 -3.36 -37.90
CA ASP B 357 -24.87 -2.51 -39.01
C ASP B 357 -23.78 -2.33 -40.07
N THR B 364 -12.19 5.00 -39.57
CA THR B 364 -11.14 5.71 -40.33
C THR B 364 -9.85 4.88 -40.26
N THR B 365 -8.94 5.01 -41.24
CA THR B 365 -7.67 4.29 -41.07
C THR B 365 -6.93 4.81 -39.83
N ASN B 366 -6.13 3.92 -39.25
CA ASN B 366 -5.31 4.27 -38.10
C ASN B 366 -6.06 4.35 -36.78
N ALA B 367 -7.38 4.43 -36.83
CA ALA B 367 -8.20 4.32 -35.62
C ALA B 367 -8.26 2.85 -35.21
N PRO B 368 -7.89 2.59 -33.94
CA PRO B 368 -7.62 1.26 -33.37
C PRO B 368 -8.81 0.30 -33.44
N PRO B 369 -8.50 -1.01 -33.44
CA PRO B 369 -9.40 -2.15 -33.67
C PRO B 369 -10.67 -2.13 -32.84
N GLN B 370 -11.64 -2.94 -33.29
CA GLN B 370 -13.03 -2.83 -32.87
C GLN B 370 -13.33 -3.65 -31.61
N GLY B 371 -12.68 -4.80 -31.48
CA GLY B 371 -12.93 -5.67 -30.36
C GLY B 371 -11.68 -5.83 -29.52
N ARG B 372 -11.39 -7.07 -29.15
CA ARG B 372 -10.22 -7.38 -28.33
C ARG B 372 -9.47 -8.59 -28.88
N ASP B 373 -9.28 -8.65 -30.18
CA ASP B 373 -8.51 -9.75 -30.73
C ASP B 373 -7.04 -9.41 -30.74
N VAL B 374 -6.25 -10.35 -30.22
CA VAL B 374 -4.82 -10.20 -30.09
C VAL B 374 -4.14 -9.88 -31.41
N VAL B 375 -4.75 -10.31 -32.51
CA VAL B 375 -4.14 -10.17 -33.81
C VAL B 375 -4.49 -8.84 -34.42
N GLU B 376 -5.77 -8.52 -34.46
CA GLU B 376 -6.17 -7.23 -34.97
C GLU B 376 -5.30 -6.13 -34.32
N TRP B 377 -5.12 -6.27 -32.99
CA TRP B 377 -4.45 -5.25 -32.19
C TRP B 377 -2.97 -5.23 -32.43
N LEU B 378 -2.40 -6.42 -32.49
CA LEU B 378 -0.98 -6.54 -32.77
C LEU B 378 -0.64 -5.90 -34.10
N GLY B 379 -1.55 -6.03 -35.06
CA GLY B 379 -1.41 -5.44 -36.39
C GLY B 379 -1.49 -3.93 -36.35
N TRP B 380 -2.52 -3.40 -35.69
CA TRP B 380 -2.64 -1.96 -35.48
C TRP B 380 -1.41 -1.34 -34.78
N PHE B 381 -0.75 -2.14 -33.94
CA PHE B 381 0.46 -1.69 -33.23
C PHE B 381 1.65 -1.70 -34.18
N GLU B 382 1.78 -2.74 -35.00
CA GLU B 382 2.74 -2.72 -36.10
C GLU B 382 2.63 -1.41 -36.90
N ASP B 383 1.42 -1.17 -37.43
CA ASP B 383 1.08 0.05 -38.16
C ASP B 383 1.52 1.33 -37.44
N GLN B 384 1.45 1.32 -36.11
CA GLN B 384 1.75 2.52 -35.34
C GLN B 384 3.22 2.70 -34.99
N ASN B 385 4.08 1.88 -35.60
CA ASN B 385 5.54 1.92 -35.40
C ASN B 385 5.99 1.12 -34.18
N ARG B 386 5.16 0.17 -33.75
CA ARG B 386 5.42 -0.59 -32.53
C ARG B 386 5.90 0.33 -31.41
N LYS B 387 5.36 1.55 -31.40
CA LYS B 387 5.72 2.61 -30.47
C LYS B 387 4.40 3.33 -30.14
N PRO B 388 3.92 3.15 -28.89
CA PRO B 388 2.55 3.48 -28.46
C PRO B 388 2.07 4.90 -28.76
N THR B 389 0.84 5.01 -29.27
CA THR B 389 0.24 6.29 -29.67
C THR B 389 0.16 7.23 -28.48
N PRO B 390 -0.16 8.51 -28.71
CA PRO B 390 -0.20 9.47 -27.60
C PRO B 390 -1.52 9.41 -26.85
N ASP B 391 -2.49 8.63 -27.35
CA ASP B 391 -3.74 8.47 -26.62
C ASP B 391 -3.61 7.33 -25.66
N MET B 392 -3.12 6.18 -26.13
CA MET B 392 -2.91 5.06 -25.20
C MET B 392 -1.91 5.48 -24.11
N MET B 393 -1.08 6.47 -24.40
CA MET B 393 -0.20 7.01 -23.38
C MET B 393 -0.98 7.95 -22.44
N GLN B 394 -1.98 8.62 -22.99
CA GLN B 394 -2.83 9.49 -22.19
C GLN B 394 -3.72 8.61 -21.33
N TYR B 395 -4.04 7.43 -21.85
CA TYR B 395 -4.90 6.49 -21.15
C TYR B 395 -4.24 6.05 -19.87
N ALA B 396 -3.00 5.62 -20.00
CA ALA B 396 -2.18 5.24 -18.87
C ALA B 396 -2.10 6.36 -17.85
N LYS B 397 -1.96 7.60 -18.33
CA LYS B 397 -1.83 8.73 -17.41
C LYS B 397 -3.09 8.89 -16.57
N ARG B 398 -4.24 8.73 -17.19
CA ARG B 398 -5.49 8.92 -16.47
C ARG B 398 -5.74 7.81 -15.47
N ALA B 399 -5.07 6.67 -15.66
CA ALA B 399 -5.24 5.53 -14.78
C ALA B 399 -4.29 5.51 -13.58
N VAL B 400 -3.28 6.37 -13.56
CA VAL B 400 -2.29 6.39 -12.49
C VAL B 400 -2.21 7.71 -11.75
N MET B 401 -2.21 8.84 -12.45
CA MET B 401 -2.37 10.13 -11.77
C MET B 401 -3.55 9.94 -10.84
N SER B 402 -3.52 10.58 -9.68
CA SER B 402 -4.64 10.50 -8.74
C SER B 402 -4.74 9.19 -7.96
N LEU B 403 -3.64 8.44 -7.94
CA LEU B 403 -3.40 7.41 -6.93
C LEU B 403 -2.51 8.03 -5.88
N GLN B 404 -2.69 7.65 -4.62
CA GLN B 404 -1.75 8.06 -3.59
C GLN B 404 -1.53 6.99 -2.52
N GLY B 405 -0.57 7.27 -1.64
CA GLY B 405 -0.22 6.33 -0.59
C GLY B 405 0.52 5.17 -1.19
N LEU B 406 1.53 5.50 -1.98
CA LEU B 406 2.20 4.48 -2.79
C LEU B 406 3.52 4.06 -2.17
N ARG B 407 3.59 2.80 -1.79
CA ARG B 407 4.77 2.24 -1.15
C ARG B 407 5.90 2.05 -2.15
N GLU B 408 7.12 2.25 -1.70
CA GLU B 408 8.29 2.10 -2.55
C GLU B 408 8.40 0.66 -3.03
N LYS B 409 8.78 0.48 -4.29
CA LYS B 409 8.91 -0.85 -4.88
C LYS B 409 7.59 -1.61 -5.01
N THR B 410 6.49 -0.90 -5.26
CA THR B 410 5.26 -1.55 -5.73
C THR B 410 5.04 -1.26 -7.22
N ILE B 411 4.35 -2.16 -7.91
CA ILE B 411 4.08 -1.94 -9.32
C ILE B 411 3.22 -0.68 -9.49
N GLY B 412 2.58 -0.25 -8.41
CA GLY B 412 1.83 1.00 -8.42
C GLY B 412 2.74 2.22 -8.44
N LYS B 413 3.71 2.26 -7.54
CA LYS B 413 4.60 3.40 -7.54
C LYS B 413 5.39 3.35 -8.81
N TYR B 414 5.60 2.16 -9.34
CA TYR B 414 6.29 2.04 -10.61
C TYR B 414 5.47 2.73 -11.67
N ALA B 415 4.20 2.36 -11.74
CA ALA B 415 3.33 2.87 -12.77
C ALA B 415 3.18 4.39 -12.72
N LYS B 416 2.93 4.96 -11.53
CA LYS B 416 2.69 6.39 -11.49
C LYS B 416 3.93 7.17 -11.90
N SER B 417 5.12 6.68 -11.55
CA SER B 417 6.35 7.33 -11.96
C SER B 417 6.58 7.25 -13.46
N GLU B 418 6.07 6.20 -14.08
CA GLU B 418 6.30 5.97 -15.49
C GLU B 418 5.26 6.65 -16.38
N PHE B 419 4.07 6.91 -15.84
CA PHE B 419 3.01 7.45 -16.68
C PHE B 419 2.53 8.86 -16.28
N ASP B 420 2.60 9.20 -14.99
CA ASP B 420 2.20 10.53 -14.58
C ASP B 420 3.36 11.49 -14.66
N LYS B 421 3.43 12.21 -15.77
CA LYS B 421 4.36 13.33 -15.95
C LYS B 421 4.28 13.84 -17.40
N SER C 1 51.61 8.52 -32.19
CA SER C 1 51.67 9.16 -30.87
C SER C 1 52.72 8.52 -29.91
N VAL C 2 53.86 8.06 -30.44
CA VAL C 2 54.93 7.55 -29.57
C VAL C 2 55.89 8.65 -29.17
N THR C 3 56.21 9.52 -30.13
CA THR C 3 57.19 10.57 -29.91
C THR C 3 56.56 11.96 -29.86
N VAL C 4 56.74 12.65 -28.74
CA VAL C 4 56.16 13.97 -28.61
C VAL C 4 57.26 15.04 -28.62
N LYS C 5 57.16 16.02 -29.52
CA LYS C 5 58.11 17.12 -29.48
C LYS C 5 57.41 18.41 -29.06
N ARG C 6 58.17 19.36 -28.56
CA ARG C 6 57.63 20.64 -28.15
C ARG C 6 57.88 21.70 -29.24
N ILE C 7 56.84 22.20 -29.89
CA ILE C 7 57.05 23.09 -31.01
C ILE C 7 58.07 24.24 -30.71
N ILE C 8 57.88 25.04 -29.66
CA ILE C 8 58.65 26.30 -29.55
C ILE C 8 60.18 26.14 -29.62
N ASP C 9 60.72 25.05 -29.11
CA ASP C 9 62.16 24.84 -29.16
C ASP C 9 62.51 23.49 -29.78
N ASN C 10 61.46 22.80 -30.22
CA ASN C 10 61.60 21.52 -30.91
C ASN C 10 62.35 20.41 -30.17
N THR C 11 62.33 20.45 -28.84
CA THR C 11 62.90 19.37 -28.01
C THR C 11 61.91 18.23 -27.71
N VAL C 12 62.44 17.09 -27.29
CA VAL C 12 61.61 15.92 -26.98
C VAL C 12 61.15 15.88 -25.52
N ILE C 13 59.87 15.57 -25.33
CA ILE C 13 59.33 15.37 -24.00
C ILE C 13 58.79 13.95 -23.96
N VAL C 14 58.98 13.26 -22.84
CA VAL C 14 58.55 11.86 -22.74
C VAL C 14 57.48 11.65 -21.67
N PRO C 15 56.22 11.80 -22.06
CA PRO C 15 55.15 11.72 -21.08
C PRO C 15 55.11 10.33 -20.50
N LYS C 16 55.50 10.21 -19.25
CA LYS C 16 55.31 8.99 -18.49
C LYS C 16 54.46 9.35 -17.29
N LEU C 17 53.94 8.35 -16.59
CA LEU C 17 53.22 8.62 -15.34
C LEU C 17 53.28 7.42 -14.38
N PRO C 18 53.20 7.67 -13.07
CA PRO C 18 53.46 6.66 -12.04
C PRO C 18 52.98 5.26 -12.40
N ALA C 19 53.72 4.26 -11.92
CA ALA C 19 53.37 2.87 -12.16
C ALA C 19 52.05 2.52 -11.50
N ASN C 20 51.61 1.29 -11.70
CA ASN C 20 50.43 0.76 -11.06
C ASN C 20 50.20 -0.65 -11.54
N GLU C 21 50.04 -1.57 -10.61
CA GLU C 21 49.96 -2.96 -11.01
C GLU C 21 48.93 -3.77 -10.24
N ASP C 22 49.40 -4.54 -9.26
CA ASP C 22 48.66 -5.69 -8.75
C ASP C 22 47.71 -6.31 -9.78
N PRO C 23 48.26 -7.19 -10.62
CA PRO C 23 47.45 -8.05 -11.49
C PRO C 23 46.34 -8.68 -10.67
N VAL C 24 45.31 -9.17 -11.34
CA VAL C 24 44.35 -10.02 -10.68
C VAL C 24 44.99 -11.39 -10.56
N GLU C 25 44.29 -12.33 -9.96
CA GLU C 25 44.77 -13.70 -9.84
C GLU C 25 43.55 -14.62 -9.98
N TYR C 26 43.66 -15.62 -10.82
CA TYR C 26 42.50 -16.45 -11.11
C TYR C 26 42.55 -17.70 -10.26
N PRO C 27 41.37 -18.32 -10.03
CA PRO C 27 41.30 -19.63 -9.37
C PRO C 27 42.23 -20.65 -10.02
N ALA C 28 41.95 -21.02 -11.27
CA ALA C 28 42.72 -22.08 -11.93
C ALA C 28 44.22 -21.82 -11.85
N ASP C 29 44.65 -20.65 -12.29
CA ASP C 29 46.06 -20.31 -12.27
C ASP C 29 46.54 -20.21 -10.80
N TYR C 30 46.01 -21.10 -9.94
CA TYR C 30 46.42 -21.28 -8.54
C TYR C 30 46.57 -22.76 -8.19
N PHE C 31 45.54 -23.55 -8.46
CA PHE C 31 45.62 -25.00 -8.31
C PHE C 31 46.69 -25.61 -9.21
N ARG C 32 47.38 -24.75 -9.96
CA ARG C 32 48.56 -25.16 -10.70
C ARG C 32 49.82 -25.10 -9.83
N LYS C 33 49.69 -24.55 -8.63
CA LYS C 33 50.72 -24.67 -7.61
C LYS C 33 50.32 -25.77 -6.62
N SER C 34 49.87 -25.37 -5.44
CA SER C 34 49.27 -26.27 -4.45
C SER C 34 48.04 -27.01 -5.02
N LYS C 35 47.74 -28.19 -4.50
CA LYS C 35 46.51 -28.87 -4.87
C LYS C 35 45.64 -29.24 -3.68
N GLU C 36 45.71 -28.40 -2.64
CA GLU C 36 44.93 -28.58 -1.41
C GLU C 36 44.63 -27.21 -0.83
N ILE C 37 43.53 -27.09 -0.11
CA ILE C 37 43.21 -25.85 0.61
C ILE C 37 43.35 -26.07 2.12
N PRO C 38 44.48 -25.62 2.70
CA PRO C 38 44.89 -25.80 4.10
C PRO C 38 44.00 -25.10 5.11
N LEU C 39 43.42 -25.85 6.05
CA LEU C 39 42.60 -25.28 7.10
C LEU C 39 43.30 -25.46 8.43
N TYR C 40 44.15 -24.52 8.80
CA TYR C 40 44.87 -24.57 10.06
C TYR C 40 43.93 -24.33 11.24
N ILE C 41 43.14 -25.34 11.59
CA ILE C 41 42.83 -25.62 13.00
C ILE C 41 44.07 -26.07 13.77
N ASN C 42 44.84 -25.10 14.23
CA ASN C 42 46.07 -25.39 14.97
C ASN C 42 45.87 -26.50 16.00
N THR C 43 44.82 -26.36 16.81
CA THR C 43 44.72 -27.11 18.06
C THR C 43 43.49 -28.00 18.06
N THR C 44 43.62 -29.13 18.75
CA THR C 44 42.46 -29.95 19.10
C THR C 44 42.45 -30.24 20.60
N LYS C 45 41.70 -29.44 21.36
CA LYS C 45 41.45 -29.73 22.76
C LYS C 45 40.24 -30.61 22.82
N SER C 46 39.16 -30.13 23.42
CA SER C 46 37.95 -30.96 23.51
C SER C 46 36.72 -30.19 23.08
N LEU C 47 35.83 -30.86 22.36
CA LEU C 47 34.60 -30.20 21.89
C LEU C 47 33.82 -29.64 23.08
N SER C 48 33.69 -30.44 24.14
CA SER C 48 32.96 -30.02 25.33
C SER C 48 33.65 -28.84 26.00
N ASP C 49 34.95 -28.97 26.22
CA ASP C 49 35.74 -27.84 26.71
C ASP C 49 35.44 -26.57 25.91
N LEU C 50 35.58 -26.67 24.58
CA LEU C 50 35.42 -25.55 23.65
C LEU C 50 34.02 -24.94 23.70
N ARG C 51 33.01 -25.81 23.68
CA ARG C 51 31.62 -25.39 23.79
C ARG C 51 31.44 -24.35 24.89
N GLY C 52 32.22 -24.50 25.95
CA GLY C 52 32.18 -23.57 27.07
C GLY C 52 32.95 -22.29 26.80
N TYR C 53 34.23 -22.43 26.48
CA TYR C 53 35.10 -21.29 26.24
C TYR C 53 34.34 -20.19 25.51
N VAL C 54 33.71 -20.59 24.40
CA VAL C 54 32.91 -19.68 23.59
C VAL C 54 31.69 -19.14 24.35
N TYR C 55 30.80 -20.06 24.74
CA TYR C 55 29.56 -19.70 25.43
C TYR C 55 29.78 -18.54 26.39
N GLN C 56 30.91 -18.56 27.10
CA GLN C 56 31.23 -17.45 27.98
C GLN C 56 31.92 -16.34 27.21
N GLY C 57 33.03 -16.68 26.55
CA GLY C 57 33.79 -15.70 25.80
C GLY C 57 32.87 -14.82 24.95
N LEU C 58 31.66 -15.33 24.71
CA LEU C 58 30.66 -14.67 23.91
C LEU C 58 29.88 -13.60 24.66
N LYS C 59 29.77 -13.75 25.98
CA LYS C 59 29.23 -12.67 26.79
C LYS C 59 30.38 -11.75 27.22
N SER C 60 31.32 -11.51 26.32
CA SER C 60 32.50 -10.69 26.63
C SER C 60 33.32 -10.40 25.38
N GLY C 61 33.90 -9.20 25.35
CA GLY C 61 34.67 -8.74 24.20
C GLY C 61 36.10 -9.25 24.16
N ASN C 62 36.24 -10.56 24.08
CA ASN C 62 37.55 -11.19 24.05
C ASN C 62 37.52 -12.71 23.90
N VAL C 63 36.47 -13.24 23.30
CA VAL C 63 36.48 -14.64 22.89
C VAL C 63 37.49 -14.79 21.77
N SER C 64 38.33 -15.81 21.83
CA SER C 64 39.41 -15.91 20.86
C SER C 64 38.94 -16.61 19.62
N ILE C 65 39.34 -16.05 18.48
CA ILE C 65 38.93 -16.56 17.18
C ILE C 65 39.56 -17.92 16.93
N ILE C 66 40.63 -18.23 17.65
CA ILE C 66 41.25 -19.54 17.52
C ILE C 66 40.36 -20.58 18.20
N HIS C 67 39.48 -20.10 19.07
CA HIS C 67 38.59 -20.99 19.79
C HIS C 67 37.35 -21.34 18.97
N VAL C 68 36.70 -20.33 18.38
CA VAL C 68 35.52 -20.57 17.53
C VAL C 68 35.85 -21.46 16.33
N ASN C 69 36.98 -21.19 15.68
CA ASN C 69 37.45 -22.07 14.60
C ASN C 69 37.38 -23.51 15.08
N SER C 70 37.88 -23.74 16.28
CA SER C 70 37.95 -25.08 16.83
C SER C 70 36.60 -25.62 17.28
N TYR C 71 35.77 -24.80 17.89
CA TYR C 71 34.42 -25.23 18.24
C TYR C 71 33.67 -25.63 16.98
N LEU C 72 33.82 -24.83 15.93
CA LEU C 72 33.14 -25.10 14.65
C LEU C 72 33.63 -26.41 14.06
N TYR C 73 34.94 -26.55 13.86
CA TYR C 73 35.49 -27.82 13.40
C TYR C 73 34.88 -28.90 14.27
N GLY C 74 34.90 -28.66 15.57
CA GLY C 74 34.33 -29.59 16.52
C GLY C 74 32.90 -29.96 16.21
N ALA C 75 32.03 -28.95 16.11
CA ALA C 75 30.59 -29.17 15.98
C ALA C 75 30.09 -29.56 14.57
N LEU C 76 30.99 -29.60 13.58
CA LEU C 76 30.53 -29.67 12.19
C LEU C 76 30.92 -30.91 11.40
N LYS C 77 31.42 -31.95 12.04
CA LYS C 77 31.61 -33.18 11.25
C LYS C 77 30.41 -34.11 11.22
N ASP C 78 29.26 -33.51 10.92
CA ASP C 78 28.19 -34.23 10.26
C ASP C 78 28.73 -34.54 8.88
N ILE C 79 29.55 -35.58 8.80
CA ILE C 79 30.02 -36.11 7.51
C ILE C 79 28.77 -36.62 6.76
N ARG C 80 27.79 -35.72 6.66
CA ARG C 80 26.38 -36.05 6.54
C ARG C 80 25.81 -35.79 5.15
N GLY C 81 26.48 -36.29 4.11
CA GLY C 81 25.98 -36.10 2.77
C GLY C 81 26.42 -37.15 1.78
N LYS C 82 25.50 -37.58 0.92
CA LYS C 82 25.77 -38.58 -0.11
C LYS C 82 25.71 -38.00 -1.52
N LEU C 83 26.83 -38.11 -2.24
CA LEU C 83 26.86 -37.66 -3.61
C LEU C 83 25.95 -38.54 -4.46
N ASP C 84 24.98 -37.93 -5.13
CA ASP C 84 24.19 -38.65 -6.12
C ASP C 84 25.01 -38.82 -7.40
N LYS C 85 25.86 -37.84 -7.68
CA LYS C 85 26.72 -37.87 -8.86
C LYS C 85 28.18 -37.52 -8.49
N ASP C 86 29.05 -37.44 -9.50
CA ASP C 86 30.45 -37.11 -9.27
C ASP C 86 30.66 -35.66 -8.85
N TRP C 87 31.79 -35.39 -8.18
CA TRP C 87 32.17 -34.03 -7.81
C TRP C 87 33.65 -33.77 -8.08
N SER C 88 33.93 -32.80 -8.95
CA SER C 88 35.30 -32.44 -9.28
C SER C 88 35.44 -30.93 -9.36
N SER C 89 36.68 -30.45 -9.51
CA SER C 89 36.93 -29.03 -9.68
C SER C 89 38.41 -28.69 -9.71
N PHE C 90 38.86 -28.12 -10.81
CA PHE C 90 40.24 -27.68 -10.96
C PHE C 90 41.26 -28.81 -10.77
N GLY C 91 40.84 -30.04 -11.06
CA GLY C 91 41.67 -31.20 -10.80
C GLY C 91 41.26 -31.88 -9.52
N ILE C 92 41.32 -31.13 -8.42
CA ILE C 92 40.94 -31.62 -7.09
C ILE C 92 39.70 -32.50 -7.14
N ASN C 93 39.85 -33.77 -6.79
CA ASN C 93 38.74 -34.70 -6.84
C ASN C 93 38.07 -34.85 -5.49
N ILE C 94 37.03 -34.07 -5.24
CA ILE C 94 36.36 -34.08 -3.96
C ILE C 94 35.83 -35.47 -3.58
N GLY C 95 35.04 -36.08 -4.46
CA GLY C 95 34.42 -37.35 -4.17
C GLY C 95 34.05 -38.13 -5.42
N LYS C 96 33.23 -39.18 -5.26
CA LYS C 96 32.68 -39.92 -6.40
C LYS C 96 31.37 -40.63 -6.08
N ALA C 97 30.47 -40.66 -7.06
CA ALA C 97 29.04 -40.96 -6.86
C ALA C 97 28.71 -42.09 -5.89
N GLY C 98 27.63 -41.91 -5.14
CA GLY C 98 27.22 -42.83 -4.08
C GLY C 98 27.89 -42.53 -2.74
N ASP C 99 29.09 -41.98 -2.86
CA ASP C 99 29.97 -41.65 -1.74
C ASP C 99 29.33 -40.90 -0.58
N THR C 100 30.02 -40.93 0.57
CA THR C 100 29.68 -40.10 1.71
C THR C 100 30.81 -39.10 1.98
N ILE C 101 30.46 -37.82 2.07
CA ILE C 101 31.40 -36.74 2.35
C ILE C 101 30.86 -35.77 3.38
N GLY C 102 31.78 -35.13 4.10
CA GLY C 102 31.46 -34.11 5.08
C GLY C 102 32.13 -32.79 4.77
N ILE C 103 31.63 -31.72 5.39
CA ILE C 103 32.10 -30.38 5.12
C ILE C 103 33.61 -30.32 4.90
N PHE C 104 34.38 -30.80 5.87
CA PHE C 104 35.81 -30.56 5.87
C PHE C 104 36.56 -31.48 4.95
N ASP C 105 35.82 -32.15 4.07
CA ASP C 105 36.45 -32.95 3.02
C ASP C 105 37.08 -31.99 2.00
N LEU C 106 37.61 -30.91 2.55
CA LEU C 106 38.40 -29.89 1.86
C LEU C 106 39.63 -29.44 2.73
N VAL C 107 40.37 -30.47 3.20
CA VAL C 107 41.85 -30.53 3.41
C VAL C 107 42.49 -29.97 4.71
N SER C 108 42.22 -30.63 5.84
CA SER C 108 42.56 -30.12 7.19
C SER C 108 44.00 -30.36 7.68
N LEU C 109 44.69 -29.30 8.09
CA LEU C 109 45.99 -29.38 8.75
C LEU C 109 45.89 -28.74 10.15
N LYS C 110 46.99 -28.73 10.92
CA LYS C 110 47.01 -28.11 12.27
C LYS C 110 48.38 -27.47 12.57
N ALA C 111 48.43 -26.49 13.46
CA ALA C 111 49.72 -25.83 13.73
C ALA C 111 49.95 -25.14 15.10
N LEU C 112 50.75 -24.07 15.06
CA LEU C 112 51.30 -23.37 16.24
C LEU C 112 50.52 -23.46 17.57
N ASP C 113 51.23 -23.24 18.67
CA ASP C 113 50.86 -23.79 20.00
C ASP C 113 49.93 -22.96 20.93
N GLY C 114 50.48 -22.58 22.09
CA GLY C 114 49.74 -22.04 23.22
C GLY C 114 48.38 -21.40 23.01
N VAL C 115 47.33 -22.09 23.47
CA VAL C 115 45.96 -21.55 23.42
C VAL C 115 45.59 -20.88 24.74
N LEU C 116 44.45 -20.20 24.76
CA LEU C 116 44.10 -19.31 25.88
C LEU C 116 43.58 -20.07 27.14
N PRO C 117 42.42 -19.69 27.75
CA PRO C 117 42.06 -20.44 28.98
C PRO C 117 42.00 -21.99 28.89
N ASP C 118 42.37 -22.66 30.00
CA ASP C 118 42.62 -24.12 30.01
C ASP C 118 41.44 -24.97 30.54
N GLY C 119 41.62 -26.29 30.52
CA GLY C 119 40.70 -27.23 31.12
C GLY C 119 39.25 -27.17 30.65
N VAL C 120 38.37 -26.64 31.50
CA VAL C 120 36.93 -26.51 31.21
C VAL C 120 36.33 -25.18 31.72
N SER C 121 36.24 -24.17 30.85
CA SER C 121 35.82 -22.79 31.23
C SER C 121 34.31 -22.65 31.46
N ASP C 122 33.81 -23.33 32.49
CA ASP C 122 32.37 -23.51 32.71
C ASP C 122 31.87 -24.83 32.08
N ALA C 123 31.46 -25.77 32.92
CA ALA C 123 31.04 -27.08 32.43
C ALA C 123 29.54 -27.15 32.16
N SER C 124 28.85 -26.02 32.34
CA SER C 124 27.38 -26.02 32.36
C SER C 124 26.69 -26.24 31.01
N ARG C 125 27.28 -25.76 29.92
CA ARG C 125 26.63 -25.87 28.61
C ARG C 125 26.52 -27.33 28.11
N THR C 126 25.33 -27.66 27.60
CA THR C 126 24.98 -29.01 27.14
C THR C 126 24.99 -29.13 25.60
N SER C 127 24.60 -30.30 25.10
CA SER C 127 24.58 -30.55 23.66
C SER C 127 23.53 -29.77 22.84
N ALA C 128 23.11 -28.61 23.36
CA ALA C 128 22.54 -27.56 22.51
C ALA C 128 23.44 -26.91 21.46
N ASP C 129 23.96 -27.73 20.56
CA ASP C 129 25.27 -27.49 19.95
C ASP C 129 25.15 -27.42 18.43
N ASP C 130 25.36 -28.57 17.77
CA ASP C 130 25.07 -28.75 16.35
C ASP C 130 23.71 -28.13 16.05
N LYS C 131 22.91 -27.98 17.10
CA LYS C 131 21.60 -27.40 16.99
C LYS C 131 21.70 -25.95 16.53
N TRP C 132 22.57 -25.17 17.15
CA TRP C 132 22.46 -23.73 16.96
C TRP C 132 23.71 -22.89 17.20
N LEU C 133 24.62 -23.33 18.06
CA LEU C 133 25.78 -22.49 18.38
C LEU C 133 26.61 -22.15 17.13
N PRO C 134 26.86 -23.16 16.28
CA PRO C 134 27.54 -22.93 15.00
C PRO C 134 26.79 -21.93 14.12
N LEU C 135 25.54 -22.25 13.77
CA LEU C 135 24.71 -21.37 12.96
C LEU C 135 24.81 -19.91 13.42
N TYR C 136 24.94 -19.71 14.73
CA TYR C 136 25.01 -18.37 15.28
C TYR C 136 26.37 -17.78 14.95
N LEU C 137 27.40 -18.60 15.12
CA LEU C 137 28.77 -18.15 14.94
C LEU C 137 29.04 -17.82 13.51
N LEU C 138 28.50 -18.66 12.62
CA LEU C 138 28.56 -18.42 11.18
C LEU C 138 27.74 -17.20 10.78
N GLY C 139 26.51 -17.13 11.27
CA GLY C 139 25.68 -15.95 11.10
C GLY C 139 26.44 -14.67 11.31
N LEU C 140 27.23 -14.61 12.38
CA LEU C 140 27.94 -13.39 12.70
C LEU C 140 28.83 -12.85 11.57
N TYR C 141 29.39 -13.75 10.75
CA TYR C 141 30.24 -13.33 9.63
C TYR C 141 29.54 -12.33 8.72
N ARG C 142 28.27 -12.63 8.46
CA ARG C 142 27.41 -11.84 7.60
C ARG C 142 27.14 -10.45 8.18
N VAL C 143 26.78 -10.43 9.46
CA VAL C 143 26.52 -9.20 10.16
C VAL C 143 27.78 -8.35 10.23
N GLY C 144 28.93 -9.00 10.13
CA GLY C 144 30.20 -8.30 10.24
C GLY C 144 30.57 -7.54 8.99
N ARG C 145 30.10 -8.01 7.83
CA ARG C 145 30.50 -7.44 6.54
C ARG C 145 29.95 -6.03 6.26
N THR C 146 28.89 -5.63 6.94
CA THR C 146 28.26 -4.33 6.72
C THR C 146 28.63 -3.26 7.77
N GLN C 147 28.77 -2.01 7.32
CA GLN C 147 29.11 -0.88 8.19
C GLN C 147 27.88 -0.12 8.70
N MET C 148 26.82 -0.16 7.89
CA MET C 148 25.65 0.69 8.07
C MET C 148 24.59 0.07 8.98
N PRO C 149 23.78 0.92 9.67
CA PRO C 149 22.72 0.53 10.61
C PRO C 149 21.84 -0.63 10.14
N GLU C 150 21.97 -1.01 8.87
CA GLU C 150 21.30 -2.20 8.36
C GLU C 150 21.89 -3.45 9.01
N TYR C 151 23.00 -3.28 9.71
CA TYR C 151 23.66 -4.41 10.38
C TYR C 151 22.79 -5.00 11.51
N ARG C 152 22.39 -4.16 12.46
CA ARG C 152 21.51 -4.60 13.53
C ARG C 152 20.13 -4.96 12.94
N LYS C 153 20.00 -4.74 11.63
CA LYS C 153 18.83 -5.18 10.90
C LYS C 153 18.97 -6.68 10.68
N LYS C 154 20.04 -7.07 9.98
CA LYS C 154 20.33 -8.47 9.68
C LYS C 154 20.49 -9.26 10.97
N LEU C 155 20.88 -8.58 12.05
CA LEU C 155 21.10 -9.24 13.34
C LEU C 155 19.79 -9.64 13.98
N MET C 156 18.86 -8.68 14.06
CA MET C 156 17.50 -8.93 14.54
C MET C 156 16.91 -10.12 13.78
N ASP C 157 16.86 -9.98 12.47
CA ASP C 157 16.45 -11.05 11.58
C ASP C 157 17.30 -12.30 11.87
N GLY C 158 18.62 -12.13 11.83
CA GLY C 158 19.55 -13.23 11.90
C GLY C 158 19.74 -13.88 13.26
N LEU C 159 18.79 -13.62 14.15
CA LEU C 159 18.81 -14.23 15.47
C LEU C 159 17.53 -15.00 15.75
N THR C 160 16.58 -14.94 14.80
CA THR C 160 15.32 -15.64 14.95
C THR C 160 15.42 -17.06 14.38
N ASN C 161 16.55 -17.34 13.74
CA ASN C 161 16.77 -18.64 13.08
C ASN C 161 17.35 -19.68 14.01
N GLN C 162 17.83 -19.22 15.18
CA GLN C 162 18.34 -20.10 16.22
C GLN C 162 17.15 -20.51 17.08
N CYS C 163 16.25 -19.56 17.31
CA CYS C 163 14.97 -19.83 17.98
C CYS C 163 14.42 -21.14 17.44
N LYS C 164 14.55 -21.29 16.13
CA LYS C 164 14.21 -22.49 15.40
C LYS C 164 14.92 -23.74 15.91
N MET C 165 14.15 -24.79 16.18
CA MET C 165 14.67 -26.08 16.65
C MET C 165 15.41 -26.03 18.02
N ILE C 166 15.41 -24.85 18.69
CA ILE C 166 16.05 -24.72 20.02
C ILE C 166 15.67 -23.52 20.95
N ASN C 167 15.79 -22.28 20.45
CA ASN C 167 15.43 -21.00 21.14
C ASN C 167 16.12 -20.49 22.46
N GLU C 168 16.86 -19.37 22.33
CA GLU C 168 17.31 -18.49 23.44
C GLU C 168 18.21 -17.31 22.97
N GLN C 169 18.13 -16.16 23.67
CA GLN C 169 18.58 -14.82 23.18
C GLN C 169 20.02 -14.63 22.67
N PHE C 170 20.25 -13.46 22.03
CA PHE C 170 21.56 -12.78 21.85
C PHE C 170 22.76 -12.51 22.80
N GLU C 171 23.94 -13.03 22.45
CA GLU C 171 25.11 -12.90 23.32
C GLU C 171 26.09 -11.74 23.57
N PRO C 172 26.48 -11.01 22.52
CA PRO C 172 27.52 -9.99 22.65
C PRO C 172 27.24 -8.84 23.64
N LEU C 173 27.14 -7.62 23.11
CA LEU C 173 27.15 -6.40 23.93
C LEU C 173 27.27 -5.17 23.02
N VAL C 174 28.53 -4.87 22.66
CA VAL C 174 28.92 -3.62 22.02
C VAL C 174 28.41 -3.49 20.60
N PRO C 175 28.23 -2.25 20.14
CA PRO C 175 28.12 -1.97 18.70
C PRO C 175 29.40 -2.08 17.87
N GLU C 176 29.26 -1.94 16.56
CA GLU C 176 30.07 -2.72 15.61
C GLU C 176 31.25 -2.03 14.96
N GLY C 177 30.98 -1.19 13.97
CA GLY C 177 32.03 -0.50 13.23
C GLY C 177 33.25 -1.38 12.97
N ARG C 178 33.01 -2.68 12.85
CA ARG C 178 34.09 -3.67 12.83
C ARG C 178 34.95 -3.61 14.11
N ASP C 179 34.62 -4.47 15.08
CA ASP C 179 35.35 -4.48 16.32
C ASP C 179 34.92 -5.58 17.26
N ILE C 180 33.61 -5.85 17.32
CA ILE C 180 33.05 -6.79 18.33
C ILE C 180 33.33 -8.27 18.06
N PHE C 181 33.49 -8.60 16.78
CA PHE C 181 33.69 -9.95 16.27
C PHE C 181 33.72 -9.82 14.76
N ASP C 182 34.15 -8.66 14.30
CA ASP C 182 34.21 -8.36 12.89
C ASP C 182 35.61 -8.64 12.42
N VAL C 183 36.55 -8.59 13.35
CA VAL C 183 37.90 -9.05 13.08
C VAL C 183 37.82 -10.47 12.57
N TRP C 184 36.76 -11.17 12.97
CA TRP C 184 36.54 -12.56 12.58
C TRP C 184 36.76 -12.79 11.09
N GLY C 185 36.19 -11.91 10.28
CA GLY C 185 36.32 -12.02 8.84
C GLY C 185 37.76 -12.03 8.39
N ASN C 186 38.65 -11.48 9.21
CA ASN C 186 40.05 -11.35 8.83
C ASN C 186 40.90 -12.58 9.17
N ASP C 187 40.30 -13.54 9.84
CA ASP C 187 40.99 -14.77 10.19
C ASP C 187 41.00 -15.74 9.03
N SER C 188 42.15 -15.87 8.37
CA SER C 188 42.26 -16.71 7.19
C SER C 188 41.63 -18.10 7.34
N ASN C 189 41.47 -18.56 8.57
CA ASN C 189 40.94 -19.90 8.80
C ASN C 189 39.47 -19.91 9.08
N TYR C 190 38.96 -18.79 9.59
CA TYR C 190 37.54 -18.63 9.82
C TYR C 190 36.80 -18.65 8.48
N THR C 191 37.25 -17.79 7.56
CA THR C 191 36.67 -17.72 6.24
C THR C 191 36.72 -19.08 5.54
N LYS C 192 37.87 -19.77 5.60
CA LYS C 192 37.98 -21.06 4.95
C LYS C 192 36.92 -22.04 5.46
N ILE C 193 36.43 -21.84 6.68
CA ILE C 193 35.38 -22.69 7.25
C ILE C 193 34.00 -22.28 6.79
N VAL C 194 33.72 -20.97 6.81
CA VAL C 194 32.45 -20.46 6.35
C VAL C 194 32.29 -20.72 4.87
N ALA C 195 33.41 -20.67 4.13
CA ALA C 195 33.40 -20.93 2.70
C ALA C 195 33.07 -22.39 2.41
N ALA C 196 33.74 -23.29 3.13
CA ALA C 196 33.52 -24.72 2.96
C ALA C 196 32.16 -25.18 3.45
N VAL C 197 31.58 -24.47 4.43
CA VAL C 197 30.22 -24.77 4.88
C VAL C 197 29.21 -24.36 3.80
N ASP C 198 29.35 -23.14 3.27
CA ASP C 198 28.46 -22.64 2.23
C ASP C 198 28.53 -23.51 1.00
N MET C 199 29.76 -23.80 0.57
CA MET C 199 30.00 -24.65 -0.59
C MET C 199 29.45 -26.05 -0.45
N PHE C 200 29.57 -26.59 0.74
CA PHE C 200 29.06 -27.91 1.03
C PHE C 200 27.54 -27.95 0.94
N PHE C 201 26.88 -26.97 1.53
CA PHE C 201 25.42 -26.95 1.54
C PHE C 201 24.81 -26.34 0.28
N HIS C 202 25.66 -25.93 -0.66
CA HIS C 202 25.17 -25.53 -1.97
C HIS C 202 24.94 -26.80 -2.75
N MET C 203 25.84 -27.77 -2.55
CA MET C 203 25.74 -29.06 -3.20
C MET C 203 24.58 -29.88 -2.66
N PHE C 204 24.42 -29.91 -1.34
CA PHE C 204 23.32 -30.64 -0.72
C PHE C 204 22.28 -29.66 -0.23
N LYS C 205 21.70 -28.89 -1.15
CA LYS C 205 20.71 -27.87 -0.80
C LYS C 205 19.64 -28.44 0.14
N LYS C 206 19.50 -29.76 0.13
CA LYS C 206 18.37 -30.44 0.75
C LYS C 206 18.55 -30.86 2.21
N HIS C 207 19.76 -30.75 2.73
CA HIS C 207 20.11 -31.23 4.08
C HIS C 207 19.32 -30.56 5.22
N GLU C 208 19.26 -31.23 6.37
CA GLU C 208 18.56 -30.70 7.54
C GLU C 208 19.34 -29.53 8.13
N CYS C 209 20.66 -29.65 8.15
CA CYS C 209 21.53 -28.63 8.70
C CYS C 209 21.91 -27.58 7.64
N ALA C 210 21.24 -27.64 6.50
CA ALA C 210 21.50 -26.71 5.41
C ALA C 210 21.14 -25.28 5.82
N SER C 211 20.35 -25.17 6.88
CA SER C 211 19.95 -23.89 7.43
C SER C 211 21.13 -22.98 7.74
N PHE C 212 22.30 -23.59 7.93
CA PHE C 212 23.49 -22.88 8.36
C PHE C 212 23.86 -21.76 7.41
N ARG C 213 23.57 -21.97 6.13
CA ARG C 213 23.93 -21.00 5.11
C ARG C 213 23.39 -19.58 5.36
N TYR C 214 22.72 -19.34 6.50
CA TYR C 214 22.14 -18.03 6.72
C TYR C 214 23.18 -16.92 6.62
N GLY C 215 24.32 -17.12 7.28
CA GLY C 215 25.34 -16.09 7.26
C GLY C 215 26.50 -16.56 6.43
N THR C 216 26.43 -17.82 6.04
CA THR C 216 27.51 -18.44 5.31
C THR C 216 27.41 -18.13 3.83
N ILE C 217 26.28 -17.54 3.43
CA ILE C 217 26.00 -17.31 2.00
C ILE C 217 26.77 -16.15 1.36
N VAL C 218 26.84 -14.99 2.03
CA VAL C 218 27.47 -13.84 1.42
C VAL C 218 28.95 -14.08 1.22
N SER C 219 29.38 -15.30 1.45
CA SER C 219 30.71 -15.73 1.05
C SER C 219 30.78 -16.03 -0.45
N ARG C 220 29.72 -16.64 -0.96
CA ARG C 220 29.63 -17.00 -2.36
C ARG C 220 29.59 -15.79 -3.28
N PHE C 221 30.59 -15.72 -4.15
CA PHE C 221 30.78 -14.64 -5.10
C PHE C 221 31.17 -13.34 -4.40
N LYS C 222 31.93 -13.47 -3.32
CA LYS C 222 32.47 -12.32 -2.64
C LYS C 222 33.48 -11.64 -3.56
N ASP C 223 33.47 -10.32 -3.57
CA ASP C 223 34.36 -9.55 -4.44
C ASP C 223 34.20 -10.01 -5.90
N CYS C 224 32.97 -10.38 -6.27
CA CYS C 224 32.65 -10.86 -7.63
C CYS C 224 31.49 -10.13 -8.29
N ALA C 225 31.29 -8.87 -7.92
CA ALA C 225 30.16 -8.10 -8.42
C ALA C 225 30.04 -8.11 -9.93
N ALA C 226 30.95 -7.40 -10.60
CA ALA C 226 30.89 -7.21 -12.04
C ALA C 226 30.30 -8.41 -12.75
N LEU C 227 30.97 -9.52 -12.63
CA LEU C 227 30.58 -10.75 -13.27
C LEU C 227 29.17 -11.22 -12.87
N ALA C 228 28.35 -10.30 -12.38
CA ALA C 228 27.03 -10.64 -11.90
C ALA C 228 26.12 -9.44 -12.04
N THR C 229 26.71 -8.25 -12.16
CA THR C 229 25.95 -7.10 -12.64
C THR C 229 25.69 -7.43 -14.09
N PHE C 230 26.59 -8.22 -14.67
CA PHE C 230 26.52 -8.67 -16.06
C PHE C 230 25.35 -9.57 -16.33
N GLY C 231 25.04 -10.46 -15.41
CA GLY C 231 23.86 -11.28 -15.62
C GLY C 231 22.60 -10.51 -15.34
N HIS C 232 22.75 -9.42 -14.61
CA HIS C 232 21.60 -8.61 -14.22
C HIS C 232 21.22 -7.76 -15.42
N LEU C 233 22.24 -7.31 -16.16
CA LEU C 233 22.05 -6.57 -17.38
C LEU C 233 21.38 -7.46 -18.41
N CYS C 234 21.80 -8.71 -18.51
CA CYS C 234 21.13 -9.61 -19.43
C CYS C 234 19.66 -9.72 -19.07
N LYS C 235 19.37 -10.01 -17.82
CA LYS C 235 17.99 -10.25 -17.40
C LYS C 235 17.10 -9.07 -17.69
N ILE C 236 17.66 -7.86 -17.54
CA ILE C 236 16.83 -6.66 -17.57
C ILE C 236 16.61 -6.11 -18.97
N THR C 237 17.49 -6.49 -19.91
CA THR C 237 17.32 -6.21 -21.34
C THR C 237 16.69 -7.37 -22.11
N GLY C 238 16.43 -8.48 -21.46
CA GLY C 238 15.86 -9.63 -22.13
C GLY C 238 16.74 -10.18 -23.26
N MET C 239 17.98 -9.72 -23.34
CA MET C 239 18.88 -10.13 -24.41
C MET C 239 19.70 -11.33 -24.01
N SER C 240 20.39 -11.93 -24.97
CA SER C 240 21.16 -13.13 -24.73
C SER C 240 22.52 -12.73 -24.22
N THR C 241 23.22 -13.65 -23.58
CA THR C 241 24.50 -13.30 -23.06
C THR C 241 25.42 -12.85 -24.20
N GLU C 242 25.23 -13.44 -25.38
CA GLU C 242 26.09 -13.15 -26.52
C GLU C 242 25.70 -11.83 -27.17
N ASP C 243 24.40 -11.53 -27.17
CA ASP C 243 23.89 -10.31 -27.81
C ASP C 243 24.24 -9.08 -26.97
N VAL C 244 24.19 -9.22 -25.66
CA VAL C 244 24.63 -8.15 -24.76
C VAL C 244 26.06 -7.77 -25.03
N THR C 245 26.94 -8.76 -25.10
CA THR C 245 28.36 -8.52 -25.35
C THR C 245 28.59 -7.66 -26.59
N THR C 246 27.83 -7.91 -27.65
CA THR C 246 28.02 -7.20 -28.91
C THR C 246 27.77 -5.71 -28.76
N TRP C 247 26.91 -5.37 -27.81
CA TRP C 247 26.57 -3.98 -27.48
C TRP C 247 27.56 -3.24 -26.58
N ILE C 248 28.64 -3.90 -26.20
CA ILE C 248 29.75 -3.23 -25.56
C ILE C 248 30.39 -2.31 -26.59
N LEU C 249 30.57 -1.04 -26.25
CA LEU C 249 31.00 -0.07 -27.24
C LEU C 249 32.20 0.79 -26.82
N ASN C 250 32.95 0.40 -25.79
CA ASN C 250 34.16 1.13 -25.43
C ASN C 250 35.33 0.24 -25.05
N ARG C 251 36.52 0.60 -25.49
CA ARG C 251 37.70 -0.22 -25.26
C ARG C 251 37.78 -0.91 -23.87
N GLU C 252 37.58 -0.17 -22.77
CA GLU C 252 37.82 -0.75 -21.46
C GLU C 252 36.72 -1.72 -21.11
N VAL C 253 35.48 -1.34 -21.40
CA VAL C 253 34.41 -2.26 -21.07
C VAL C 253 34.68 -3.56 -21.79
N ALA C 254 35.17 -3.47 -23.02
CA ALA C 254 35.56 -4.67 -23.76
C ALA C 254 36.75 -5.37 -23.11
N ASP C 255 37.82 -4.63 -22.81
CA ASP C 255 38.98 -5.17 -22.10
C ASP C 255 38.52 -5.90 -20.85
N GLU C 256 37.68 -5.23 -20.09
CA GLU C 256 37.22 -5.76 -18.83
C GLU C 256 36.38 -7.00 -19.05
N MET C 257 35.59 -6.99 -20.11
CA MET C 257 34.73 -8.14 -20.38
C MET C 257 35.55 -9.37 -20.68
N VAL C 258 36.60 -9.21 -21.49
CA VAL C 258 37.52 -10.30 -21.81
C VAL C 258 38.09 -10.86 -20.53
N GLN C 259 38.60 -9.95 -19.70
CA GLN C 259 39.17 -10.28 -18.39
C GLN C 259 38.28 -11.24 -17.61
N MET C 260 37.02 -10.90 -17.46
CA MET C 260 36.10 -11.74 -16.69
C MET C 260 35.78 -13.05 -17.38
N MET C 261 35.84 -13.07 -18.71
CA MET C 261 35.37 -14.21 -19.47
C MET C 261 36.43 -15.25 -19.83
N LEU C 262 37.71 -14.88 -19.66
CA LEU C 262 38.84 -15.79 -19.89
C LEU C 262 38.50 -17.16 -19.36
N PRO C 263 38.72 -18.20 -20.20
CA PRO C 263 38.17 -19.54 -19.98
C PRO C 263 38.99 -20.42 -19.02
N GLY C 264 38.34 -21.51 -18.60
CA GLY C 264 38.91 -22.44 -17.64
C GLY C 264 38.96 -21.89 -16.22
N GLN C 265 37.80 -21.46 -15.73
CA GLN C 265 37.66 -20.89 -14.40
C GLN C 265 36.39 -21.39 -13.76
N GLU C 266 35.66 -22.23 -14.47
CA GLU C 266 34.40 -22.75 -14.00
C GLU C 266 33.38 -21.69 -13.55
N ILE C 267 33.42 -20.48 -14.10
CA ILE C 267 32.46 -19.47 -13.64
C ILE C 267 31.03 -19.94 -13.94
N ASP C 268 30.87 -20.73 -14.99
CA ASP C 268 29.55 -21.19 -15.36
C ASP C 268 29.22 -22.55 -14.76
N LYS C 269 30.17 -23.12 -14.03
CA LYS C 269 30.02 -24.48 -13.54
C LYS C 269 29.13 -24.50 -12.30
N ALA C 270 28.38 -25.59 -12.16
CA ALA C 270 27.37 -25.71 -11.10
C ALA C 270 27.95 -25.44 -9.72
N ASP C 271 28.56 -26.46 -9.12
CA ASP C 271 29.19 -26.31 -7.80
C ASP C 271 30.70 -26.45 -7.93
N SER C 272 31.39 -25.33 -8.03
CA SER C 272 32.84 -25.35 -8.11
C SER C 272 33.37 -24.55 -6.95
N TYR C 273 34.70 -24.46 -6.88
CA TYR C 273 35.41 -23.65 -5.89
C TYR C 273 35.40 -22.18 -6.26
N MET C 274 35.19 -21.88 -7.53
CA MET C 274 35.44 -20.52 -8.01
C MET C 274 34.71 -19.41 -7.24
N PRO C 275 33.40 -19.57 -6.97
CA PRO C 275 32.67 -18.52 -6.26
C PRO C 275 33.38 -18.06 -5.00
N TYR C 276 34.13 -18.97 -4.38
CA TYR C 276 34.77 -18.70 -3.11
C TYR C 276 36.23 -18.33 -3.27
N LEU C 277 36.61 -17.98 -4.49
CA LEU C 277 38.02 -17.73 -4.79
C LEU C 277 38.64 -16.80 -3.75
N ILE C 278 37.83 -15.99 -3.08
CA ILE C 278 38.39 -15.01 -2.14
C ILE C 278 38.54 -15.52 -0.70
N ASP C 279 37.50 -16.17 -0.19
CA ASP C 279 37.50 -16.67 1.19
C ASP C 279 38.28 -17.97 1.41
N PHE C 280 38.51 -18.74 0.36
CA PHE C 280 39.37 -19.92 0.43
C PHE C 280 40.81 -19.50 0.24
N GLY C 281 41.02 -18.21 0.06
CA GLY C 281 42.35 -17.73 -0.18
C GLY C 281 42.92 -18.31 -1.44
N LEU C 282 42.07 -18.59 -2.42
CA LEU C 282 42.51 -18.96 -3.78
C LEU C 282 43.09 -17.76 -4.51
N SER C 283 42.60 -16.57 -4.17
CA SER C 283 42.96 -15.36 -4.87
C SER C 283 42.93 -14.17 -3.94
N SER C 284 43.90 -13.27 -4.10
CA SER C 284 43.99 -12.10 -3.26
C SER C 284 43.38 -10.90 -3.95
N LYS C 285 43.52 -10.82 -5.27
CA LYS C 285 42.80 -9.82 -6.04
C LYS C 285 41.92 -10.48 -7.09
N SER C 286 40.65 -10.11 -7.10
CA SER C 286 39.64 -10.82 -7.89
C SER C 286 39.53 -10.27 -9.30
N PRO C 287 39.59 -11.15 -10.31
CA PRO C 287 39.35 -10.74 -11.70
C PRO C 287 37.91 -10.27 -11.90
N TYR C 288 37.01 -10.71 -11.02
CA TYR C 288 35.59 -10.44 -11.19
C TYR C 288 35.03 -9.32 -10.31
N SER C 289 35.90 -8.47 -9.77
CA SER C 289 35.47 -7.43 -8.84
C SER C 289 35.03 -6.18 -9.58
N SER C 290 34.07 -5.45 -9.00
CA SER C 290 33.63 -4.23 -9.60
C SER C 290 34.70 -3.15 -9.50
N VAL C 291 35.89 -3.50 -9.00
CA VAL C 291 36.96 -2.51 -8.87
C VAL C 291 38.03 -2.75 -9.93
N LYS C 292 38.10 -3.97 -10.44
CA LYS C 292 38.96 -4.24 -11.59
C LYS C 292 38.10 -4.27 -12.85
N ASN C 293 36.83 -3.92 -12.69
CA ASN C 293 35.89 -3.81 -13.80
C ASN C 293 35.07 -2.54 -13.66
N PRO C 294 35.73 -1.39 -13.42
CA PRO C 294 35.07 -0.12 -13.11
C PRO C 294 34.26 0.42 -14.29
N ALA C 295 34.79 0.31 -15.50
CA ALA C 295 34.02 0.76 -16.65
C ALA C 295 32.87 -0.19 -16.90
N PHE C 296 33.13 -1.49 -16.87
CA PHE C 296 32.06 -2.42 -17.15
C PHE C 296 30.99 -2.28 -16.12
N HIS C 297 31.36 -1.74 -14.97
CA HIS C 297 30.43 -1.60 -13.87
C HIS C 297 29.56 -0.37 -14.05
N PHE C 298 30.21 0.76 -14.32
CA PHE C 298 29.50 1.98 -14.61
C PHE C 298 28.58 1.75 -15.80
N TRP C 299 29.12 1.14 -16.84
CA TRP C 299 28.33 0.94 -18.02
C TRP C 299 27.10 0.10 -17.70
N GLY C 300 27.28 -1.15 -17.32
CA GLY C 300 26.17 -2.07 -17.12
C GLY C 300 25.14 -1.59 -16.11
N GLN C 301 25.58 -0.78 -15.16
CA GLN C 301 24.74 -0.38 -14.05
C GLN C 301 23.97 0.86 -14.46
N LEU C 302 24.63 1.76 -15.19
CA LEU C 302 23.95 2.94 -15.70
C LEU C 302 22.85 2.53 -16.68
N THR C 303 23.22 1.66 -17.60
CA THR C 303 22.29 1.13 -18.58
C THR C 303 21.09 0.48 -17.89
N ALA C 304 21.32 -0.33 -16.85
CA ALA C 304 20.24 -1.05 -16.22
C ALA C 304 19.37 -0.05 -15.46
N LEU C 305 19.97 1.03 -15.01
CA LEU C 305 19.22 2.05 -14.30
C LEU C 305 18.25 2.74 -15.23
N LEU C 306 18.71 3.06 -16.42
CA LEU C 306 17.86 3.67 -17.44
C LEU C 306 16.70 2.73 -17.83
N LEU C 307 16.94 1.43 -17.72
CA LEU C 307 15.91 0.44 -18.07
C LEU C 307 15.03 0.09 -16.88
N ARG C 308 15.11 0.88 -15.82
CA ARG C 308 14.25 0.71 -14.64
C ARG C 308 14.71 -0.22 -13.49
N SER C 309 16.00 -0.55 -13.42
CA SER C 309 16.50 -1.35 -12.31
C SER C 309 16.28 -0.59 -11.02
N THR C 310 15.91 -1.28 -9.96
CA THR C 310 15.88 -0.64 -8.64
C THR C 310 17.21 -0.96 -7.99
N ARG C 311 17.64 -2.20 -8.15
CA ARG C 311 18.95 -2.65 -7.71
C ARG C 311 20.03 -1.60 -8.02
N ALA C 312 19.90 -0.89 -9.12
CA ALA C 312 21.01 -0.07 -9.62
C ALA C 312 21.03 1.36 -9.13
N ARG C 313 19.92 1.84 -8.59
CA ARG C 313 19.86 3.19 -8.05
C ARG C 313 21.03 3.42 -7.10
N ASN C 314 21.45 2.37 -6.42
CA ASN C 314 22.42 2.50 -5.33
C ASN C 314 23.80 1.90 -5.57
N ALA C 315 24.11 1.64 -6.84
CA ALA C 315 25.45 1.20 -7.18
C ALA C 315 26.36 2.38 -7.03
N ARG C 316 27.61 2.11 -6.68
CA ARG C 316 28.57 3.19 -6.45
C ARG C 316 29.32 3.53 -7.73
N GLN C 317 29.59 4.81 -7.90
CA GLN C 317 30.15 5.33 -9.14
C GLN C 317 31.67 5.34 -9.10
N PRO C 318 32.31 4.39 -9.83
CA PRO C 318 33.75 4.27 -9.86
C PRO C 318 34.41 5.58 -10.18
N ASP C 319 35.64 5.75 -9.73
CA ASP C 319 36.44 6.90 -10.11
C ASP C 319 37.38 6.43 -11.20
N ASP C 320 38.05 7.38 -11.84
CA ASP C 320 39.07 7.08 -12.85
C ASP C 320 38.54 6.16 -13.97
N ILE C 321 37.29 6.40 -14.38
CA ILE C 321 36.76 5.88 -15.63
C ILE C 321 36.36 7.03 -16.56
N GLU C 322 36.13 6.72 -17.82
CA GLU C 322 35.80 7.76 -18.80
C GLU C 322 34.29 7.98 -18.81
N TYR C 323 33.84 8.93 -17.99
CA TYR C 323 32.41 9.07 -17.71
C TYR C 323 31.56 9.38 -18.92
N THR C 324 31.95 10.37 -19.70
CA THR C 324 31.08 10.89 -20.77
C THR C 324 30.80 9.88 -21.87
N SER C 325 31.85 9.20 -22.32
CA SER C 325 31.71 8.27 -23.44
C SER C 325 31.03 7.01 -22.98
N LEU C 326 31.27 6.65 -21.72
CA LEU C 326 30.69 5.45 -21.16
C LEU C 326 29.19 5.67 -21.02
N THR C 327 28.77 6.85 -20.61
CA THR C 327 27.34 7.08 -20.37
C THR C 327 26.59 7.15 -21.69
N THR C 328 27.11 7.93 -22.63
CA THR C 328 26.52 7.98 -23.97
C THR C 328 26.31 6.58 -24.56
N ALA C 329 27.35 5.76 -24.47
CA ALA C 329 27.29 4.39 -24.90
C ALA C 329 26.19 3.60 -24.20
N GLY C 330 25.85 3.99 -22.98
CA GLY C 330 24.83 3.30 -22.23
C GLY C 330 23.46 3.87 -22.51
N LEU C 331 23.41 5.17 -22.76
CA LEU C 331 22.18 5.80 -23.23
C LEU C 331 21.71 5.13 -24.52
N LEU C 332 22.62 5.02 -25.50
CA LEU C 332 22.28 4.41 -26.78
C LEU C 332 21.68 3.05 -26.58
N TYR C 333 22.34 2.24 -25.73
CA TYR C 333 21.92 0.87 -25.44
C TYR C 333 20.58 0.82 -24.72
N ALA C 334 20.38 1.77 -23.82
CA ALA C 334 19.14 1.85 -23.07
C ALA C 334 18.03 2.28 -24.02
N TYR C 335 18.32 3.25 -24.87
CA TYR C 335 17.34 3.77 -25.80
C TYR C 335 16.93 2.73 -26.82
N ALA C 336 17.88 1.89 -27.24
CA ALA C 336 17.56 0.79 -28.14
C ALA C 336 16.53 -0.11 -27.50
N VAL C 337 16.95 -0.84 -26.46
CA VAL C 337 16.07 -1.74 -25.72
C VAL C 337 14.74 -1.12 -25.26
N GLY C 338 14.73 0.19 -25.10
CA GLY C 338 13.61 0.86 -24.47
C GLY C 338 12.48 1.18 -25.42
N SER C 339 12.83 1.69 -26.59
CA SER C 339 11.82 2.14 -27.54
C SER C 339 11.24 0.94 -28.30
N SER C 340 12.10 0.13 -28.89
CA SER C 340 11.62 -1.04 -29.63
C SER C 340 11.44 -2.27 -28.73
N ALA C 341 10.23 -2.44 -28.22
CA ALA C 341 9.89 -3.61 -27.41
C ALA C 341 10.18 -4.91 -28.15
N ASP C 342 10.01 -6.03 -27.47
CA ASP C 342 9.98 -7.33 -28.12
C ASP C 342 8.62 -8.00 -27.98
N LEU C 343 7.57 -7.26 -28.30
CA LEU C 343 6.25 -7.84 -28.49
C LEU C 343 6.29 -8.96 -29.53
N ALA C 344 5.24 -9.78 -29.56
CA ALA C 344 5.15 -10.87 -30.50
C ALA C 344 4.18 -11.86 -29.94
N GLN C 345 3.12 -12.13 -30.69
CA GLN C 345 2.15 -13.13 -30.30
C GLN C 345 2.83 -14.43 -29.82
N GLN C 346 2.34 -15.00 -28.72
CA GLN C 346 2.90 -16.24 -28.17
C GLN C 346 1.91 -17.40 -28.17
N PHE C 347 0.63 -17.08 -27.96
CA PHE C 347 -0.44 -18.07 -28.09
C PHE C 347 -1.56 -17.65 -29.09
N CYS C 348 -2.31 -18.64 -29.61
CA CYS C 348 -3.36 -18.36 -30.58
C CYS C 348 -4.45 -19.44 -30.59
N VAL C 349 -5.58 -19.11 -31.21
CA VAL C 349 -6.64 -20.10 -31.44
C VAL C 349 -6.91 -20.40 -32.94
N GLY C 350 -5.84 -20.70 -33.70
CA GLY C 350 -5.93 -20.92 -35.14
C GLY C 350 -5.59 -19.69 -35.97
N ASP C 351 -5.64 -18.50 -35.36
CA ASP C 351 -5.27 -17.26 -36.05
C ASP C 351 -4.16 -16.50 -35.33
N ASN C 352 -3.25 -15.91 -36.09
CA ASN C 352 -2.09 -15.23 -35.50
C ASN C 352 -1.41 -14.22 -36.40
N LYS C 353 -0.93 -13.14 -35.81
CA LYS C 353 -0.37 -12.04 -36.59
C LYS C 353 0.94 -12.43 -37.25
N TYR C 354 0.88 -12.61 -38.57
CA TYR C 354 2.07 -12.80 -39.39
C TYR C 354 2.74 -11.46 -39.66
N THR C 355 3.65 -11.11 -38.74
CA THR C 355 4.07 -9.73 -38.55
C THR C 355 4.74 -9.02 -39.73
N PRO C 356 5.80 -9.63 -40.31
CA PRO C 356 6.58 -8.97 -41.39
C PRO C 356 5.78 -8.48 -42.61
N THR C 365 12.86 8.40 -43.18
CA THR C 365 14.27 8.43 -42.82
C THR C 365 14.48 9.07 -41.45
N ASN C 366 15.60 8.73 -40.82
CA ASN C 366 16.04 9.34 -39.55
C ASN C 366 15.28 8.82 -38.33
N ALA C 367 14.17 8.13 -38.58
CA ALA C 367 13.47 7.43 -37.51
C ALA C 367 14.23 6.14 -37.18
N PRO C 368 14.59 5.97 -35.91
CA PRO C 368 15.53 4.98 -35.43
C PRO C 368 15.13 3.52 -35.75
N PRO C 369 16.13 2.63 -35.84
CA PRO C 369 16.05 1.22 -36.21
C PRO C 369 14.96 0.40 -35.55
N GLN C 370 14.64 -0.72 -36.18
CA GLN C 370 13.44 -1.50 -35.91
C GLN C 370 13.60 -2.50 -34.77
N GLY C 371 14.81 -3.03 -34.62
CA GLY C 371 15.05 -4.07 -33.63
C GLY C 371 16.09 -3.62 -32.66
N ARG C 372 17.00 -4.53 -32.30
CA ARG C 372 18.08 -4.22 -31.37
C ARG C 372 19.42 -4.70 -31.89
N ASP C 373 19.68 -4.51 -33.17
CA ASP C 373 20.97 -4.88 -33.71
C ASP C 373 22.01 -3.79 -33.54
N VAL C 374 23.17 -4.19 -33.03
CA VAL C 374 24.22 -3.26 -32.66
C VAL C 374 24.66 -2.42 -33.83
N VAL C 375 24.49 -2.99 -35.02
CA VAL C 375 24.98 -2.34 -36.23
C VAL C 375 23.97 -1.36 -36.80
N GLU C 376 22.74 -1.81 -36.99
CA GLU C 376 21.71 -0.90 -37.42
C GLU C 376 21.76 0.36 -36.54
N TRP C 377 21.85 0.16 -35.23
CA TRP C 377 21.80 1.27 -34.29
C TRP C 377 23.03 2.14 -34.31
N LEU C 378 24.19 1.51 -34.33
CA LEU C 378 25.44 2.23 -34.50
C LEU C 378 25.45 3.14 -35.75
N GLY C 379 24.80 2.67 -36.82
CA GLY C 379 24.68 3.43 -38.06
C GLY C 379 23.72 4.60 -37.96
N TRP C 380 22.55 4.35 -37.39
CA TRP C 380 21.61 5.42 -37.10
C TRP C 380 22.22 6.51 -36.21
N PHE C 381 23.15 6.14 -35.33
CA PHE C 381 23.82 7.09 -34.44
C PHE C 381 24.87 7.90 -35.23
N GLU C 382 25.62 7.21 -36.09
CA GLU C 382 26.48 7.90 -37.06
C GLU C 382 25.71 9.00 -37.79
N ASP C 383 24.63 8.60 -38.45
CA ASP C 383 23.69 9.52 -39.11
C ASP C 383 23.28 10.70 -38.23
N GLN C 384 23.16 10.50 -36.93
CA GLN C 384 22.63 11.54 -36.08
C GLN C 384 23.69 12.49 -35.55
N ASN C 385 24.92 12.36 -36.08
CA ASN C 385 26.08 13.18 -35.67
C ASN C 385 26.84 12.61 -34.48
N ARG C 386 26.67 11.31 -34.22
CA ARG C 386 27.23 10.69 -33.03
C ARG C 386 27.01 11.55 -31.78
N LYS C 387 25.88 12.26 -31.78
CA LYS C 387 25.49 13.20 -30.74
C LYS C 387 24.00 12.99 -30.50
N PRO C 388 23.65 12.41 -29.35
CA PRO C 388 22.30 11.85 -29.10
C PRO C 388 21.14 12.79 -29.43
N THR C 389 20.10 12.24 -30.04
CA THR C 389 18.88 12.98 -30.37
C THR C 389 18.16 13.54 -29.14
N PRO C 390 17.20 14.45 -29.34
CA PRO C 390 16.55 15.06 -28.17
C PRO C 390 15.44 14.19 -27.62
N ASP C 391 15.12 13.08 -28.28
CA ASP C 391 14.17 12.14 -27.73
C ASP C 391 14.88 11.15 -26.84
N MET C 392 15.97 10.58 -27.33
CA MET C 392 16.72 9.67 -26.49
C MET C 392 17.23 10.41 -25.26
N MET C 393 17.34 11.72 -25.37
CA MET C 393 17.67 12.53 -24.22
C MET C 393 16.43 12.72 -23.30
N GLN C 394 15.26 12.79 -23.90
CA GLN C 394 14.01 12.89 -23.16
C GLN C 394 13.74 11.56 -22.50
N TYR C 395 14.15 10.48 -23.17
CA TYR C 395 13.99 9.13 -22.64
C TYR C 395 14.69 9.03 -21.29
N ALA C 396 15.96 9.41 -21.28
CA ALA C 396 16.79 9.39 -20.09
C ALA C 396 16.17 10.21 -18.97
N LYS C 397 15.60 11.36 -19.33
CA LYS C 397 14.97 12.23 -18.34
C LYS C 397 13.79 11.56 -17.65
N ARG C 398 12.94 10.90 -18.42
CA ARG C 398 11.80 10.20 -17.85
C ARG C 398 12.19 9.00 -16.96
N ALA C 399 13.40 8.48 -17.14
CA ALA C 399 13.84 7.31 -16.39
C ALA C 399 14.57 7.70 -15.10
N VAL C 400 14.90 8.98 -14.96
CA VAL C 400 15.63 9.40 -13.78
C VAL C 400 14.90 10.43 -12.88
N MET C 401 14.28 11.45 -13.48
CA MET C 401 13.36 12.30 -12.72
C MET C 401 12.39 11.38 -11.98
N SER C 402 11.99 11.75 -10.78
CA SER C 402 11.06 10.93 -9.98
C SER C 402 11.75 9.73 -9.33
N LEU C 403 13.06 9.77 -9.22
CA LEU C 403 13.78 8.90 -8.32
C LEU C 403 14.09 9.75 -7.11
N GLN C 404 14.09 9.16 -5.90
CA GLN C 404 14.54 9.87 -4.71
C GLN C 404 15.26 9.00 -3.71
N GLY C 405 15.83 9.64 -2.68
CA GLY C 405 16.56 8.95 -1.64
C GLY C 405 17.87 8.49 -2.21
N LEU C 406 18.57 9.43 -2.84
CA LEU C 406 19.75 9.09 -3.63
C LEU C 406 21.04 9.40 -2.90
N ARG C 407 21.77 8.33 -2.58
CA ARG C 407 23.02 8.46 -1.86
C ARG C 407 24.09 9.11 -2.74
N GLU C 408 24.96 9.90 -2.13
CA GLU C 408 26.07 10.53 -2.83
C GLU C 408 27.02 9.46 -3.40
N LYS C 409 27.47 9.70 -4.64
CA LYS C 409 28.39 8.80 -5.30
C LYS C 409 27.76 7.46 -5.65
N THR C 410 26.47 7.43 -5.97
CA THR C 410 25.90 6.25 -6.63
C THR C 410 25.63 6.53 -8.10
N ILE C 411 25.65 5.52 -8.95
CA ILE C 411 25.38 5.77 -10.38
C ILE C 411 23.97 6.30 -10.53
N GLY C 412 23.14 6.14 -9.53
CA GLY C 412 21.81 6.73 -9.57
C GLY C 412 21.85 8.24 -9.40
N LYS C 413 22.56 8.72 -8.37
CA LYS C 413 22.61 10.16 -8.15
C LYS C 413 23.40 10.76 -9.29
N TYR C 414 24.24 9.95 -9.91
CA TYR C 414 24.98 10.42 -11.08
C TYR C 414 24.03 10.65 -12.23
N ALA C 415 23.18 9.68 -12.47
CA ALA C 415 22.26 9.74 -13.58
C ALA C 415 21.24 10.87 -13.41
N LYS C 416 20.64 11.04 -12.23
CA LYS C 416 19.62 12.07 -12.12
C LYS C 416 20.20 13.46 -12.29
N SER C 417 21.43 13.68 -11.81
CA SER C 417 22.08 14.98 -11.99
C SER C 417 22.40 15.21 -13.46
N GLU C 418 22.64 14.15 -14.21
CA GLU C 418 23.06 14.28 -15.61
C GLU C 418 21.89 14.35 -16.59
N PHE C 419 20.74 13.85 -16.20
CA PHE C 419 19.63 13.82 -17.14
C PHE C 419 18.40 14.61 -16.71
N ASP C 420 18.18 14.80 -15.41
CA ASP C 420 17.02 15.59 -14.94
C ASP C 420 17.43 17.03 -14.78
N LYS C 421 17.17 17.80 -15.82
CA LYS C 421 17.32 19.25 -15.77
C LYS C 421 17.06 19.81 -17.17
N SER D 1 60.42 43.45 -27.37
CA SER D 1 59.95 43.93 -26.07
C SER D 1 61.05 43.94 -24.98
N VAL D 2 62.29 44.23 -25.36
CA VAL D 2 63.38 44.30 -24.36
C VAL D 2 63.50 45.72 -23.83
N THR D 3 63.38 46.68 -24.75
CA THR D 3 63.58 48.09 -24.43
C THR D 3 62.29 48.92 -24.48
N VAL D 4 61.92 49.49 -23.34
CA VAL D 4 60.68 50.25 -23.25
C VAL D 4 60.97 51.73 -23.07
N LYS D 5 60.47 52.54 -23.99
CA LYS D 5 60.61 54.00 -23.84
C LYS D 5 59.27 54.67 -23.54
N ARG D 6 59.34 55.86 -22.98
CA ARG D 6 58.12 56.54 -22.55
C ARG D 6 57.81 57.68 -23.50
N ILE D 7 56.66 57.62 -24.18
CA ILE D 7 56.54 58.51 -25.33
C ILE D 7 56.73 60.00 -24.97
N ILE D 8 56.03 60.50 -23.96
CA ILE D 8 55.98 61.95 -23.77
C ILE D 8 57.34 62.65 -23.62
N ASP D 9 58.34 61.98 -23.05
CA ASP D 9 59.65 62.61 -22.93
C ASP D 9 60.74 61.75 -23.55
N ASN D 10 60.33 60.62 -24.09
CA ASN D 10 61.23 59.68 -24.76
C ASN D 10 62.39 59.11 -23.91
N THR D 11 62.20 59.02 -22.60
CA THR D 11 63.20 58.41 -21.72
C THR D 11 62.98 56.91 -21.52
N VAL D 12 64.01 56.22 -21.05
CA VAL D 12 63.93 54.78 -20.90
C VAL D 12 63.37 54.43 -19.53
N ILE D 13 62.49 53.43 -19.51
CA ILE D 13 62.04 52.81 -18.27
C ILE D 13 62.43 51.31 -18.31
N VAL D 14 62.82 50.76 -17.16
CA VAL D 14 63.22 49.37 -17.10
C VAL D 14 62.34 48.59 -16.14
N PRO D 15 61.24 48.04 -16.67
CA PRO D 15 60.32 47.29 -15.84
C PRO D 15 60.99 46.05 -15.31
N LYS D 16 61.25 46.06 -14.02
CA LYS D 16 61.69 44.87 -13.32
C LYS D 16 60.68 44.64 -12.22
N LEU D 17 60.71 43.46 -11.62
CA LEU D 17 59.87 43.21 -10.46
C LEU D 17 60.51 42.15 -9.49
N PRO D 18 60.17 42.22 -8.20
CA PRO D 18 60.87 41.44 -7.16
C PRO D 18 61.28 40.04 -7.60
N ALA D 19 62.39 39.58 -7.05
CA ALA D 19 62.90 38.23 -7.32
C ALA D 19 61.92 37.17 -6.84
N ASN D 20 62.25 35.91 -7.12
CA ASN D 20 61.50 34.78 -6.61
C ASN D 20 62.16 33.53 -7.14
N GLU D 21 62.45 32.60 -6.24
CA GLU D 21 63.19 31.41 -6.65
C GLU D 21 62.70 30.12 -6.01
N ASP D 22 63.40 29.67 -4.97
CA ASP D 22 63.39 28.26 -4.57
C ASP D 22 63.06 27.33 -5.73
N PRO D 23 64.10 26.94 -6.48
CA PRO D 23 63.99 25.86 -7.46
C PRO D 23 63.36 24.64 -6.81
N VAL D 24 62.86 23.72 -7.62
CA VAL D 24 62.48 22.44 -7.09
C VAL D 24 63.75 21.63 -6.87
N GLU D 25 63.64 20.44 -6.30
CA GLU D 25 64.78 19.55 -6.16
C GLU D 25 64.29 18.14 -6.49
N TYR D 26 65.03 17.41 -7.31
CA TYR D 26 64.60 16.08 -7.79
C TYR D 26 65.25 14.99 -6.97
N PRO D 27 64.60 13.82 -6.89
CA PRO D 27 65.17 12.66 -6.19
C PRO D 27 66.57 12.35 -6.68
N ALA D 28 66.68 11.98 -7.94
CA ALA D 28 67.97 11.58 -8.49
C ALA D 28 69.05 12.62 -8.20
N ASP D 29 68.82 13.86 -8.61
CA ASP D 29 69.79 14.94 -8.43
C ASP D 29 69.95 15.16 -6.91
N TYR D 30 69.92 14.07 -6.14
CA TYR D 30 70.20 14.05 -4.70
C TYR D 30 71.09 12.89 -4.35
N PHE D 31 70.72 11.69 -4.79
CA PHE D 31 71.56 10.51 -4.59
C PHE D 31 72.90 10.66 -5.31
N ARG D 32 73.07 11.79 -5.99
CA ARG D 32 74.36 12.14 -6.57
C ARG D 32 75.28 12.81 -5.54
N LYS D 33 74.72 13.12 -4.35
CA LYS D 33 75.52 13.55 -3.21
C LYS D 33 75.70 12.33 -2.30
N SER D 34 74.97 12.34 -1.17
CA SER D 34 74.89 11.19 -0.27
C SER D 34 74.33 9.94 -0.99
N LYS D 35 74.71 8.75 -0.51
CA LYS D 35 74.11 7.50 -1.03
C LYS D 35 73.49 6.63 0.07
N GLU D 36 72.96 7.29 1.09
CA GLU D 36 72.27 6.62 2.18
C GLU D 36 71.18 7.55 2.71
N ILE D 37 70.12 6.97 3.27
CA ILE D 37 69.10 7.77 3.95
C ILE D 37 69.19 7.55 5.48
N PRO D 38 69.80 8.52 6.18
CA PRO D 38 70.10 8.47 7.62
C PRO D 38 68.85 8.48 8.50
N LEU D 39 68.69 7.45 9.32
CA LEU D 39 67.61 7.42 10.31
C LEU D 39 68.16 7.56 11.73
N TYR D 40 68.25 8.79 12.21
CA TYR D 40 68.74 9.06 13.56
C TYR D 40 67.70 8.68 14.61
N ILE D 41 67.57 7.39 14.86
CA ILE D 41 67.33 6.89 16.22
C ILE D 41 68.54 7.14 17.11
N ASN D 42 68.61 8.32 17.71
CA ASN D 42 69.71 8.69 18.58
C ASN D 42 70.04 7.60 19.58
N THR D 43 69.00 7.06 20.22
CA THR D 43 69.17 6.28 21.43
C THR D 43 68.66 4.85 21.27
N THR D 44 69.30 3.94 21.98
CA THR D 44 68.80 2.59 22.15
C THR D 44 68.80 2.22 23.64
N LYS D 45 67.66 2.45 24.29
CA LYS D 45 67.43 1.97 25.64
C LYS D 45 66.95 0.54 25.54
N SER D 46 65.72 0.29 25.98
CA SER D 46 65.17 -1.05 25.93
C SER D 46 63.76 -1.04 25.36
N LEU D 47 63.46 -2.02 24.51
CA LEU D 47 62.13 -2.14 23.92
C LEU D 47 61.05 -2.18 25.00
N SER D 48 61.26 -3.01 26.01
CA SER D 48 60.30 -3.15 27.10
C SER D 48 60.13 -1.82 27.82
N ASP D 49 61.26 -1.23 28.22
CA ASP D 49 61.26 0.10 28.82
C ASP D 49 60.39 1.06 28.00
N LEU D 50 60.70 1.13 26.70
CA LEU D 50 60.05 2.05 25.73
C LEU D 50 58.55 1.80 25.57
N ARG D 51 58.20 0.53 25.38
CA ARG D 51 56.81 0.09 25.37
C ARG D 51 55.98 0.79 26.44
N GLY D 52 56.57 0.97 27.62
CA GLY D 52 55.92 1.63 28.74
C GLY D 52 55.86 3.14 28.58
N TYR D 53 57.03 3.77 28.48
CA TYR D 53 57.13 5.22 28.35
C TYR D 53 55.97 5.76 27.53
N VAL D 54 55.77 5.18 26.35
CA VAL D 54 54.71 5.57 25.42
C VAL D 54 53.33 5.28 25.99
N TYR D 55 53.08 4.00 26.29
CA TYR D 55 51.78 3.55 26.77
C TYR D 55 51.19 4.57 27.73
N GLN D 56 52.04 5.11 28.61
CA GLN D 56 51.62 6.16 29.55
C GLN D 56 51.66 7.54 28.90
N GLY D 57 52.83 7.91 28.37
CA GLY D 57 53.01 9.19 27.74
C GLY D 57 51.85 9.47 26.80
N LEU D 58 51.17 8.39 26.39
CA LEU D 58 50.05 8.45 25.45
C LEU D 58 48.73 8.90 26.09
N LYS D 59 48.56 8.59 27.37
CA LYS D 59 47.43 9.12 28.12
C LYS D 59 47.80 10.50 28.70
N SER D 60 48.56 11.28 27.93
CA SER D 60 49.07 12.56 28.42
C SER D 60 49.73 13.35 27.29
N GLY D 61 49.51 14.67 27.30
CA GLY D 61 50.02 15.54 26.26
C GLY D 61 51.48 15.92 26.40
N ASN D 62 52.36 14.91 26.36
CA ASN D 62 53.79 15.15 26.50
C ASN D 62 54.62 13.88 26.34
N VAL D 63 54.11 12.92 25.56
CA VAL D 63 54.92 11.77 25.17
C VAL D 63 55.97 12.30 24.20
N SER D 64 57.23 11.90 24.40
CA SER D 64 58.29 12.47 23.57
C SER D 64 58.43 11.71 22.25
N ILE D 65 58.54 12.50 21.19
CA ILE D 65 58.63 11.95 19.84
C ILE D 65 59.95 11.18 19.66
N ILE D 66 60.92 11.43 20.54
CA ILE D 66 62.17 10.71 20.49
C ILE D 66 61.96 9.29 21.00
N HIS D 67 60.89 9.13 21.78
CA HIS D 67 60.54 7.85 22.36
C HIS D 67 59.80 6.95 21.38
N VAL D 68 58.76 7.48 20.73
CA VAL D 68 58.01 6.71 19.72
C VAL D 68 58.90 6.23 18.56
N ASN D 69 59.76 7.12 18.08
CA ASN D 69 60.76 6.73 17.09
C ASN D 69 61.46 5.47 17.54
N SER D 70 61.84 5.45 18.82
CA SER D 70 62.60 4.34 19.38
C SER D 70 61.73 3.11 19.67
N TYR D 71 60.49 3.32 20.12
CA TYR D 71 59.58 2.20 20.26
C TYR D 71 59.33 1.52 18.92
N LEU D 72 59.11 2.33 17.89
CA LEU D 72 58.87 1.83 16.54
C LEU D 72 60.06 1.05 15.99
N TYR D 73 61.23 1.68 15.90
CA TYR D 73 62.44 0.94 15.56
C TYR D 73 62.45 -0.34 16.37
N GLY D 74 62.18 -0.22 17.67
CA GLY D 74 62.13 -1.34 18.56
C GLY D 74 61.19 -2.42 18.07
N ALA D 75 59.94 -2.03 17.80
CA ALA D 75 58.88 -2.99 17.51
C ALA D 75 58.80 -3.48 16.06
N LEU D 76 59.69 -2.98 15.20
CA LEU D 76 59.51 -3.22 13.77
C LEU D 76 60.61 -4.00 13.05
N LYS D 77 61.53 -4.66 13.74
CA LYS D 77 62.45 -5.48 12.97
C LYS D 77 61.97 -6.91 12.82
N ASP D 78 60.73 -7.02 12.37
CA ASP D 78 60.33 -8.16 11.56
C ASP D 78 61.11 -8.05 10.24
N ILE D 79 62.38 -8.46 10.29
CA ILE D 79 63.20 -8.53 9.08
C ILE D 79 62.52 -9.61 8.20
N ARG D 80 61.24 -9.34 7.92
CA ARG D 80 60.24 -10.36 7.59
C ARG D 80 59.78 -10.32 6.13
N GLY D 81 60.72 -10.24 5.19
CA GLY D 81 60.36 -10.26 3.77
C GLY D 81 61.41 -10.84 2.85
N LYS D 82 60.97 -11.71 1.92
CA LYS D 82 61.88 -12.33 0.93
C LYS D 82 61.65 -11.79 -0.47
N LEU D 83 62.68 -11.17 -1.04
CA LEU D 83 62.61 -10.70 -2.41
C LEU D 83 62.46 -11.87 -3.37
N ASP D 84 61.38 -11.85 -4.14
CA ASP D 84 61.25 -12.82 -5.23
C ASP D 84 62.14 -12.38 -6.41
N LYS D 85 62.32 -11.07 -6.56
CA LYS D 85 63.17 -10.51 -7.61
C LYS D 85 64.14 -9.47 -7.05
N ASP D 86 64.93 -8.86 -7.92
CA ASP D 86 65.90 -7.84 -7.51
C ASP D 86 65.21 -6.56 -7.03
N TRP D 87 65.91 -5.79 -6.19
CA TRP D 87 65.42 -4.46 -5.81
C TRP D 87 66.53 -3.40 -5.88
N SER D 88 66.33 -2.39 -6.74
CA SER D 88 67.28 -1.30 -6.91
C SER D 88 66.56 0.04 -6.98
N SER D 89 67.32 1.12 -6.95
CA SER D 89 66.77 2.47 -7.08
C SER D 89 67.83 3.56 -6.92
N PHE D 90 67.98 4.39 -7.96
CA PHE D 90 68.90 5.52 -7.92
C PHE D 90 70.33 5.11 -7.57
N GLY D 91 70.69 3.88 -7.93
CA GLY D 91 72.00 3.35 -7.59
C GLY D 91 71.88 2.45 -6.39
N ILE D 92 71.41 3.03 -5.28
CA ILE D 92 71.23 2.32 -4.00
C ILE D 92 70.69 0.92 -4.18
N ASN D 93 71.51 -0.07 -3.85
CA ASN D 93 71.11 -1.46 -4.04
C ASN D 93 70.53 -2.04 -2.78
N ILE D 94 69.21 -1.99 -2.66
CA ILE D 94 68.50 -2.48 -1.47
C ILE D 94 68.77 -3.96 -1.15
N GLY D 95 68.52 -4.85 -2.11
CA GLY D 95 68.77 -6.26 -1.93
C GLY D 95 69.01 -7.00 -3.23
N LYS D 96 68.93 -8.33 -3.18
CA LYS D 96 68.99 -9.14 -4.39
C LYS D 96 68.24 -10.47 -4.23
N ALA D 97 67.60 -10.90 -5.33
CA ALA D 97 66.61 -12.00 -5.34
C ALA D 97 66.85 -13.20 -4.41
N GLY D 98 65.76 -13.68 -3.80
CA GLY D 98 65.82 -14.75 -2.82
C GLY D 98 66.07 -14.23 -1.42
N ASP D 99 66.76 -13.09 -1.38
CA ASP D 99 67.21 -12.43 -0.15
C ASP D 99 66.16 -12.28 0.94
N THR D 100 66.62 -11.99 2.15
CA THR D 100 65.74 -11.57 3.25
C THR D 100 66.07 -10.14 3.69
N ILE D 101 65.04 -9.29 3.70
CA ILE D 101 65.19 -7.90 4.12
C ILE D 101 64.08 -7.46 5.07
N GLY D 102 64.42 -6.50 5.93
CA GLY D 102 63.46 -5.90 6.83
C GLY D 102 63.34 -4.41 6.62
N ILE D 103 62.26 -3.83 7.15
CA ILE D 103 61.97 -2.42 6.95
C ILE D 103 63.21 -1.54 6.93
N PHE D 104 63.98 -1.57 8.01
CA PHE D 104 65.04 -0.59 8.18
C PHE D 104 66.30 -0.90 7.40
N ASP D 105 66.18 -1.80 6.42
CA ASP D 105 67.23 -2.00 5.44
C ASP D 105 67.30 -0.79 4.51
N LEU D 106 67.07 0.37 5.13
CA LEU D 106 67.26 1.70 4.54
C LEU D 106 67.94 2.67 5.58
N VAL D 107 69.08 2.19 6.10
CA VAL D 107 70.29 2.95 6.55
C VAL D 107 70.34 3.67 7.94
N SER D 108 70.39 2.88 9.01
CA SER D 108 70.23 3.39 10.38
C SER D 108 71.50 3.95 11.06
N LEU D 109 71.42 5.19 11.57
CA LEU D 109 72.48 5.77 12.41
C LEU D 109 71.88 6.13 13.79
N LYS D 110 72.70 6.70 14.68
CA LYS D 110 72.26 7.13 16.02
C LYS D 110 73.05 8.36 16.51
N ALA D 111 72.46 9.17 17.40
CA ALA D 111 73.12 10.41 17.83
C ALA D 111 72.77 11.00 19.21
N LEU D 112 72.81 12.34 19.29
CA LEU D 112 72.73 13.14 20.52
C LEU D 112 72.00 12.55 21.74
N ASP D 113 72.35 13.04 22.93
CA ASP D 113 72.20 12.27 24.19
C ASP D 113 70.88 12.37 25.00
N GLY D 114 71.00 12.91 26.21
CA GLY D 114 69.95 12.90 27.24
C GLY D 114 68.49 12.69 26.88
N VAL D 115 67.98 11.50 27.16
CA VAL D 115 66.55 11.18 26.95
C VAL D 115 65.73 11.41 28.22
N LEU D 116 64.41 11.36 28.09
CA LEU D 116 63.50 11.83 29.15
C LEU D 116 63.37 10.81 30.33
N PRO D 117 62.14 10.45 30.78
CA PRO D 117 62.13 9.53 31.95
C PRO D 117 62.95 8.22 31.84
N ASP D 118 63.52 7.79 32.97
CA ASP D 118 64.53 6.71 33.02
C ASP D 118 63.97 5.32 33.35
N GLY D 119 64.86 4.31 33.35
CA GLY D 119 64.56 2.94 33.81
C GLY D 119 63.39 2.20 33.21
N VAL D 120 62.27 2.11 33.93
CA VAL D 120 61.04 1.45 33.45
C VAL D 120 59.75 2.20 33.84
N SER D 121 59.23 3.09 32.98
CA SER D 121 58.07 3.96 33.31
C SER D 121 56.71 3.25 33.35
N ASP D 122 56.57 2.30 34.29
CA ASP D 122 55.46 1.34 34.32
C ASP D 122 55.88 0.05 33.65
N ALA D 123 55.98 -1.01 34.45
CA ALA D 123 56.39 -2.30 33.91
C ALA D 123 55.21 -3.17 33.44
N SER D 124 53.98 -2.63 33.53
CA SER D 124 52.77 -3.44 33.36
C SER D 124 52.45 -3.92 31.94
N ARG D 125 52.79 -3.12 30.92
CA ARG D 125 52.44 -3.45 29.54
C ARG D 125 53.22 -4.65 29.00
N THR D 126 52.48 -5.55 28.34
CA THR D 126 52.98 -6.83 27.84
C THR D 126 53.23 -6.81 26.33
N SER D 127 53.59 -7.96 25.78
CA SER D 127 53.91 -8.06 24.34
C SER D 127 52.70 -7.94 23.39
N ALA D 128 51.65 -7.25 23.84
CA ALA D 128 50.68 -6.65 22.93
C ALA D 128 51.16 -5.53 22.01
N ASP D 129 52.16 -5.84 21.19
CA ASP D 129 53.16 -4.85 20.79
C ASP D 129 53.20 -4.75 19.27
N ASP D 130 54.07 -5.57 18.65
CA ASP D 130 54.09 -5.77 17.19
C ASP D 130 52.66 -5.99 16.68
N LYS D 131 51.80 -6.41 17.61
CA LYS D 131 50.39 -6.61 17.33
C LYS D 131 49.71 -5.31 16.90
N TRP D 132 49.92 -4.22 17.63
CA TRP D 132 49.05 -3.08 17.45
C TRP D 132 49.56 -1.69 17.89
N LEU D 133 50.48 -1.63 18.86
CA LEU D 133 50.95 -0.33 19.33
C LEU D 133 51.54 0.49 18.16
N PRO D 134 52.44 -0.14 17.36
CA PRO D 134 53.03 0.53 16.18
C PRO D 134 51.96 1.02 15.23
N LEU D 135 51.13 0.10 14.74
CA LEU D 135 50.05 0.44 13.80
C LEU D 135 49.25 1.66 14.25
N TYR D 136 49.10 1.80 15.56
CA TYR D 136 48.35 2.92 16.12
C TYR D 136 49.17 4.21 16.00
N LEU D 137 50.45 4.12 16.36
CA LEU D 137 51.37 5.26 16.31
C LEU D 137 51.51 5.77 14.88
N LEU D 138 51.70 4.84 13.95
CA LEU D 138 51.79 5.16 12.54
C LEU D 138 50.47 5.75 12.08
N GLY D 139 49.38 5.11 12.45
CA GLY D 139 48.05 5.61 12.09
C GLY D 139 47.93 7.10 12.38
N LEU D 140 48.44 7.50 13.53
CA LEU D 140 48.29 8.88 13.99
C LEU D 140 48.83 9.90 13.00
N TYR D 141 49.86 9.53 12.25
CA TYR D 141 50.47 10.42 11.25
C TYR D 141 49.45 10.94 10.25
N ARG D 142 48.58 10.02 9.83
CA ARG D 142 47.56 10.27 8.82
C ARG D 142 46.48 11.22 9.36
N VAL D 143 46.03 10.94 10.58
CA VAL D 143 45.04 11.76 11.26
C VAL D 143 45.59 13.16 11.51
N GLY D 144 46.92 13.25 11.61
CA GLY D 144 47.59 14.51 11.86
C GLY D 144 47.59 15.44 10.66
N ARG D 145 47.61 14.87 9.46
CA ARG D 145 47.76 15.68 8.25
C ARG D 145 46.56 16.58 7.90
N THR D 146 45.39 16.29 8.44
CA THR D 146 44.17 17.03 8.11
C THR D 146 43.76 18.02 9.21
N GLN D 147 43.24 19.18 8.79
CA GLN D 147 42.79 20.22 9.72
C GLN D 147 41.30 20.14 10.05
N MET D 148 40.52 19.61 9.10
CA MET D 148 39.07 19.64 9.13
C MET D 148 38.45 18.47 9.93
N PRO D 149 37.23 18.68 10.48
CA PRO D 149 36.47 17.69 11.27
C PRO D 149 36.46 16.28 10.70
N GLU D 150 36.87 16.12 9.44
CA GLU D 150 37.06 14.80 8.86
C GLU D 150 38.18 14.05 9.59
N TYR D 151 38.90 14.76 10.44
CA TYR D 151 40.00 14.15 11.16
C TYR D 151 39.49 13.10 12.14
N ARG D 152 38.60 13.51 13.05
CA ARG D 152 37.99 12.57 13.99
C ARG D 152 37.12 11.55 13.24
N LYS D 153 37.03 11.75 11.91
CA LYS D 153 36.43 10.77 11.03
C LYS D 153 37.41 9.64 10.79
N LYS D 154 38.58 9.98 10.26
CA LYS D 154 39.62 8.99 10.03
C LYS D 154 40.04 8.33 11.33
N LEU D 155 39.87 9.04 12.45
CA LEU D 155 40.28 8.52 13.76
C LEU D 155 39.34 7.39 14.21
N MET D 156 38.04 7.67 14.17
CA MET D 156 37.02 6.66 14.45
C MET D 156 37.27 5.40 13.62
N ASP D 157 37.30 5.60 12.30
CA ASP D 157 37.64 4.53 11.38
C ASP D 157 39.00 3.95 11.75
N GLY D 158 39.98 4.83 11.91
CA GLY D 158 41.37 4.44 12.09
C GLY D 158 41.72 3.95 13.48
N LEU D 159 40.71 3.53 14.23
CA LEU D 159 40.93 2.92 15.53
C LEU D 159 40.28 1.54 15.62
N THR D 160 39.56 1.17 14.57
CA THR D 160 38.91 -0.14 14.53
C THR D 160 39.85 -1.20 13.98
N ASN D 161 41.01 -0.76 13.51
CA ASN D 161 41.97 -1.67 12.88
C ASN D 161 42.93 -2.29 13.89
N GLN D 162 42.92 -1.74 15.10
CA GLN D 162 43.72 -2.28 16.20
C GLN D 162 42.89 -3.35 16.89
N CYS D 163 41.59 -3.09 17.02
CA CYS D 163 40.66 -4.07 17.57
C CYS D 163 40.81 -5.42 16.87
N LYS D 164 41.30 -5.39 15.64
CA LYS D 164 41.93 -6.55 15.03
C LYS D 164 42.93 -7.19 15.99
N MET D 165 42.45 -7.64 17.14
CA MET D 165 43.17 -8.61 17.96
C MET D 165 43.69 -7.97 19.23
N ILE D 166 43.31 -6.73 19.47
CA ILE D 166 43.36 -6.15 20.81
C ILE D 166 42.57 -4.86 20.89
N ASN D 167 41.40 -4.92 21.53
CA ASN D 167 40.43 -3.83 21.46
C ASN D 167 39.89 -3.24 22.75
N GLU D 168 40.77 -2.65 23.55
CA GLU D 168 40.31 -1.57 24.42
C GLU D 168 40.00 -0.45 23.40
N GLN D 169 40.37 0.78 23.73
CA GLN D 169 40.01 1.94 22.93
C GLN D 169 41.05 2.94 22.44
N PHE D 170 41.40 3.88 23.31
CA PHE D 170 41.61 5.27 22.90
C PHE D 170 42.56 6.01 23.83
N GLU D 171 43.66 6.52 23.27
CA GLU D 171 44.81 6.92 24.07
C GLU D 171 44.72 8.38 24.51
N PRO D 172 44.70 9.29 23.54
CA PRO D 172 45.00 10.71 23.80
C PRO D 172 44.04 11.43 24.75
N LEU D 173 43.34 12.43 24.22
CA LEU D 173 42.58 13.36 25.02
C LEU D 173 42.09 14.51 24.15
N VAL D 174 42.98 15.49 23.97
CA VAL D 174 42.68 16.79 23.39
C VAL D 174 42.33 16.72 21.91
N PRO D 175 41.55 17.70 21.44
CA PRO D 175 41.45 17.98 20.00
C PRO D 175 42.73 18.53 19.37
N GLU D 176 42.66 18.85 18.08
CA GLU D 176 43.81 18.67 17.20
C GLU D 176 44.48 19.95 16.71
N GLY D 177 43.91 20.55 15.67
CA GLY D 177 44.46 21.76 15.08
C GLY D 177 45.98 21.74 14.98
N ARG D 178 46.52 20.54 14.82
CA ARG D 178 47.95 20.31 14.94
C ARG D 178 48.50 20.76 16.29
N ASP D 179 48.65 19.78 17.20
CA ASP D 179 49.09 20.06 18.57
C ASP D 179 49.24 18.81 19.47
N ILE D 180 48.31 17.88 19.38
CA ILE D 180 48.24 16.73 20.29
C ILE D 180 49.33 15.67 20.03
N PHE D 181 49.78 15.61 18.78
CA PHE D 181 50.74 14.62 18.29
C PHE D 181 50.88 14.85 16.79
N ASP D 182 50.60 16.08 16.40
CA ASP D 182 50.64 16.49 15.00
C ASP D 182 52.00 17.07 14.70
N VAL D 183 52.64 17.62 15.72
CA VAL D 183 54.05 17.96 15.65
C VAL D 183 54.83 16.74 15.14
N TRP D 184 54.29 15.56 15.39
CA TRP D 184 54.92 14.30 14.99
C TRP D 184 55.39 14.36 13.55
N GLY D 185 54.52 14.88 12.68
CA GLY D 185 54.81 14.96 11.26
C GLY D 185 56.08 15.75 11.00
N ASN D 186 56.40 16.64 11.92
CA ASN D 186 57.54 17.52 11.69
C ASN D 186 58.89 16.93 12.12
N ASP D 187 58.87 15.74 12.73
CA ASP D 187 60.09 15.09 13.16
C ASP D 187 60.72 14.36 11.98
N SER D 188 61.79 14.94 11.46
CA SER D 188 62.51 14.38 10.32
C SER D 188 62.76 12.88 10.40
N ASN D 189 62.76 12.32 11.60
CA ASN D 189 63.05 10.90 11.79
C ASN D 189 61.79 10.06 11.86
N TYR D 190 60.69 10.69 12.29
CA TYR D 190 59.40 10.04 12.36
C TYR D 190 58.93 9.72 10.96
N THR D 191 58.94 10.73 10.11
CA THR D 191 58.60 10.55 8.69
C THR D 191 59.47 9.49 8.03
N LYS D 192 60.79 9.54 8.23
CA LYS D 192 61.67 8.58 7.58
C LYS D 192 61.28 7.15 7.95
N ILE D 193 60.62 6.96 9.09
CA ILE D 193 60.18 5.64 9.51
C ILE D 193 58.86 5.28 8.84
N VAL D 194 57.91 6.19 8.87
CA VAL D 194 56.63 5.95 8.24
C VAL D 194 56.79 5.76 6.75
N ALA D 195 57.76 6.47 6.16
CA ALA D 195 58.03 6.34 4.74
C ALA D 195 58.63 4.98 4.41
N ALA D 196 59.59 4.54 5.23
CA ALA D 196 60.22 3.24 5.03
C ALA D 196 59.26 2.10 5.32
N VAL D 197 58.31 2.32 6.23
CA VAL D 197 57.29 1.31 6.48
C VAL D 197 56.35 1.15 5.28
N ASP D 198 55.85 2.26 4.77
CA ASP D 198 54.96 2.24 3.63
C ASP D 198 55.66 1.63 2.42
N MET D 199 56.87 2.10 2.15
CA MET D 199 57.62 1.64 1.01
C MET D 199 57.94 0.14 1.11
N PHE D 200 58.21 -0.31 2.34
CA PHE D 200 58.52 -1.71 2.58
C PHE D 200 57.31 -2.56 2.26
N PHE D 201 56.13 -2.14 2.73
CA PHE D 201 54.91 -2.91 2.56
C PHE D 201 54.20 -2.64 1.26
N HIS D 202 54.76 -1.76 0.45
CA HIS D 202 54.32 -1.65 -0.95
C HIS D 202 54.93 -2.80 -1.74
N MET D 203 56.18 -3.11 -1.43
CA MET D 203 56.90 -4.18 -2.11
C MET D 203 56.34 -5.54 -1.76
N PHE D 204 56.07 -5.74 -0.45
CA PHE D 204 55.49 -6.98 0.07
C PHE D 204 54.05 -6.76 0.45
N LYS D 205 53.24 -6.38 -0.53
CA LYS D 205 51.82 -6.12 -0.33
C LYS D 205 51.15 -7.26 0.42
N LYS D 206 51.78 -8.43 0.42
CA LYS D 206 51.15 -9.67 0.85
C LYS D 206 51.35 -10.03 2.33
N HIS D 207 52.24 -9.29 3.00
CA HIS D 207 52.66 -9.59 4.38
C HIS D 207 51.54 -9.56 5.43
N GLU D 208 51.74 -10.26 6.53
CA GLU D 208 50.73 -10.33 7.59
C GLU D 208 50.63 -8.96 8.26
N CYS D 209 51.79 -8.34 8.49
CA CYS D 209 51.87 -7.05 9.17
C CYS D 209 51.73 -5.91 8.18
N ALA D 210 51.33 -6.25 6.95
CA ALA D 210 51.17 -5.24 5.91
C ALA D 210 50.05 -4.27 6.28
N SER D 211 49.19 -4.69 7.19
CA SER D 211 48.09 -3.88 7.70
C SER D 211 48.50 -2.47 8.15
N PHE D 212 49.78 -2.33 8.52
CA PHE D 212 50.32 -1.11 9.10
C PHE D 212 50.10 0.07 8.18
N ARG D 213 50.12 -0.19 6.89
CA ARG D 213 50.01 0.90 5.91
C ARG D 213 48.77 1.76 6.08
N TYR D 214 47.98 1.52 7.12
CA TYR D 214 46.74 2.27 7.26
C TYR D 214 46.95 3.77 7.28
N GLY D 215 47.88 4.22 8.12
CA GLY D 215 48.18 5.63 8.23
C GLY D 215 49.51 5.93 7.57
N THR D 216 50.23 4.87 7.21
CA THR D 216 51.55 4.98 6.61
C THR D 216 51.43 5.31 5.12
N ILE D 217 50.21 5.22 4.59
CA ILE D 217 49.98 5.37 3.15
C ILE D 217 50.03 6.79 2.61
N VAL D 218 49.37 7.73 3.27
CA VAL D 218 49.34 9.09 2.74
C VAL D 218 50.73 9.72 2.73
N SER D 219 51.74 8.91 3.02
CA SER D 219 53.11 9.33 2.82
C SER D 219 53.50 9.23 1.34
N ARG D 220 53.02 8.18 0.67
CA ARG D 220 53.30 7.92 -0.74
C ARG D 220 52.68 8.98 -1.64
N PHE D 221 53.57 9.62 -2.40
CA PHE D 221 53.25 10.73 -3.30
C PHE D 221 52.77 11.96 -2.56
N LYS D 222 53.37 12.20 -1.40
CA LYS D 222 53.08 13.40 -0.63
C LYS D 222 53.65 14.57 -1.41
N ASP D 223 52.90 15.67 -1.42
CA ASP D 223 53.31 16.86 -2.17
C ASP D 223 53.59 16.52 -3.62
N CYS D 224 52.82 15.57 -4.16
CA CYS D 224 52.99 15.09 -5.54
C CYS D 224 51.68 15.12 -6.35
N ALA D 225 50.77 16.00 -5.99
CA ALA D 225 49.45 16.06 -6.63
C ALA D 225 49.51 16.08 -8.15
N ALA D 226 49.89 17.22 -8.71
CA ALA D 226 49.92 17.45 -10.17
C ALA D 226 50.17 16.20 -10.99
N LEU D 227 51.35 15.64 -10.78
CA LEU D 227 51.80 14.44 -11.45
C LEU D 227 50.83 13.28 -11.26
N ALA D 228 49.59 13.55 -10.88
CA ALA D 228 48.66 12.48 -10.56
C ALA D 228 47.25 12.96 -10.83
N THR D 229 47.09 14.28 -10.82
CA THR D 229 45.88 14.86 -11.39
C THR D 229 46.02 14.59 -12.88
N PHE D 230 47.27 14.48 -13.32
CA PHE D 230 47.57 14.16 -14.71
C PHE D 230 47.15 12.75 -15.14
N GLY D 231 47.30 11.77 -14.27
CA GLY D 231 46.85 10.44 -14.60
C GLY D 231 45.34 10.35 -14.48
N HIS D 232 44.76 11.24 -13.68
CA HIS D 232 43.30 11.28 -13.49
C HIS D 232 42.67 11.88 -14.75
N LEU D 233 43.33 12.89 -15.32
CA LEU D 233 42.88 13.51 -16.55
C LEU D 233 42.93 12.50 -17.70
N CYS D 234 43.97 11.67 -17.73
CA CYS D 234 44.04 10.61 -18.74
C CYS D 234 42.84 9.70 -18.59
N LYS D 235 42.65 9.16 -17.40
CA LYS D 235 41.58 8.19 -17.17
C LYS D 235 40.20 8.74 -17.54
N ILE D 236 39.98 10.02 -17.30
CA ILE D 236 38.63 10.55 -17.42
C ILE D 236 38.33 10.95 -18.87
N THR D 237 39.37 11.21 -19.65
CA THR D 237 39.22 11.47 -21.08
C THR D 237 39.45 10.22 -21.94
N GLY D 238 39.79 9.10 -21.29
CA GLY D 238 40.03 7.88 -22.01
C GLY D 238 41.13 8.02 -23.05
N MET D 239 41.90 9.11 -22.97
CA MET D 239 42.99 9.34 -23.92
C MET D 239 44.30 8.74 -23.45
N SER D 240 45.31 8.75 -24.31
CA SER D 240 46.58 8.13 -24.00
C SER D 240 47.43 9.16 -23.36
N THR D 241 48.47 8.72 -22.69
CA THR D 241 49.28 9.69 -21.98
C THR D 241 49.90 10.65 -22.97
N GLU D 242 50.17 10.16 -24.16
CA GLU D 242 50.84 10.97 -25.17
C GLU D 242 49.87 11.88 -25.88
N ASP D 243 48.62 11.44 -26.03
CA ASP D 243 47.60 12.22 -26.73
C ASP D 243 47.13 13.37 -25.82
N VAL D 244 47.01 13.10 -24.52
CA VAL D 244 46.69 14.14 -23.55
C VAL D 244 47.67 15.30 -23.63
N THR D 245 48.95 14.98 -23.58
CA THR D 245 50.01 15.98 -23.66
C THR D 245 49.85 16.94 -24.83
N THR D 246 49.46 16.38 -25.99
CA THR D 246 49.37 17.15 -27.23
C THR D 246 48.30 18.22 -27.13
N TRP D 247 47.29 17.97 -26.30
CA TRP D 247 46.23 18.90 -26.04
C TRP D 247 46.57 20.01 -25.01
N ILE D 248 47.77 19.98 -24.46
CA ILE D 248 48.25 21.13 -23.70
C ILE D 248 48.37 22.35 -24.65
N LEU D 249 47.76 23.46 -24.27
CA LEU D 249 47.67 24.60 -25.19
C LEU D 249 48.16 25.95 -24.62
N ASN D 250 48.87 25.93 -23.49
CA ASN D 250 49.41 27.19 -22.94
C ASN D 250 50.85 27.03 -22.47
N ARG D 251 51.69 28.02 -22.73
CA ARG D 251 53.09 27.98 -22.34
C ARG D 251 53.38 27.39 -20.95
N GLU D 252 52.71 27.85 -19.89
CA GLU D 252 53.08 27.37 -18.55
C GLU D 252 52.64 25.93 -18.38
N VAL D 253 51.44 25.59 -18.80
CA VAL D 253 51.05 24.21 -18.62
C VAL D 253 52.07 23.33 -19.29
N ALA D 254 52.58 23.77 -20.42
CA ALA D 254 53.62 23.03 -21.13
C ALA D 254 54.93 23.05 -20.35
N ASP D 255 55.40 24.24 -19.96
CA ASP D 255 56.57 24.35 -19.11
C ASP D 255 56.47 23.39 -17.92
N GLU D 256 55.35 23.47 -17.21
CA GLU D 256 55.11 22.66 -16.03
C GLU D 256 55.13 21.17 -16.39
N MET D 257 54.58 20.82 -17.55
CA MET D 257 54.53 19.43 -17.96
C MET D 257 55.92 18.87 -18.15
N VAL D 258 56.79 19.65 -18.79
CA VAL D 258 58.17 19.25 -18.99
C VAL D 258 58.83 19.02 -17.65
N GLN D 259 58.65 20.00 -16.76
CA GLN D 259 59.18 19.95 -15.40
C GLN D 259 58.91 18.58 -14.78
N MET D 260 57.65 18.17 -14.77
CA MET D 260 57.25 16.93 -14.14
C MET D 260 57.80 15.71 -14.85
N MET D 261 58.01 15.82 -16.16
CA MET D 261 58.33 14.65 -17.00
C MET D 261 59.85 14.41 -17.22
N LEU D 262 60.66 15.41 -16.92
CA LEU D 262 62.13 15.28 -16.97
C LEU D 262 62.55 13.92 -16.45
N PRO D 263 63.36 13.22 -17.25
CA PRO D 263 63.66 11.79 -17.11
C PRO D 263 64.71 11.44 -16.05
N GLY D 264 64.74 10.16 -15.69
CA GLY D 264 65.65 9.65 -14.69
C GLY D 264 65.20 9.99 -13.29
N GLN D 265 63.94 9.70 -12.99
CA GLN D 265 63.37 9.99 -11.67
C GLN D 265 62.55 8.81 -11.19
N GLU D 266 62.45 7.79 -12.03
CA GLU D 266 61.68 6.60 -11.73
C GLU D 266 60.21 6.91 -11.40
N ILE D 267 59.63 7.97 -11.94
CA ILE D 267 58.25 8.25 -11.58
C ILE D 267 57.37 7.09 -12.01
N ASP D 268 57.77 6.42 -13.08
CA ASP D 268 56.97 5.34 -13.66
C ASP D 268 57.39 4.00 -13.15
N LYS D 269 58.43 3.98 -12.31
CA LYS D 269 58.98 2.72 -11.80
C LYS D 269 58.13 2.14 -10.70
N ALA D 270 58.09 0.82 -10.66
CA ALA D 270 57.23 0.07 -9.72
C ALA D 270 57.39 0.50 -8.24
N ASP D 271 58.40 -0.03 -7.57
CA ASP D 271 58.69 0.33 -6.19
C ASP D 271 60.03 1.05 -6.09
N SER D 272 60.00 2.38 -6.11
CA SER D 272 61.21 3.17 -6.05
C SER D 272 61.09 4.07 -4.82
N TYR D 273 62.15 4.84 -4.56
CA TYR D 273 62.16 5.83 -3.49
C TYR D 273 61.33 7.06 -3.86
N MET D 274 61.15 7.31 -5.14
CA MET D 274 60.64 8.60 -5.61
C MET D 274 59.33 9.07 -4.95
N PRO D 275 58.32 8.21 -4.87
CA PRO D 275 57.06 8.64 -4.24
C PRO D 275 57.27 9.30 -2.88
N TYR D 276 58.33 8.90 -2.18
CA TYR D 276 58.60 9.38 -0.83
C TYR D 276 59.65 10.47 -0.80
N LEU D 277 59.88 11.09 -1.95
CA LEU D 277 60.91 12.10 -2.05
C LEU D 277 60.80 13.12 -0.90
N ILE D 278 59.60 13.35 -0.37
CA ILE D 278 59.42 14.39 0.64
C ILE D 278 59.67 13.93 2.07
N ASP D 279 59.11 12.79 2.45
CA ASP D 279 59.25 12.27 3.82
C ASP D 279 60.57 11.58 4.14
N PHE D 280 61.31 11.12 3.14
CA PHE D 280 62.66 10.61 3.34
C PHE D 280 63.65 11.77 3.35
N GLY D 281 63.15 12.98 3.21
CA GLY D 281 64.02 14.12 3.08
C GLY D 281 64.95 14.08 1.86
N LEU D 282 64.48 13.47 0.77
CA LEU D 282 65.20 13.49 -0.48
C LEU D 282 65.08 14.86 -1.14
N SER D 283 63.99 15.55 -0.84
CA SER D 283 63.69 16.80 -1.52
C SER D 283 62.88 17.70 -0.60
N SER D 284 63.22 19.00 -0.60
CA SER D 284 62.54 19.97 0.25
C SER D 284 61.44 20.69 -0.49
N LYS D 285 61.64 20.90 -1.80
CA LYS D 285 60.59 21.39 -2.67
C LYS D 285 60.37 20.41 -3.81
N SER D 286 59.12 20.02 -4.01
CA SER D 286 58.77 18.93 -4.90
C SER D 286 58.50 19.45 -6.29
N PRO D 287 59.17 18.85 -7.29
CA PRO D 287 58.87 19.17 -8.69
C PRO D 287 57.43 18.82 -9.08
N TYR D 288 56.81 17.91 -8.35
CA TYR D 288 55.51 17.35 -8.71
C TYR D 288 54.32 17.89 -7.91
N SER D 289 54.51 19.02 -7.25
CA SER D 289 53.49 19.54 -6.34
C SER D 289 52.51 20.39 -7.11
N SER D 290 51.27 20.43 -6.67
CA SER D 290 50.27 21.27 -7.33
C SER D 290 50.56 22.74 -7.10
N VAL D 291 51.68 23.06 -6.47
CA VAL D 291 52.01 24.46 -6.20
C VAL D 291 53.13 24.93 -7.11
N LYS D 292 53.89 23.99 -7.64
CA LYS D 292 54.87 24.33 -8.66
C LYS D 292 54.33 23.93 -10.02
N ASN D 293 53.06 23.52 -10.03
CA ASN D 293 52.36 23.19 -11.26
C ASN D 293 50.94 23.78 -11.22
N PRO D 294 50.86 25.08 -10.89
CA PRO D 294 49.57 25.73 -10.67
C PRO D 294 48.71 25.74 -11.92
N ALA D 295 49.35 26.03 -13.06
CA ALA D 295 48.60 26.10 -14.30
C ALA D 295 48.21 24.69 -14.72
N PHE D 296 49.13 23.77 -14.63
CA PHE D 296 48.79 22.44 -15.04
C PHE D 296 47.69 21.88 -14.15
N HIS D 297 47.62 22.41 -12.94
CA HIS D 297 46.64 21.95 -11.98
C HIS D 297 45.26 22.53 -12.29
N PHE D 298 45.21 23.85 -12.45
CA PHE D 298 43.96 24.50 -12.79
C PHE D 298 43.46 23.87 -14.09
N TRP D 299 44.35 23.72 -15.05
CA TRP D 299 43.93 23.24 -16.35
C TRP D 299 43.37 21.83 -16.19
N GLY D 300 44.21 20.87 -15.82
CA GLY D 300 43.81 19.48 -15.73
C GLY D 300 42.59 19.19 -14.86
N GLN D 301 42.40 20.02 -13.84
CA GLN D 301 41.32 19.82 -12.89
C GLN D 301 40.02 20.49 -13.35
N LEU D 302 40.12 21.67 -13.98
CA LEU D 302 38.96 22.31 -14.58
C LEU D 302 38.43 21.39 -15.68
N THR D 303 39.36 20.87 -16.50
CA THR D 303 39.01 20.04 -17.63
C THR D 303 38.27 18.82 -17.15
N ALA D 304 38.78 18.23 -16.07
CA ALA D 304 38.20 17.00 -15.56
C ALA D 304 36.84 17.28 -14.95
N LEU D 305 36.67 18.47 -14.41
CA LEU D 305 35.41 18.84 -13.82
C LEU D 305 34.31 18.92 -14.87
N LEU D 306 34.62 19.55 -16.01
CA LEU D 306 33.71 19.68 -17.15
C LEU D 306 33.34 18.30 -17.72
N LEU D 307 34.26 17.35 -17.59
CA LEU D 307 34.03 15.97 -18.01
C LEU D 307 33.41 15.08 -16.93
N ARG D 308 32.94 15.68 -15.84
CA ARG D 308 32.14 14.97 -14.86
C ARG D 308 32.90 14.33 -13.68
N SER D 309 34.15 14.73 -13.46
CA SER D 309 34.88 14.32 -12.26
C SER D 309 34.12 14.76 -11.01
N THR D 310 34.11 13.91 -10.00
CA THR D 310 33.59 14.33 -8.70
C THR D 310 34.77 14.75 -7.85
N ARG D 311 35.84 13.99 -7.96
CA ARG D 311 37.12 14.30 -7.33
C ARG D 311 37.49 15.79 -7.49
N ALA D 312 37.13 16.39 -8.62
CA ALA D 312 37.63 17.72 -8.95
C ALA D 312 36.78 18.88 -8.45
N ARG D 313 35.55 18.59 -8.02
CA ARG D 313 34.67 19.64 -7.51
C ARG D 313 35.40 20.42 -6.43
N ASN D 314 36.28 19.74 -5.73
CA ASN D 314 36.87 20.29 -4.51
C ASN D 314 38.39 20.51 -4.56
N ALA D 315 38.93 20.57 -5.76
CA ALA D 315 40.31 21.01 -5.94
C ALA D 315 40.39 22.50 -5.69
N ARG D 316 41.53 22.96 -5.22
CA ARG D 316 41.67 24.37 -4.88
C ARG D 316 42.26 25.17 -6.04
N GLN D 317 41.77 26.39 -6.19
CA GLN D 317 42.07 27.22 -7.34
C GLN D 317 43.32 28.05 -7.06
N PRO D 318 44.45 27.64 -7.64
CA PRO D 318 45.72 28.34 -7.45
C PRO D 318 45.57 29.82 -7.74
N ASP D 319 46.44 30.62 -7.12
CA ASP D 319 46.52 32.06 -7.42
C ASP D 319 47.68 32.30 -8.36
N ASP D 320 47.73 33.49 -8.94
CA ASP D 320 48.83 33.87 -9.81
C ASP D 320 49.02 32.93 -11.01
N ILE D 321 47.90 32.48 -11.59
CA ILE D 321 47.91 31.82 -12.90
C ILE D 321 47.03 32.60 -13.89
N GLU D 322 47.17 32.31 -15.17
CA GLU D 322 46.42 33.05 -16.17
C GLU D 322 45.04 32.40 -16.35
N TYR D 323 44.06 32.86 -15.57
CA TYR D 323 42.78 32.18 -15.48
C TYR D 323 42.03 32.07 -16.79
N THR D 324 41.85 33.19 -17.52
CA THR D 324 40.95 33.24 -18.68
C THR D 324 41.40 32.33 -19.81
N SER D 325 42.69 32.37 -20.11
CA SER D 325 43.24 31.60 -21.24
C SER D 325 43.32 30.14 -20.90
N LEU D 326 43.63 29.87 -19.63
CA LEU D 326 43.69 28.51 -19.11
C LEU D 326 42.33 27.82 -19.17
N THR D 327 41.27 28.53 -18.79
CA THR D 327 39.93 27.94 -18.79
C THR D 327 39.43 27.73 -20.22
N THR D 328 39.58 28.73 -21.08
CA THR D 328 39.16 28.55 -22.45
C THR D 328 39.84 27.32 -23.06
N ALA D 329 41.13 27.19 -22.82
CA ALA D 329 41.92 26.04 -23.26
C ALA D 329 41.40 24.71 -22.71
N GLY D 330 40.77 24.77 -21.56
CA GLY D 330 40.21 23.58 -20.96
C GLY D 330 38.79 23.33 -21.43
N LEU D 331 38.06 24.40 -21.74
CA LEU D 331 36.71 24.26 -22.29
C LEU D 331 36.81 23.58 -23.65
N LEU D 332 37.74 24.04 -24.48
CA LEU D 332 37.95 23.46 -25.80
C LEU D 332 38.18 21.96 -25.68
N TYR D 333 39.08 21.59 -24.78
CA TYR D 333 39.46 20.19 -24.56
C TYR D 333 38.35 19.33 -23.96
N ALA D 334 37.58 19.91 -23.05
CA ALA D 334 36.40 19.25 -22.53
C ALA D 334 35.34 19.11 -23.62
N TYR D 335 35.10 20.17 -24.40
CA TYR D 335 34.10 20.12 -25.47
C TYR D 335 34.48 19.11 -26.54
N ALA D 336 35.77 18.99 -26.84
CA ALA D 336 36.22 17.95 -27.78
C ALA D 336 35.77 16.59 -27.30
N VAL D 337 36.37 16.16 -26.19
CA VAL D 337 36.12 14.85 -25.59
C VAL D 337 34.65 14.59 -25.25
N GLY D 338 33.89 15.67 -25.07
CA GLY D 338 32.50 15.54 -24.65
C GLY D 338 31.49 15.29 -25.76
N SER D 339 31.63 16.00 -26.88
CA SER D 339 30.66 15.86 -27.96
C SER D 339 30.93 14.59 -28.76
N SER D 340 32.15 14.43 -29.24
CA SER D 340 32.50 13.26 -30.04
C SER D 340 32.95 12.11 -29.15
N ALA D 341 32.01 11.21 -28.83
CA ALA D 341 32.32 10.03 -28.03
C ALA D 341 33.27 9.11 -28.77
N ASP D 342 33.53 7.95 -28.18
CA ASP D 342 34.50 7.00 -28.75
C ASP D 342 33.77 5.68 -28.99
N LEU D 343 32.52 5.78 -29.45
CA LEU D 343 31.71 4.59 -29.72
C LEU D 343 32.45 3.77 -30.78
N ALA D 344 32.10 2.49 -30.89
CA ALA D 344 32.75 1.60 -31.83
C ALA D 344 32.45 0.19 -31.41
N GLN D 345 31.82 -0.57 -32.30
CA GLN D 345 31.50 -1.96 -32.03
C GLN D 345 32.70 -2.68 -31.47
N GLN D 346 32.49 -3.51 -30.46
CA GLN D 346 33.62 -4.25 -29.89
C GLN D 346 33.43 -5.74 -30.10
N PHE D 347 32.19 -6.21 -30.04
CA PHE D 347 31.88 -7.64 -30.25
C PHE D 347 30.85 -7.84 -31.36
N CYS D 348 30.83 -9.02 -31.96
CA CYS D 348 29.91 -9.32 -33.06
C CYS D 348 29.62 -10.81 -33.24
N VAL D 349 28.56 -11.12 -33.97
CA VAL D 349 28.26 -12.50 -34.32
C VAL D 349 28.37 -12.78 -35.84
N GLY D 350 29.47 -12.36 -36.46
CA GLY D 350 29.67 -12.51 -37.90
C GLY D 350 29.33 -11.26 -38.71
N ASP D 351 28.58 -10.32 -38.13
CA ASP D 351 28.27 -9.02 -38.76
C ASP D 351 28.68 -7.84 -37.87
N ASN D 352 29.21 -6.80 -38.50
CA ASN D 352 29.70 -5.64 -37.75
C ASN D 352 29.80 -4.36 -38.57
N LYS D 353 29.50 -3.24 -37.93
CA LYS D 353 29.43 -1.95 -38.60
C LYS D 353 30.79 -1.49 -39.10
N TYR D 354 31.01 -1.57 -40.40
CA TYR D 354 32.20 -1.02 -41.03
C TYR D 354 32.03 0.47 -41.18
N THR D 355 32.49 1.19 -40.17
CA THR D 355 32.04 2.56 -39.92
C THR D 355 32.33 3.60 -40.99
N PRO D 356 33.61 3.73 -41.42
CA PRO D 356 34.00 4.78 -42.38
C PRO D 356 33.22 4.84 -43.72
N ASP D 357 31.90 4.98 -43.64
CA ASP D 357 31.05 5.13 -44.81
C ASP D 357 31.36 6.41 -45.60
N LEU D 363 27.48 17.08 -42.56
CA LEU D 363 27.25 18.52 -42.73
C LEU D 363 28.27 19.08 -43.72
N THR D 364 28.07 20.34 -44.11
CA THR D 364 29.10 21.04 -44.85
C THR D 364 30.12 21.63 -43.88
N THR D 365 29.80 22.80 -43.33
CA THR D 365 30.84 23.61 -42.74
C THR D 365 30.47 24.17 -41.37
N ASN D 366 31.52 24.44 -40.59
CA ASN D 366 31.41 25.07 -39.29
C ASN D 366 30.96 24.13 -38.18
N ALA D 367 30.46 22.95 -38.56
CA ALA D 367 30.15 21.93 -37.57
C ALA D 367 31.46 21.26 -37.18
N PRO D 368 31.73 21.22 -35.87
CA PRO D 368 33.01 20.85 -35.24
C PRO D 368 33.51 19.44 -35.58
N PRO D 369 34.84 19.26 -35.57
CA PRO D 369 35.61 18.09 -35.97
C PRO D 369 35.08 16.75 -35.49
N GLN D 370 35.52 15.70 -36.17
CA GLN D 370 34.92 14.36 -36.06
C GLN D 370 35.50 13.54 -34.91
N GLY D 371 36.79 13.72 -34.64
CA GLY D 371 37.44 12.94 -33.60
C GLY D 371 37.94 13.83 -32.48
N ARG D 372 39.16 13.57 -32.03
CA ARG D 372 39.78 14.34 -30.96
C ARG D 372 41.20 14.70 -31.31
N ASP D 373 41.42 15.12 -32.55
CA ASP D 373 42.77 15.54 -32.90
C ASP D 373 42.97 17.01 -32.57
N VAL D 374 44.08 17.28 -31.90
CA VAL D 374 44.43 18.60 -31.40
C VAL D 374 44.46 19.63 -32.51
N VAL D 375 44.79 19.17 -33.73
CA VAL D 375 44.96 20.07 -34.85
C VAL D 375 43.62 20.34 -35.51
N GLU D 376 42.88 19.31 -35.87
CA GLU D 376 41.56 19.53 -36.47
C GLU D 376 40.80 20.55 -35.61
N TRP D 377 40.87 20.36 -34.29
CA TRP D 377 40.09 21.16 -33.36
C TRP D 377 40.61 22.56 -33.25
N LEU D 378 41.93 22.68 -33.15
CA LEU D 378 42.58 23.98 -33.10
C LEU D 378 42.22 24.85 -34.31
N GLY D 379 42.08 24.19 -35.48
CA GLY D 379 41.68 24.83 -36.72
C GLY D 379 40.23 25.27 -36.71
N TRP D 380 39.33 24.37 -36.31
CA TRP D 380 37.93 24.71 -36.12
C TRP D 380 37.75 25.91 -35.15
N PHE D 381 38.65 26.02 -34.17
CA PHE D 381 38.58 27.10 -33.21
C PHE D 381 39.06 28.41 -33.85
N GLU D 382 40.15 28.33 -34.60
CA GLU D 382 40.55 29.47 -35.45
C GLU D 382 39.39 29.99 -36.28
N ASP D 383 38.76 29.09 -37.05
CA ASP D 383 37.57 29.38 -37.84
C ASP D 383 36.49 30.08 -37.01
N GLN D 384 36.37 29.72 -35.75
CA GLN D 384 35.28 30.23 -34.95
C GLN D 384 35.56 31.60 -34.29
N ASN D 385 36.68 32.21 -34.68
CA ASN D 385 37.12 33.50 -34.10
C ASN D 385 37.92 33.36 -32.80
N ARG D 386 38.49 32.17 -32.58
CA ARG D 386 39.19 31.84 -31.36
C ARG D 386 38.39 32.34 -30.16
N LYS D 387 37.08 32.31 -30.32
CA LYS D 387 36.14 32.82 -29.34
C LYS D 387 34.99 31.81 -29.31
N PRO D 388 34.88 31.04 -28.19
CA PRO D 388 34.08 29.81 -28.07
C PRO D 388 32.61 29.94 -28.50
N THR D 389 32.11 28.93 -29.21
CA THR D 389 30.75 28.96 -29.76
C THR D 389 29.73 28.95 -28.63
N PRO D 390 28.45 29.21 -28.95
CA PRO D 390 27.46 29.28 -27.87
C PRO D 390 26.95 27.89 -27.47
N ASP D 391 27.37 26.85 -28.18
CA ASP D 391 27.05 25.48 -27.77
C ASP D 391 28.09 24.96 -26.79
N MET D 392 29.37 25.09 -27.14
CA MET D 392 30.41 24.69 -26.20
C MET D 392 30.28 25.53 -24.92
N MET D 393 29.65 26.69 -25.01
CA MET D 393 29.39 27.44 -23.80
C MET D 393 28.18 26.83 -23.07
N GLN D 394 27.23 26.30 -23.84
CA GLN D 394 26.03 25.68 -23.27
C GLN D 394 26.47 24.37 -22.63
N TYR D 395 27.49 23.76 -23.23
CA TYR D 395 28.03 22.49 -22.75
C TYR D 395 28.55 22.66 -21.35
N ALA D 396 29.40 23.67 -21.18
CA ALA D 396 29.97 24.02 -19.89
C ALA D 396 28.87 24.24 -18.86
N LYS D 397 27.81 24.95 -19.26
CA LYS D 397 26.71 25.27 -18.36
C LYS D 397 26.03 23.99 -17.85
N ARG D 398 25.83 23.04 -18.75
CA ARG D 398 25.17 21.81 -18.35
C ARG D 398 26.04 20.98 -17.41
N ALA D 399 27.34 21.22 -17.44
CA ALA D 399 28.27 20.44 -16.62
C ALA D 399 28.54 21.01 -15.22
N VAL D 400 28.09 22.25 -14.98
CA VAL D 400 28.33 22.90 -13.69
C VAL D 400 27.05 23.27 -12.96
N MET D 401 26.05 23.83 -13.65
CA MET D 401 24.73 24.01 -13.04
C MET D 401 24.40 22.68 -12.42
N SER D 402 23.70 22.68 -11.30
CA SER D 402 23.30 21.44 -10.63
C SER D 402 24.45 20.73 -9.86
N LEU D 403 25.55 21.45 -9.59
CA LEU D 403 26.50 21.01 -8.55
C LEU D 403 26.14 21.83 -7.33
N GLN D 404 26.36 21.26 -6.16
CA GLN D 404 26.20 22.04 -4.93
C GLN D 404 27.17 21.62 -3.82
N GLY D 405 27.17 22.38 -2.72
CA GLY D 405 28.07 22.15 -1.62
C GLY D 405 29.45 22.55 -2.03
N LEU D 406 29.58 23.74 -2.58
CA LEU D 406 30.82 24.15 -3.20
C LEU D 406 31.64 25.04 -2.30
N ARG D 407 32.81 24.56 -1.92
CA ARG D 407 33.68 25.32 -1.04
C ARG D 407 34.34 26.50 -1.73
N GLU D 408 34.57 27.56 -0.96
CA GLU D 408 35.17 28.78 -1.51
C GLU D 408 36.59 28.47 -1.98
N LYS D 409 36.96 29.03 -3.13
CA LYS D 409 38.29 28.83 -3.68
C LYS D 409 38.55 27.39 -4.10
N THR D 410 37.53 26.69 -4.61
CA THR D 410 37.78 25.44 -5.34
C THR D 410 37.56 25.64 -6.84
N ILE D 411 38.19 24.79 -7.65
CA ILE D 411 38.03 24.95 -9.09
C ILE D 411 36.56 24.67 -9.44
N GLY D 412 35.85 23.98 -8.55
CA GLY D 412 34.43 23.81 -8.74
C GLY D 412 33.62 25.09 -8.57
N LYS D 413 33.84 25.80 -7.47
CA LYS D 413 33.09 27.02 -7.26
C LYS D 413 33.51 28.04 -8.29
N TYR D 414 34.76 27.92 -8.75
CA TYR D 414 35.21 28.75 -9.85
C TYR D 414 34.36 28.47 -11.08
N ALA D 415 34.24 27.20 -11.44
CA ALA D 415 33.55 26.82 -12.65
C ALA D 415 32.07 27.21 -12.64
N LYS D 416 31.37 26.91 -11.57
CA LYS D 416 29.93 27.22 -11.56
C LYS D 416 29.66 28.72 -11.69
N SER D 417 30.50 29.52 -11.03
CA SER D 417 30.38 30.97 -11.14
C SER D 417 30.63 31.48 -12.57
N GLU D 418 31.52 30.78 -13.28
CA GLU D 418 31.97 31.20 -14.60
C GLU D 418 31.05 30.70 -15.70
N PHE D 419 30.36 29.58 -15.46
CA PHE D 419 29.52 29.02 -16.51
C PHE D 419 28.02 28.97 -16.24
N ASP D 420 27.61 28.88 -14.97
CA ASP D 420 26.18 28.91 -14.66
C ASP D 420 25.69 30.35 -14.47
N LYS D 421 25.11 30.90 -15.54
CA LYS D 421 24.40 32.20 -15.51
C LYS D 421 24.05 32.63 -16.95
N SER E 1 -44.06 -3.33 -22.31
CA SER E 1 -43.06 -3.67 -21.29
C SER E 1 -43.60 -4.63 -20.19
N VAL E 2 -44.49 -5.56 -20.55
CA VAL E 2 -45.02 -6.51 -19.53
C VAL E 2 -44.17 -7.77 -19.51
N THR E 3 -43.78 -8.20 -20.69
CA THR E 3 -43.02 -9.44 -20.86
C THR E 3 -41.58 -9.23 -21.31
N VAL E 4 -40.65 -9.64 -20.48
CA VAL E 4 -39.25 -9.46 -20.77
C VAL E 4 -38.58 -10.78 -21.10
N LYS E 5 -37.97 -10.88 -22.27
CA LYS E 5 -37.22 -12.09 -22.62
C LYS E 5 -35.72 -11.79 -22.66
N ARG E 6 -34.91 -12.83 -22.49
CA ARG E 6 -33.48 -12.68 -22.48
C ARG E 6 -32.87 -13.15 -23.79
N ILE E 7 -32.30 -12.24 -24.56
CA ILE E 7 -31.94 -12.57 -25.95
C ILE E 7 -31.11 -13.86 -26.10
N ILE E 8 -30.00 -14.01 -25.39
CA ILE E 8 -29.09 -15.12 -25.70
C ILE E 8 -29.70 -16.53 -25.70
N ASP E 9 -30.70 -16.78 -24.85
CA ASP E 9 -31.32 -18.10 -24.83
C ASP E 9 -32.84 -18.01 -24.99
N ASN E 10 -33.31 -16.79 -25.14
CA ASN E 10 -34.71 -16.51 -25.38
C ASN E 10 -35.70 -17.00 -24.30
N THR E 11 -35.24 -17.09 -23.05
CA THR E 11 -36.11 -17.45 -21.94
C THR E 11 -36.74 -16.25 -21.26
N VAL E 12 -37.81 -16.47 -20.52
CA VAL E 12 -38.52 -15.38 -19.85
C VAL E 12 -37.92 -15.06 -18.49
N ILE E 13 -37.82 -13.78 -18.20
CA ILE E 13 -37.45 -13.34 -16.86
C ILE E 13 -38.58 -12.46 -16.34
N VAL E 14 -38.86 -12.55 -15.04
CA VAL E 14 -39.97 -11.78 -14.48
C VAL E 14 -39.51 -10.81 -13.42
N PRO E 15 -39.09 -9.61 -13.83
CA PRO E 15 -38.57 -8.66 -12.86
C PRO E 15 -39.65 -8.31 -11.87
N LYS E 16 -39.46 -8.76 -10.64
CA LYS E 16 -40.28 -8.31 -9.55
C LYS E 16 -39.34 -7.74 -8.50
N LEU E 17 -39.88 -7.00 -7.54
CA LEU E 17 -39.07 -6.52 -6.42
C LEU E 17 -39.90 -6.33 -5.12
N PRO E 18 -39.23 -6.43 -3.96
CA PRO E 18 -39.92 -6.52 -2.67
C PRO E 18 -41.16 -5.65 -2.54
N ALA E 19 -42.10 -6.12 -1.74
CA ALA E 19 -43.35 -5.43 -1.50
C ALA E 19 -43.08 -4.12 -0.79
N ASN E 20 -44.14 -3.34 -0.59
CA ASN E 20 -44.07 -2.11 0.18
C ASN E 20 -45.44 -1.47 0.20
N GLU E 21 -45.95 -1.15 1.37
CA GLU E 21 -47.30 -0.64 1.46
C GLU E 21 -47.48 0.48 2.46
N ASP E 22 -47.99 0.15 3.64
CA ASP E 22 -48.67 1.12 4.50
C ASP E 22 -49.28 2.29 3.72
N PRO E 23 -50.50 2.08 3.21
CA PRO E 23 -51.31 3.17 2.66
C PRO E 23 -51.33 4.33 3.65
N VAL E 24 -51.72 5.50 3.17
CA VAL E 24 -52.00 6.61 4.07
C VAL E 24 -53.39 6.35 4.64
N GLU E 25 -53.81 7.19 5.57
CA GLU E 25 -55.15 7.10 6.13
C GLU E 25 -55.67 8.52 6.28
N TYR E 26 -56.86 8.80 5.77
CA TYR E 26 -57.39 10.15 5.79
C TYR E 26 -58.29 10.36 6.98
N PRO E 27 -58.44 11.62 7.41
CA PRO E 27 -59.37 11.97 8.49
C PRO E 27 -60.78 11.42 8.24
N ALA E 28 -61.43 11.91 7.19
CA ALA E 28 -62.80 11.53 6.94
C ALA E 28 -62.98 10.02 6.93
N ASP E 29 -62.19 9.33 6.12
CA ASP E 29 -62.28 7.88 6.00
C ASP E 29 -61.86 7.26 7.36
N TYR E 30 -62.24 7.93 8.46
CA TYR E 30 -62.07 7.45 9.84
C TYR E 30 -63.33 7.68 10.64
N PHE E 31 -63.83 8.92 10.64
CA PHE E 31 -65.12 9.21 11.27
C PHE E 31 -66.26 8.42 10.62
N ARG E 32 -65.92 7.59 9.65
CA ARG E 32 -66.87 6.66 9.08
C ARG E 32 -66.90 5.35 9.88
N LYS E 33 -65.97 5.21 10.83
CA LYS E 33 -66.06 4.16 11.84
C LYS E 33 -66.63 4.76 13.13
N SER E 34 -65.76 4.97 14.10
CA SER E 34 -66.12 5.65 15.34
C SER E 34 -66.62 7.07 15.06
N LYS E 35 -67.43 7.62 15.97
CA LYS E 35 -67.84 9.03 15.84
C LYS E 35 -67.52 9.85 17.09
N GLU E 36 -66.46 9.45 17.80
CA GLU E 36 -65.99 10.14 18.99
C GLU E 36 -64.47 10.01 19.10
N ILE E 37 -63.83 10.99 19.74
CA ILE E 37 -62.39 10.89 20.00
C ILE E 37 -62.14 10.69 21.48
N PRO E 38 -61.89 9.44 21.87
CA PRO E 38 -61.74 8.96 23.26
C PRO E 38 -60.53 9.51 24.01
N LEU E 39 -60.79 10.21 25.11
CA LEU E 39 -59.72 10.72 25.96
C LEU E 39 -59.63 9.96 27.29
N TYR E 40 -58.87 8.87 27.30
CA TYR E 40 -58.71 8.06 28.50
C TYR E 40 -57.83 8.77 29.52
N ILE E 41 -58.40 9.78 30.19
CA ILE E 41 -58.13 10.01 31.60
C ILE E 41 -58.67 8.85 32.46
N ASN E 42 -57.86 7.82 32.63
CA ASN E 42 -58.26 6.65 33.40
C ASN E 42 -58.87 7.03 34.75
N THR E 43 -58.22 7.95 35.44
CA THR E 43 -58.45 8.15 36.86
C THR E 43 -58.90 9.58 37.16
N THR E 44 -59.75 9.70 38.19
CA THR E 44 -60.06 10.99 38.78
C THR E 44 -59.86 10.93 40.30
N LYS E 45 -58.68 11.36 40.75
CA LYS E 45 -58.43 11.54 42.18
C LYS E 45 -58.88 12.94 42.54
N SER E 46 -57.93 13.78 42.94
CA SER E 46 -58.27 15.15 43.31
C SER E 46 -57.34 16.16 42.64
N LEU E 47 -57.92 17.27 42.16
CA LEU E 47 -57.15 18.32 41.52
C LEU E 47 -56.03 18.80 42.45
N SER E 48 -56.38 19.09 43.69
CA SER E 48 -55.41 19.53 44.68
C SER E 48 -54.32 18.49 44.90
N ASP E 49 -54.74 17.25 45.14
CA ASP E 49 -53.82 16.12 45.26
C ASP E 49 -52.83 16.12 44.10
N LEU E 50 -53.39 16.13 42.88
CA LEU E 50 -52.62 16.08 41.64
C LEU E 50 -51.66 17.25 41.49
N ARG E 51 -52.15 18.46 41.77
CA ARG E 51 -51.34 19.67 41.74
C ARG E 51 -50.00 19.46 42.44
N GLY E 52 -50.02 18.68 43.51
CA GLY E 52 -48.83 18.35 44.24
C GLY E 52 -47.96 17.30 43.57
N TYR E 53 -48.54 16.12 43.36
CA TYR E 53 -47.83 15.01 42.72
C TYR E 53 -46.87 15.54 41.66
N VAL E 54 -47.41 16.33 40.73
CA VAL E 54 -46.62 16.93 39.66
C VAL E 54 -45.55 17.88 40.21
N TYR E 55 -46.00 18.92 40.91
CA TYR E 55 -45.12 19.96 41.40
C TYR E 55 -43.81 19.36 41.92
N GLN E 56 -43.91 18.21 42.59
CA GLN E 56 -42.72 17.53 43.07
C GLN E 56 -42.14 16.61 42.01
N GLY E 57 -42.97 15.71 41.49
CA GLY E 57 -42.55 14.80 40.45
C GLY E 57 -41.77 15.53 39.36
N LEU E 58 -41.98 16.85 39.29
CA LEU E 58 -41.33 17.73 38.31
C LEU E 58 -39.88 18.10 38.65
N LYS E 59 -39.57 18.13 39.94
CA LYS E 59 -38.18 18.27 40.38
C LYS E 59 -37.53 16.88 40.48
N SER E 60 -37.87 15.99 39.53
CA SER E 60 -37.39 14.62 39.56
C SER E 60 -37.75 13.87 38.27
N GLY E 61 -36.84 13.00 37.85
CA GLY E 61 -37.00 12.24 36.62
C GLY E 61 -37.88 11.01 36.75
N ASN E 62 -39.14 11.23 37.12
CA ASN E 62 -40.10 10.13 37.30
C ASN E 62 -41.51 10.60 37.66
N VAL E 63 -41.89 11.81 37.26
CA VAL E 63 -43.28 12.23 37.34
C VAL E 63 -44.06 11.39 36.33
N SER E 64 -45.20 10.85 36.74
CA SER E 64 -45.93 9.95 35.84
C SER E 64 -46.83 10.69 34.88
N ILE E 65 -46.76 10.28 33.62
CA ILE E 65 -47.53 10.92 32.56
C ILE E 65 -49.03 10.68 32.73
N ILE E 66 -49.39 9.70 33.56
CA ILE E 66 -50.79 9.48 33.88
C ILE E 66 -51.26 10.54 34.87
N HIS E 67 -50.30 11.16 35.53
CA HIS E 67 -50.63 12.21 36.48
C HIS E 67 -50.86 13.56 35.82
N VAL E 68 -49.94 14.00 34.97
CA VAL E 68 -50.09 15.27 34.23
C VAL E 68 -51.36 15.30 33.39
N ASN E 69 -51.65 14.20 32.69
CA ASN E 69 -52.91 14.07 31.97
C ASN E 69 -54.05 14.47 32.88
N SER E 70 -54.01 13.94 34.10
CA SER E 70 -55.05 14.18 35.10
C SER E 70 -55.03 15.60 35.71
N TYR E 71 -53.84 16.12 36.00
CA TYR E 71 -53.75 17.50 36.44
C TYR E 71 -54.29 18.45 35.37
N LEU E 72 -53.95 18.17 34.12
CA LEU E 72 -54.40 19.01 33.01
C LEU E 72 -55.92 18.96 32.89
N TYR E 73 -56.48 17.77 32.75
CA TYR E 73 -57.93 17.64 32.71
C TYR E 73 -58.46 18.43 33.89
N GLY E 74 -57.79 18.22 35.00
CA GLY E 74 -58.16 18.90 36.23
C GLY E 74 -58.19 20.41 36.10
N ALA E 75 -57.09 20.99 35.65
CA ALA E 75 -56.92 22.44 35.61
C ALA E 75 -57.56 23.17 34.40
N LEU E 76 -58.18 22.41 33.48
CA LEU E 76 -58.55 22.98 32.18
C LEU E 76 -60.05 23.03 31.83
N LYS E 77 -60.94 22.77 32.78
CA LYS E 77 -62.35 22.99 32.43
C LYS E 77 -62.84 24.40 32.74
N ASP E 78 -62.07 25.36 32.25
CA ASP E 78 -62.63 26.64 31.86
C ASP E 78 -63.51 26.33 30.65
N ILE E 79 -64.71 25.80 30.92
CA ILE E 79 -65.72 25.64 29.89
C ILE E 79 -66.07 27.05 29.37
N ARG E 80 -65.01 27.76 28.94
CA ARG E 80 -64.93 29.22 28.94
C ARG E 80 -64.99 29.86 27.56
N GLY E 81 -65.94 29.43 26.74
CA GLY E 81 -66.06 29.96 25.39
C GLY E 81 -67.46 29.91 24.81
N LYS E 82 -67.86 31.00 24.16
CA LYS E 82 -69.17 31.10 23.51
C LYS E 82 -69.06 31.15 22.00
N LEU E 83 -69.69 30.19 21.33
CA LEU E 83 -69.72 30.17 19.86
C LEU E 83 -70.53 31.33 19.36
N ASP E 84 -69.92 32.16 18.54
CA ASP E 84 -70.67 33.21 17.84
C ASP E 84 -71.45 32.60 16.67
N LYS E 85 -70.90 31.53 16.11
CA LYS E 85 -71.53 30.83 15.00
C LYS E 85 -71.51 29.32 15.24
N ASP E 86 -71.99 28.55 14.26
CA ASP E 86 -72.03 27.08 14.35
C ASP E 86 -70.65 26.44 14.29
N TRP E 87 -70.52 25.25 14.86
CA TRP E 87 -69.29 24.47 14.76
C TRP E 87 -69.54 23.00 14.44
N SER E 88 -69.06 22.57 13.28
CA SER E 88 -69.21 21.19 12.81
C SER E 88 -67.90 20.66 12.22
N SER E 89 -67.87 19.37 11.89
CA SER E 89 -66.70 18.76 11.28
C SER E 89 -66.86 17.25 11.16
N PHE E 90 -66.82 16.77 9.92
CA PHE E 90 -66.86 15.32 9.65
C PHE E 90 -68.11 14.66 10.26
N GLY E 91 -69.19 15.41 10.34
CA GLY E 91 -70.40 14.92 10.97
C GLY E 91 -70.47 15.37 12.41
N ILE E 92 -69.46 15.00 13.19
CA ILE E 92 -69.39 15.36 14.61
C ILE E 92 -69.84 16.79 14.86
N ASN E 93 -70.93 16.94 15.60
CA ASN E 93 -71.47 18.27 15.89
C ASN E 93 -71.00 18.80 17.22
N ILE E 94 -69.93 19.58 17.20
CA ILE E 94 -69.32 20.10 18.41
C ILE E 94 -70.28 20.96 19.24
N GLY E 95 -70.88 21.98 18.60
CA GLY E 95 -71.80 22.88 19.27
C GLY E 95 -72.78 23.56 18.35
N LYS E 96 -73.46 24.59 18.85
CA LYS E 96 -74.32 25.43 18.01
C LYS E 96 -74.48 26.87 18.55
N ALA E 97 -74.55 27.83 17.63
CA ALA E 97 -74.38 29.26 17.92
C ALA E 97 -74.99 29.79 19.21
N GLY E 98 -74.27 30.69 19.87
CA GLY E 98 -74.65 31.25 21.16
C GLY E 98 -74.14 30.41 22.32
N ASP E 99 -74.02 29.12 22.03
CA ASP E 99 -73.64 28.07 22.98
C ASP E 99 -72.41 28.37 23.82
N THR E 100 -72.27 27.59 24.90
CA THR E 100 -71.05 27.59 25.71
C THR E 100 -70.39 26.21 25.64
N ILE E 101 -69.10 26.22 25.32
CA ILE E 101 -68.31 24.99 25.22
C ILE E 101 -66.94 25.16 25.88
N GLY E 102 -66.39 24.04 26.35
CA GLY E 102 -65.07 24.01 26.95
C GLY E 102 -64.16 23.04 26.21
N ILE E 103 -62.87 23.13 26.49
CA ILE E 103 -61.88 22.32 25.80
C ILE E 103 -62.32 20.90 25.57
N PHE E 104 -62.68 20.21 26.63
CA PHE E 104 -62.90 18.78 26.54
C PHE E 104 -64.26 18.37 25.98
N ASP E 105 -64.94 19.33 25.38
CA ASP E 105 -66.15 19.03 24.61
C ASP E 105 -65.74 18.31 23.34
N LEU E 106 -64.74 17.44 23.51
CA LEU E 106 -64.28 16.48 22.51
C LEU E 106 -63.97 15.11 23.17
N VAL E 107 -64.98 14.61 23.91
CA VAL E 107 -65.33 13.18 24.14
C VAL E 107 -64.58 12.30 25.21
N SER E 108 -64.78 12.62 26.49
CA SER E 108 -64.00 12.03 27.61
C SER E 108 -64.48 10.67 28.13
N LEU E 109 -63.57 9.70 28.17
CA LEU E 109 -63.80 8.41 28.85
C LEU E 109 -62.74 8.22 29.96
N LYS E 110 -62.83 7.10 30.71
CA LYS E 110 -61.86 6.77 31.78
C LYS E 110 -61.60 5.26 31.85
N ALA E 111 -60.44 4.84 32.37
CA ALA E 111 -60.13 3.39 32.39
C ALA E 111 -59.12 2.87 33.45
N LEU E 112 -58.38 1.83 33.06
CA LEU E 112 -57.52 0.98 33.94
C LEU E 112 -56.98 1.63 35.23
N ASP E 113 -56.63 0.79 36.20
CA ASP E 113 -56.60 1.17 37.63
C ASP E 113 -55.31 1.76 38.26
N GLY E 114 -54.77 1.03 39.23
CA GLY E 114 -53.69 1.47 40.11
C GLY E 114 -52.77 2.61 39.72
N VAL E 115 -52.97 3.77 40.35
CA VAL E 115 -52.10 4.93 40.12
C VAL E 115 -50.97 4.97 41.15
N LEU E 116 -50.01 5.87 40.93
CA LEU E 116 -48.75 5.88 41.69
C LEU E 116 -48.90 6.47 43.13
N PRO E 117 -48.03 7.43 43.59
CA PRO E 117 -48.23 7.87 45.00
C PRO E 117 -49.64 8.34 45.40
N ASP E 118 -50.01 8.06 46.66
CA ASP E 118 -51.38 8.23 47.18
C ASP E 118 -51.65 9.54 47.95
N GLY E 119 -52.90 9.71 48.36
CA GLY E 119 -53.29 10.80 49.25
C GLY E 119 -52.97 12.20 48.78
N VAL E 120 -51.98 12.83 49.41
CA VAL E 120 -51.55 14.21 49.10
C VAL E 120 -50.00 14.36 49.14
N SER E 121 -49.35 14.27 47.97
CA SER E 121 -47.88 14.28 47.87
C SER E 121 -47.23 15.66 48.04
N ASP E 122 -47.39 16.23 49.24
CA ASP E 122 -47.07 17.64 49.51
C ASP E 122 -48.32 18.51 49.34
N ALA E 123 -48.79 19.06 50.45
CA ALA E 123 -50.00 19.87 50.42
C ALA E 123 -49.71 21.34 50.15
N SER E 124 -48.44 21.69 49.95
CA SER E 124 -48.01 23.10 50.01
C SER E 124 -48.44 23.96 48.82
N ARG E 125 -48.52 23.38 47.63
CA ARG E 125 -48.83 24.16 46.43
C ARG E 125 -50.27 24.68 46.42
N THR E 126 -50.40 25.97 46.08
CA THR E 126 -51.65 26.72 46.08
C THR E 126 -52.25 26.87 44.67
N SER E 127 -53.36 27.61 44.57
CA SER E 127 -54.05 27.84 43.30
C SER E 127 -53.31 28.70 42.27
N ALA E 128 -51.97 28.75 42.35
CA ALA E 128 -51.13 29.10 41.21
C ALA E 128 -51.13 28.16 40.01
N ASP E 129 -52.31 27.97 39.42
CA ASP E 129 -52.64 26.70 38.79
C ASP E 129 -53.04 26.92 37.34
N ASP E 130 -54.34 27.11 37.11
CA ASP E 130 -54.86 27.57 35.82
C ASP E 130 -54.02 28.74 35.31
N LYS E 131 -53.35 29.40 36.26
CA LYS E 131 -52.46 30.49 35.96
C LYS E 131 -51.32 30.05 35.02
N TRP E 132 -50.67 28.94 35.33
CA TRP E 132 -49.38 28.67 34.70
C TRP E 132 -48.88 27.21 34.67
N LEU E 133 -49.27 26.38 35.64
CA LEU E 133 -48.76 25.01 35.66
C LEU E 133 -49.08 24.26 34.37
N PRO E 134 -50.34 24.34 33.91
CA PRO E 134 -50.74 23.77 32.62
C PRO E 134 -49.89 24.30 31.45
N LEU E 135 -49.93 25.61 31.23
CA LEU E 135 -49.14 26.24 30.18
C LEU E 135 -47.72 25.69 30.11
N TYR E 136 -47.15 25.41 31.29
CA TYR E 136 -45.79 24.92 31.39
C TYR E 136 -45.72 23.49 30.90
N LEU E 137 -46.68 22.68 31.33
CA LEU E 137 -46.76 21.27 30.97
C LEU E 137 -46.98 21.09 29.49
N LEU E 138 -47.88 21.90 28.94
CA LEU E 138 -48.16 21.91 27.52
C LEU E 138 -46.95 22.42 26.75
N GLY E 139 -46.38 23.54 27.20
CA GLY E 139 -45.13 24.02 26.64
C GLY E 139 -44.10 22.93 26.41
N LEU E 140 -43.95 22.05 27.38
CA LEU E 140 -42.93 21.01 27.31
C LEU E 140 -43.05 20.12 26.06
N TYR E 141 -44.27 19.89 25.60
CA TYR E 141 -44.50 19.09 24.37
C TYR E 141 -43.70 19.60 23.17
N ARG E 142 -43.69 20.93 23.04
CA ARG E 142 -42.99 21.61 21.97
C ARG E 142 -41.49 21.45 22.08
N VAL E 143 -40.97 21.60 23.29
CA VAL E 143 -39.55 21.48 23.53
C VAL E 143 -39.11 20.04 23.33
N GLY E 144 -40.04 19.12 23.50
CA GLY E 144 -39.78 17.71 23.32
C GLY E 144 -39.56 17.28 21.88
N ARG E 145 -40.22 17.96 20.94
CA ARG E 145 -40.22 17.55 19.53
C ARG E 145 -38.88 17.72 18.78
N THR E 146 -38.00 18.58 19.31
CA THR E 146 -36.72 18.84 18.65
C THR E 146 -35.52 18.12 19.30
N GLN E 147 -34.57 17.68 18.47
CA GLN E 147 -33.38 16.96 18.94
C GLN E 147 -32.19 17.89 19.16
N MET E 148 -32.19 18.99 18.42
CA MET E 148 -31.02 19.86 18.30
C MET E 148 -30.98 20.95 19.37
N PRO E 149 -29.76 21.46 19.70
CA PRO E 149 -29.51 22.47 20.74
C PRO E 149 -30.46 23.66 20.70
N GLU E 150 -31.23 23.78 19.62
CA GLU E 150 -32.29 24.79 19.53
C GLU E 150 -33.38 24.50 20.56
N TYR E 151 -33.31 23.33 21.17
CA TYR E 151 -34.31 22.92 22.16
C TYR E 151 -34.23 23.84 23.39
N ARG E 152 -33.06 23.90 24.02
CA ARG E 152 -32.87 24.75 25.19
C ARG E 152 -33.00 26.20 24.75
N LYS E 153 -33.17 26.39 23.45
CA LYS E 153 -33.47 27.71 22.91
C LYS E 153 -34.95 28.01 23.17
N LYS E 154 -35.83 27.15 22.65
CA LYS E 154 -37.27 27.27 22.84
C LYS E 154 -37.62 27.20 24.32
N LEU E 155 -36.78 26.52 25.10
CA LEU E 155 -37.01 26.40 26.54
C LEU E 155 -36.79 27.72 27.29
N MET E 156 -35.63 28.33 27.06
CA MET E 156 -35.34 29.67 27.60
C MET E 156 -36.50 30.62 27.27
N ASP E 157 -36.76 30.75 25.98
CA ASP E 157 -37.89 31.52 25.50
C ASP E 157 -39.16 31.01 26.19
N GLY E 158 -39.40 29.70 26.06
CA GLY E 158 -40.64 29.09 26.49
C GLY E 158 -40.84 28.96 27.99
N LEU E 159 -40.07 29.73 28.75
CA LEU E 159 -40.22 29.73 30.20
C LEU E 159 -40.44 31.16 30.73
N THR E 160 -40.40 32.13 29.82
CA THR E 160 -40.66 33.53 30.17
C THR E 160 -42.15 33.86 30.09
N ASN E 161 -42.93 32.92 29.57
CA ASN E 161 -44.38 33.12 29.38
C ASN E 161 -45.19 32.76 30.63
N GLN E 162 -44.54 32.06 31.56
CA GLN E 162 -45.15 31.70 32.82
C GLN E 162 -44.92 32.87 33.77
N CYS E 163 -43.72 33.45 33.71
CA CYS E 163 -43.31 34.47 34.67
C CYS E 163 -44.12 35.74 34.51
N LYS E 164 -44.91 35.80 33.45
CA LYS E 164 -45.97 36.81 33.34
C LYS E 164 -46.34 37.08 34.79
N MET E 165 -46.71 36.03 35.51
CA MET E 165 -47.68 36.14 36.59
C MET E 165 -47.20 35.46 37.86
N ILE E 166 -46.76 34.21 37.72
CA ILE E 166 -46.06 33.53 38.81
C ILE E 166 -44.60 33.79 39.20
N ASN E 167 -43.70 33.68 38.23
CA ASN E 167 -42.33 34.16 38.39
C ASN E 167 -41.20 33.11 38.52
N GLU E 168 -41.54 31.92 39.01
CA GLU E 168 -40.54 30.91 39.34
C GLU E 168 -40.31 29.96 38.18
N GLN E 169 -39.06 29.55 37.98
CA GLN E 169 -38.43 29.60 36.68
C GLN E 169 -38.47 28.23 36.00
N PHE E 170 -38.02 27.20 36.71
CA PHE E 170 -37.69 25.93 36.09
C PHE E 170 -37.79 24.79 37.10
N GLU E 171 -38.51 23.74 36.73
CA GLU E 171 -38.59 22.53 37.54
C GLU E 171 -37.34 21.67 37.36
N PRO E 172 -37.09 21.25 36.12
CA PRO E 172 -36.44 19.96 35.85
C PRO E 172 -34.93 20.03 36.03
N LEU E 173 -34.20 19.24 35.25
CA LEU E 173 -32.85 18.84 35.61
C LEU E 173 -32.07 18.49 34.33
N VAL E 174 -32.26 17.23 33.90
CA VAL E 174 -31.44 16.57 32.89
C VAL E 174 -31.62 17.16 31.50
N PRO E 175 -30.58 17.04 30.65
CA PRO E 175 -30.44 17.43 29.23
C PRO E 175 -31.53 16.53 28.57
N GLU E 176 -31.71 16.66 27.26
CA GLU E 176 -32.77 15.88 26.59
C GLU E 176 -32.71 14.58 25.78
N GLY E 177 -32.41 14.71 24.47
CA GLY E 177 -32.30 13.60 23.55
C GLY E 177 -33.50 12.67 23.60
N ARG E 178 -34.65 13.25 23.93
CA ARG E 178 -35.86 12.49 24.22
C ARG E 178 -35.66 11.52 25.39
N ASP E 179 -36.08 11.96 26.58
CA ASP E 179 -35.88 11.17 27.80
C ASP E 179 -36.46 11.80 29.09
N ILE E 180 -36.27 13.10 29.25
CA ILE E 180 -36.65 13.82 30.48
C ILE E 180 -38.17 13.98 30.68
N PHE E 181 -38.89 14.02 29.57
CA PHE E 181 -40.34 14.24 29.54
C PHE E 181 -40.72 14.31 28.07
N ASP E 182 -39.94 13.64 27.26
CA ASP E 182 -40.11 13.65 25.83
C ASP E 182 -40.93 12.43 25.49
N VAL E 183 -40.84 11.42 26.33
CA VAL E 183 -41.72 10.27 26.22
C VAL E 183 -43.15 10.79 26.21
N TRP E 184 -43.34 11.98 26.79
CA TRP E 184 -44.65 12.58 26.91
C TRP E 184 -45.40 12.57 25.59
N GLY E 185 -44.71 12.97 24.53
CA GLY E 185 -45.30 13.00 23.20
C GLY E 185 -45.88 11.65 22.77
N ASN E 186 -45.39 10.57 23.36
CA ASN E 186 -45.78 9.23 22.94
C ASN E 186 -47.03 8.74 23.66
N ASP E 187 -47.51 9.50 24.63
CA ASP E 187 -48.68 9.11 25.37
C ASP E 187 -49.93 9.47 24.60
N SER E 188 -50.59 8.47 24.02
CA SER E 188 -51.77 8.71 23.19
C SER E 188 -52.80 9.68 23.79
N ASN E 189 -52.80 9.84 25.11
CA ASN E 189 -53.78 10.69 25.77
C ASN E 189 -53.28 12.09 26.03
N TYR E 190 -51.96 12.22 26.19
CA TYR E 190 -51.32 13.51 26.34
C TYR E 190 -51.55 14.35 25.07
N THR E 191 -51.23 13.75 23.91
CA THR E 191 -51.40 14.42 22.62
C THR E 191 -52.86 14.82 22.40
N LYS E 192 -53.77 13.91 22.72
CA LYS E 192 -55.19 14.20 22.52
C LYS E 192 -55.59 15.46 23.30
N ILE E 193 -54.93 15.71 24.43
CA ILE E 193 -55.21 16.92 25.21
C ILE E 193 -54.59 18.17 24.60
N VAL E 194 -53.31 18.07 24.23
CA VAL E 194 -52.62 19.21 23.65
C VAL E 194 -53.31 19.58 22.33
N ALA E 195 -53.79 18.55 21.63
CA ALA E 195 -54.47 18.77 20.36
C ALA E 195 -55.79 19.48 20.56
N ALA E 196 -56.55 19.04 21.56
CA ALA E 196 -57.83 19.63 21.85
C ALA E 196 -57.67 21.04 22.43
N VAL E 197 -56.55 21.30 23.09
CA VAL E 197 -56.31 22.63 23.63
C VAL E 197 -56.01 23.60 22.50
N ASP E 198 -55.12 23.18 21.60
CA ASP E 198 -54.74 24.01 20.47
C ASP E 198 -55.96 24.31 19.60
N MET E 199 -56.70 23.26 19.29
CA MET E 199 -57.89 23.35 18.45
C MET E 199 -58.95 24.26 19.07
N PHE E 200 -59.10 24.15 20.38
CA PHE E 200 -60.07 24.96 21.10
C PHE E 200 -59.70 26.42 20.99
N PHE E 201 -58.44 26.75 21.25
CA PHE E 201 -57.99 28.15 21.23
C PHE E 201 -57.67 28.68 19.83
N HIS E 202 -57.82 27.83 18.82
CA HIS E 202 -57.76 28.33 17.45
C HIS E 202 -59.09 28.99 17.18
N MET E 203 -60.15 28.38 17.71
CA MET E 203 -61.50 28.85 17.50
C MET E 203 -61.74 30.14 18.24
N PHE E 204 -61.31 30.17 19.50
CA PHE E 204 -61.45 31.37 20.32
C PHE E 204 -60.12 32.05 20.47
N LYS E 205 -59.53 32.47 19.35
CA LYS E 205 -58.22 33.11 19.35
C LYS E 205 -58.14 34.22 20.41
N LYS E 206 -59.31 34.69 20.86
CA LYS E 206 -59.40 35.92 21.65
C LYS E 206 -59.37 35.73 23.17
N HIS E 207 -59.46 34.48 23.63
CA HIS E 207 -59.56 34.15 25.06
C HIS E 207 -58.38 34.64 25.91
N GLU E 208 -58.60 34.77 27.22
CA GLU E 208 -57.54 35.18 28.13
C GLU E 208 -56.51 34.06 28.32
N CYS E 209 -57.00 32.83 28.41
CA CYS E 209 -56.12 31.66 28.58
C CYS E 209 -55.64 31.11 27.24
N ALA E 210 -55.87 31.86 26.16
CA ALA E 210 -55.46 31.45 24.82
C ALA E 210 -53.94 31.37 24.73
N SER E 211 -53.26 32.04 25.67
CA SER E 211 -51.80 32.02 25.76
C SER E 211 -51.22 30.61 25.76
N PHE E 212 -52.02 29.64 26.20
CA PHE E 212 -51.58 28.25 26.34
C PHE E 212 -50.99 27.70 25.05
N ARG E 213 -51.50 28.18 23.93
CA ARG E 213 -51.06 27.63 22.65
C ARG E 213 -49.56 27.74 22.41
N TYR E 214 -48.79 28.21 23.39
CA TYR E 214 -47.36 28.40 23.18
C TYR E 214 -46.68 27.12 22.71
N GLY E 215 -46.92 26.03 23.42
CA GLY E 215 -46.32 24.76 23.05
C GLY E 215 -47.34 23.84 22.44
N THR E 216 -48.60 24.26 22.54
CA THR E 216 -49.73 23.51 22.03
C THR E 216 -49.89 23.68 20.49
N ILE E 217 -49.14 24.62 19.92
CA ILE E 217 -49.28 24.95 18.51
C ILE E 217 -48.66 23.94 17.55
N VAL E 218 -47.44 23.48 17.80
CA VAL E 218 -46.74 22.65 16.82
C VAL E 218 -47.46 21.33 16.65
N SER E 219 -48.61 21.22 17.30
CA SER E 219 -49.50 20.08 17.09
C SER E 219 -50.26 20.24 15.77
N ARG E 220 -50.64 21.49 15.47
CA ARG E 220 -51.43 21.81 14.29
C ARG E 220 -50.64 21.59 13.00
N PHE E 221 -51.15 20.69 12.17
CA PHE E 221 -50.51 20.31 10.92
C PHE E 221 -49.23 19.52 11.15
N LYS E 222 -49.22 18.73 12.21
CA LYS E 222 -48.10 17.82 12.49
C LYS E 222 -48.07 16.76 11.40
N ASP E 223 -46.86 16.43 10.94
CA ASP E 223 -46.69 15.46 9.85
C ASP E 223 -47.51 15.87 8.63
N CYS E 224 -47.64 17.18 8.41
CA CYS E 224 -48.42 17.75 7.30
C CYS E 224 -47.64 18.72 6.43
N ALA E 225 -46.31 18.59 6.40
CA ALA E 225 -45.45 19.46 5.61
C ALA E 225 -45.90 19.73 4.17
N ALA E 226 -45.64 18.78 3.29
CA ALA E 226 -45.97 18.90 1.88
C ALA E 226 -47.12 19.84 1.61
N LEU E 227 -48.28 19.49 2.13
CA LEU E 227 -49.51 20.24 1.91
C LEU E 227 -49.41 21.68 2.43
N ALA E 228 -48.19 22.16 2.64
CA ALA E 228 -47.95 23.49 3.19
C ALA E 228 -46.67 24.06 2.64
N THR E 229 -45.81 23.17 2.12
CA THR E 229 -44.69 23.63 1.31
C THR E 229 -45.38 24.10 0.05
N PHE E 230 -46.54 23.50 -0.21
CA PHE E 230 -47.35 23.83 -1.38
C PHE E 230 -47.92 25.23 -1.33
N GLY E 231 -48.34 25.68 -0.16
CA GLY E 231 -48.84 27.03 -0.06
C GLY E 231 -47.68 28.01 -0.07
N HIS E 232 -46.49 27.51 0.23
CA HIS E 232 -45.32 28.36 0.32
C HIS E 232 -44.81 28.62 -1.07
N LEU E 233 -44.91 27.61 -1.93
CA LEU E 233 -44.56 27.71 -3.34
C LEU E 233 -45.53 28.66 -4.05
N CYS E 234 -46.81 28.60 -3.73
CA CYS E 234 -47.74 29.56 -4.27
C CYS E 234 -47.27 30.96 -3.92
N LYS E 235 -47.10 31.22 -2.63
CA LYS E 235 -46.76 32.56 -2.16
C LYS E 235 -45.51 33.11 -2.84
N ILE E 236 -44.54 32.24 -3.10
CA ILE E 236 -43.23 32.72 -3.49
C ILE E 236 -43.11 32.93 -4.98
N THR E 237 -43.99 32.27 -5.74
CA THR E 237 -44.12 32.51 -7.19
C THR E 237 -45.26 33.46 -7.54
N GLY E 238 -45.98 33.92 -6.53
CA GLY E 238 -47.10 34.82 -6.74
C GLY E 238 -48.16 34.26 -7.65
N MET E 239 -48.11 32.94 -7.91
CA MET E 239 -49.09 32.32 -8.79
C MET E 239 -50.31 31.82 -8.00
N SER E 240 -51.33 31.39 -8.74
CA SER E 240 -52.57 30.98 -8.11
C SER E 240 -52.43 29.52 -7.77
N THR E 241 -53.28 29.05 -6.87
CA THR E 241 -53.19 27.65 -6.48
C THR E 241 -53.39 26.76 -7.71
N GLU E 242 -54.23 27.21 -8.64
CA GLU E 242 -54.57 26.45 -9.84
C GLU E 242 -53.51 26.54 -10.92
N ASP E 243 -52.87 27.69 -11.04
CA ASP E 243 -51.80 27.89 -12.01
C ASP E 243 -50.54 27.11 -11.60
N VAL E 244 -50.21 27.13 -10.30
CA VAL E 244 -49.09 26.34 -9.78
C VAL E 244 -49.22 24.88 -10.19
N THR E 245 -50.38 24.29 -9.90
CA THR E 245 -50.66 22.91 -10.24
C THR E 245 -50.31 22.56 -11.68
N THR E 246 -50.66 23.46 -12.59
CA THR E 246 -50.49 23.21 -14.01
C THR E 246 -49.03 23.07 -14.38
N TRP E 247 -48.15 23.66 -13.55
CA TRP E 247 -46.71 23.61 -13.74
C TRP E 247 -46.05 22.36 -13.15
N ILE E 248 -46.85 21.48 -12.59
CA ILE E 248 -46.35 20.16 -12.19
C ILE E 248 -46.04 19.41 -13.48
N LEU E 249 -44.83 18.85 -13.58
CA LEU E 249 -44.38 18.26 -14.85
C LEU E 249 -43.80 16.85 -14.73
N ASN E 250 -44.04 16.14 -13.63
CA ASN E 250 -43.58 14.75 -13.49
C ASN E 250 -44.63 13.86 -12.84
N ARG E 251 -44.81 12.64 -13.37
CA ARG E 251 -45.81 11.70 -12.85
C ARG E 251 -46.00 11.69 -11.31
N GLU E 252 -44.93 11.56 -10.54
CA GLU E 252 -45.09 11.37 -9.10
C GLU E 252 -45.56 12.66 -8.48
N VAL E 253 -44.96 13.76 -8.90
CA VAL E 253 -45.37 14.99 -8.28
C VAL E 253 -46.87 15.16 -8.51
N ALA E 254 -47.31 14.71 -9.67
CA ALA E 254 -48.74 14.80 -9.99
C ALA E 254 -49.52 13.79 -9.16
N ASP E 255 -49.06 12.53 -9.13
CA ASP E 255 -49.65 11.51 -8.26
C ASP E 255 -49.81 12.04 -6.85
N GLU E 256 -48.71 12.57 -6.32
CA GLU E 256 -48.65 13.05 -4.96
C GLU E 256 -49.59 14.20 -4.77
N MET E 257 -49.69 15.06 -5.78
CA MET E 257 -50.59 16.23 -5.70
C MET E 257 -52.05 15.80 -5.57
N VAL E 258 -52.44 14.83 -6.39
CA VAL E 258 -53.80 14.29 -6.30
C VAL E 258 -54.03 13.75 -4.90
N GLN E 259 -53.10 12.94 -4.43
CA GLN E 259 -53.15 12.36 -3.11
C GLN E 259 -53.54 13.41 -2.09
N MET E 260 -52.80 14.52 -2.04
CA MET E 260 -53.04 15.54 -1.03
C MET E 260 -54.37 16.27 -1.22
N MET E 261 -54.85 16.33 -2.46
CA MET E 261 -55.98 17.18 -2.80
C MET E 261 -57.34 16.47 -2.81
N LEU E 262 -57.31 15.13 -2.74
CA LEU E 262 -58.52 14.31 -2.68
C LEU E 262 -59.50 14.92 -1.71
N PRO E 263 -60.75 15.12 -2.17
CA PRO E 263 -61.74 15.97 -1.52
C PRO E 263 -62.46 15.34 -0.34
N GLY E 264 -63.11 16.20 0.44
CA GLY E 264 -63.84 15.79 1.62
C GLY E 264 -62.90 15.51 2.79
N GLN E 265 -62.02 16.47 3.06
CA GLN E 265 -61.05 16.31 4.15
C GLN E 265 -60.95 17.60 4.93
N GLU E 266 -61.70 18.61 4.49
CA GLU E 266 -61.67 19.91 5.16
C GLU E 266 -60.28 20.52 5.29
N ILE E 267 -59.37 20.23 4.36
CA ILE E 267 -58.04 20.83 4.46
C ILE E 267 -58.15 22.36 4.35
N ASP E 268 -59.10 22.83 3.55
CA ASP E 268 -59.31 24.25 3.35
C ASP E 268 -60.26 24.88 4.37
N LYS E 269 -60.85 24.04 5.21
CA LYS E 269 -61.85 24.49 6.17
C LYS E 269 -61.23 25.22 7.35
N ALA E 270 -61.95 26.23 7.85
CA ALA E 270 -61.45 27.13 8.89
C ALA E 270 -60.92 26.37 10.14
N ASP E 271 -61.83 26.00 11.03
CA ASP E 271 -61.45 25.26 12.21
C ASP E 271 -62.06 23.85 12.13
N SER E 272 -61.28 22.88 11.68
CA SER E 272 -61.74 21.51 11.59
C SER E 272 -60.82 20.67 12.43
N TYR E 273 -61.10 19.36 12.48
CA TYR E 273 -60.23 18.39 13.15
C TYR E 273 -59.01 18.05 12.29
N MET E 274 -59.10 18.25 10.98
CA MET E 274 -58.08 17.72 10.08
C MET E 274 -56.63 18.04 10.43
N PRO E 275 -56.31 19.32 10.74
CA PRO E 275 -54.92 19.65 11.07
C PRO E 275 -54.31 18.70 12.10
N TYR E 276 -55.16 18.21 13.00
CA TYR E 276 -54.68 17.40 14.12
C TYR E 276 -54.84 15.92 13.85
N LEU E 277 -54.99 15.57 12.57
CA LEU E 277 -55.25 14.20 12.21
C LEU E 277 -54.29 13.24 12.91
N ILE E 278 -53.10 13.72 13.25
CA ILE E 278 -52.08 12.85 13.83
C ILE E 278 -52.16 12.72 15.37
N ASP E 279 -52.28 13.84 16.06
CA ASP E 279 -52.26 13.80 17.53
C ASP E 279 -53.59 13.41 18.17
N PHE E 280 -54.68 13.49 17.41
CA PHE E 280 -55.96 13.00 17.88
C PHE E 280 -56.06 11.52 17.59
N GLY E 281 -55.01 10.96 16.99
CA GLY E 281 -55.05 9.58 16.58
C GLY E 281 -56.16 9.33 15.58
N LEU E 282 -56.41 10.31 14.71
CA LEU E 282 -57.34 10.11 13.60
C LEU E 282 -56.66 9.32 12.50
N SER E 283 -55.33 9.42 12.44
CA SER E 283 -54.58 8.81 11.36
C SER E 283 -53.20 8.42 11.86
N SER E 284 -52.73 7.26 11.42
CA SER E 284 -51.41 6.79 11.82
C SER E 284 -50.35 7.13 10.77
N LYS E 285 -50.74 7.08 9.49
CA LYS E 285 -49.89 7.57 8.42
C LYS E 285 -50.60 8.68 7.68
N SER E 286 -49.90 9.81 7.51
CA SER E 286 -50.49 11.04 7.01
C SER E 286 -50.38 11.14 5.51
N PRO E 287 -51.51 11.42 4.83
CA PRO E 287 -51.52 11.68 3.39
C PRO E 287 -50.74 12.95 3.03
N TYR E 288 -50.58 13.85 3.99
CA TYR E 288 -49.99 15.15 3.74
C TYR E 288 -48.54 15.31 4.22
N SER E 289 -47.86 14.20 4.49
CA SER E 289 -46.51 14.26 5.04
C SER E 289 -45.49 14.42 3.94
N SER E 290 -44.38 15.08 4.24
CA SER E 290 -43.30 15.20 3.28
C SER E 290 -42.59 13.87 3.01
N VAL E 291 -43.10 12.77 3.57
CA VAL E 291 -42.47 11.49 3.34
C VAL E 291 -43.34 10.63 2.43
N LYS E 292 -44.62 10.96 2.33
CA LYS E 292 -45.47 10.31 1.36
C LYS E 292 -45.67 11.26 0.19
N ASN E 293 -44.94 12.38 0.21
CA ASN E 293 -44.91 13.32 -0.90
C ASN E 293 -43.48 13.77 -1.19
N PRO E 294 -42.55 12.80 -1.34
CA PRO E 294 -41.12 13.07 -1.45
C PRO E 294 -40.77 13.78 -2.73
N ALA E 295 -41.42 13.44 -3.83
CA ALA E 295 -41.15 14.14 -5.06
C ALA E 295 -41.72 15.55 -4.96
N PHE E 296 -42.97 15.66 -4.52
CA PHE E 296 -43.60 16.96 -4.51
C PHE E 296 -42.86 17.86 -3.56
N HIS E 297 -42.15 17.24 -2.63
CA HIS E 297 -41.39 17.99 -1.65
C HIS E 297 -40.09 18.49 -2.28
N PHE E 298 -39.33 17.59 -2.87
CA PHE E 298 -38.09 17.97 -3.51
C PHE E 298 -38.41 19.04 -4.54
N TRP E 299 -39.46 18.80 -5.31
CA TRP E 299 -39.76 19.72 -6.39
C TRP E 299 -40.08 21.08 -5.79
N GLY E 300 -41.17 21.18 -5.04
CA GLY E 300 -41.62 22.46 -4.57
C GLY E 300 -40.59 23.22 -3.76
N GLN E 301 -39.69 22.49 -3.12
CA GLN E 301 -38.73 23.12 -2.24
C GLN E 301 -37.49 23.55 -3.03
N LEU E 302 -37.08 22.75 -4.00
CA LEU E 302 -35.97 23.13 -4.87
C LEU E 302 -36.37 24.35 -5.67
N THR E 303 -37.59 24.34 -6.17
CA THR E 303 -38.12 25.46 -6.94
C THR E 303 -38.12 26.74 -6.14
N ALA E 304 -38.54 26.64 -4.86
CA ALA E 304 -38.68 27.82 -4.02
C ALA E 304 -37.31 28.34 -3.66
N LEU E 305 -36.35 27.43 -3.61
CA LEU E 305 -34.98 27.80 -3.26
C LEU E 305 -34.35 28.62 -4.34
N LEU E 306 -34.62 28.23 -5.59
CA LEU E 306 -34.13 28.94 -6.77
C LEU E 306 -34.78 30.32 -6.87
N LEU E 307 -36.02 30.43 -6.39
CA LEU E 307 -36.72 31.72 -6.30
C LEU E 307 -36.43 32.54 -5.02
N ARG E 308 -35.40 32.16 -4.26
CA ARG E 308 -34.92 32.94 -3.13
C ARG E 308 -35.53 32.65 -1.75
N SER E 309 -36.17 31.50 -1.58
CA SER E 309 -36.67 31.09 -0.27
C SER E 309 -35.48 30.99 0.68
N THR E 310 -35.67 31.42 1.93
CA THR E 310 -34.68 31.16 2.97
C THR E 310 -35.15 29.92 3.70
N ARG E 311 -36.45 29.84 3.92
CA ARG E 311 -37.10 28.66 4.49
C ARG E 311 -36.57 27.36 3.87
N ALA E 312 -36.23 27.39 2.60
CA ALA E 312 -35.96 26.16 1.86
C ALA E 312 -34.50 25.74 1.79
N ARG E 313 -33.58 26.62 2.16
CA ARG E 313 -32.18 26.24 2.22
C ARG E 313 -32.01 24.95 3.05
N ASN E 314 -32.86 24.76 4.05
CA ASN E 314 -32.66 23.71 5.05
C ASN E 314 -33.69 22.57 5.02
N ALA E 315 -34.43 22.48 3.92
CA ALA E 315 -35.34 21.36 3.76
C ALA E 315 -34.48 20.16 3.49
N ARG E 316 -34.93 18.99 3.92
CA ARG E 316 -34.16 17.76 3.75
C ARG E 316 -34.49 17.06 2.44
N GLN E 317 -33.47 16.48 1.85
CA GLN E 317 -33.54 15.93 0.50
C GLN E 317 -33.94 14.47 0.50
N PRO E 318 -35.19 14.19 0.12
CA PRO E 318 -35.74 12.84 0.19
C PRO E 318 -34.86 11.88 -0.55
N ASP E 319 -34.91 10.61 -0.17
CA ASP E 319 -34.24 9.57 -0.93
C ASP E 319 -35.27 8.88 -1.83
N ASP E 320 -34.78 8.05 -2.72
CA ASP E 320 -35.66 7.26 -3.55
C ASP E 320 -36.68 8.12 -4.31
N ILE E 321 -36.22 9.27 -4.81
CA ILE E 321 -36.97 10.05 -5.80
C ILE E 321 -36.12 10.22 -7.04
N GLU E 322 -36.74 10.66 -8.12
CA GLU E 322 -36.02 10.80 -9.39
C GLU E 322 -35.38 12.19 -9.45
N TYR E 323 -34.13 12.29 -9.03
CA TYR E 323 -33.51 13.58 -8.80
C TYR E 323 -33.40 14.39 -10.06
N THR E 324 -32.78 13.84 -11.09
CA THR E 324 -32.43 14.62 -12.28
C THR E 324 -33.61 15.26 -12.99
N SER E 325 -34.67 14.49 -13.20
CA SER E 325 -35.84 14.98 -13.94
C SER E 325 -36.66 15.94 -13.09
N LEU E 326 -36.69 15.67 -11.79
CA LEU E 326 -37.38 16.53 -10.85
C LEU E 326 -36.70 17.89 -10.82
N THR E 327 -35.37 17.92 -10.79
CA THR E 327 -34.68 19.20 -10.66
C THR E 327 -34.85 20.01 -11.93
N THR E 328 -34.59 19.40 -13.08
CA THR E 328 -34.77 20.09 -14.37
C THR E 328 -36.15 20.71 -14.44
N ALA E 329 -37.17 19.94 -14.07
CA ALA E 329 -38.57 20.41 -14.04
C ALA E 329 -38.77 21.59 -13.11
N GLY E 330 -37.90 21.71 -12.12
CA GLY E 330 -37.98 22.80 -11.18
C GLY E 330 -37.18 23.97 -11.65
N LEU E 331 -36.08 23.70 -12.34
CA LEU E 331 -35.28 24.75 -12.93
C LEU E 331 -36.14 25.50 -13.93
N LEU E 332 -36.80 24.76 -14.82
CA LEU E 332 -37.67 25.36 -15.82
C LEU E 332 -38.70 26.29 -15.17
N TYR E 333 -39.38 25.80 -14.13
CA TYR E 333 -40.39 26.56 -13.41
C TYR E 333 -39.81 27.80 -12.73
N ALA E 334 -38.61 27.65 -12.20
CA ALA E 334 -37.93 28.73 -11.51
C ALA E 334 -37.51 29.78 -12.51
N TYR E 335 -36.96 29.31 -13.63
CA TYR E 335 -36.53 30.19 -14.72
C TYR E 335 -37.68 30.95 -15.37
N ALA E 336 -38.83 30.30 -15.50
CA ALA E 336 -40.00 31.01 -15.95
C ALA E 336 -40.31 32.18 -15.01
N VAL E 337 -40.70 31.87 -13.78
CA VAL E 337 -41.11 32.88 -12.81
C VAL E 337 -40.05 33.96 -12.61
N GLY E 338 -38.81 33.61 -12.90
CA GLY E 338 -37.68 34.43 -12.50
C GLY E 338 -37.34 35.52 -13.49
N SER E 339 -37.32 35.15 -14.77
CA SER E 339 -36.98 36.09 -15.82
C SER E 339 -38.14 37.04 -16.14
N SER E 340 -39.30 36.50 -16.43
CA SER E 340 -40.47 37.32 -16.71
C SER E 340 -41.22 37.73 -15.44
N ALA E 341 -40.88 38.90 -14.90
CA ALA E 341 -41.58 39.44 -13.74
C ALA E 341 -43.07 39.62 -14.04
N ASP E 342 -43.81 40.07 -13.03
CA ASP E 342 -45.16 40.55 -13.23
C ASP E 342 -45.26 42.06 -13.02
N LEU E 343 -44.63 42.81 -13.92
CA LEU E 343 -44.53 44.26 -13.76
C LEU E 343 -45.66 44.98 -14.51
N ALA E 344 -46.58 45.57 -13.76
CA ALA E 344 -47.71 46.26 -14.34
C ALA E 344 -48.16 47.44 -13.47
N GLN E 345 -48.41 48.58 -14.09
CA GLN E 345 -48.91 49.74 -13.38
C GLN E 345 -50.11 49.38 -12.48
N GLN E 346 -50.13 49.90 -11.25
CA GLN E 346 -51.24 49.65 -10.33
C GLN E 346 -51.96 50.93 -9.91
N PHE E 347 -51.24 52.06 -9.85
CA PHE E 347 -51.87 53.36 -9.65
C PHE E 347 -51.50 54.41 -10.71
N CYS E 348 -52.33 55.44 -10.88
CA CYS E 348 -52.10 56.46 -11.91
C CYS E 348 -52.78 57.77 -11.55
N VAL E 349 -52.37 58.85 -12.22
CA VAL E 349 -53.06 60.15 -12.13
C VAL E 349 -53.74 60.61 -13.46
N GLY E 350 -54.53 59.73 -14.08
CA GLY E 350 -55.15 60.03 -15.36
C GLY E 350 -54.37 59.48 -16.54
N ASP E 351 -53.09 59.17 -16.36
CA ASP E 351 -52.33 58.53 -17.44
C ASP E 351 -51.75 57.17 -17.00
N ASN E 352 -51.72 56.20 -17.91
CA ASN E 352 -51.24 54.86 -17.58
C ASN E 352 -50.78 54.02 -18.77
N LYS E 353 -49.73 53.23 -18.57
CA LYS E 353 -49.15 52.46 -19.67
C LYS E 353 -50.07 51.37 -20.19
N TYR E 354 -50.66 51.60 -21.37
CA TYR E 354 -51.45 50.57 -22.05
C TYR E 354 -50.50 49.59 -22.72
N THR E 355 -50.16 48.54 -21.99
CA THR E 355 -48.97 47.76 -22.26
C THR E 355 -48.89 47.02 -23.60
N PRO E 356 -49.92 46.24 -23.96
CA PRO E 356 -49.90 45.42 -25.18
C PRO E 356 -49.64 46.16 -26.52
N ASP E 357 -48.52 46.88 -26.60
CA ASP E 357 -48.10 47.56 -27.81
C ASP E 357 -47.81 46.51 -28.90
N ASP E 358 -46.70 45.79 -28.70
CA ASP E 358 -46.30 44.64 -29.51
C ASP E 358 -45.24 43.77 -28.80
N SER E 359 -45.59 43.26 -27.62
CA SER E 359 -44.75 42.30 -26.89
C SER E 359 -44.68 40.92 -27.58
N THR E 360 -44.19 40.92 -28.82
CA THR E 360 -43.99 39.70 -29.59
C THR E 360 -42.50 39.32 -29.54
N GLY E 361 -42.24 38.04 -29.19
CA GLY E 361 -40.90 37.45 -29.15
C GLY E 361 -39.70 38.34 -28.85
N GLY E 362 -39.03 38.06 -27.72
CA GLY E 362 -38.06 38.98 -27.18
C GLY E 362 -37.03 39.40 -28.21
N LEU E 363 -35.86 38.77 -28.17
CA LEU E 363 -35.10 38.51 -29.38
C LEU E 363 -35.89 37.64 -30.36
N THR E 364 -35.96 38.07 -31.61
CA THR E 364 -36.75 37.37 -32.62
C THR E 364 -37.19 36.00 -32.13
N THR E 365 -36.41 34.97 -32.49
CA THR E 365 -36.78 33.60 -32.20
C THR E 365 -35.81 32.96 -31.21
N ASN E 366 -36.26 31.90 -30.55
CA ASN E 366 -35.45 31.23 -29.53
C ASN E 366 -35.35 31.98 -28.21
N ALA E 367 -35.73 33.26 -28.20
CA ALA E 367 -35.82 34.01 -26.96
C ALA E 367 -37.09 33.58 -26.24
N PRO E 368 -36.94 33.15 -24.98
CA PRO E 368 -37.98 32.49 -24.18
C PRO E 368 -39.26 33.31 -24.02
N PRO E 369 -40.38 32.61 -23.83
CA PRO E 369 -41.76 33.11 -23.72
C PRO E 369 -41.99 34.30 -22.78
N GLN E 370 -43.14 34.94 -22.99
CA GLN E 370 -43.39 36.29 -22.50
C GLN E 370 -43.98 36.31 -21.11
N GLY E 371 -44.78 35.30 -20.80
CA GLY E 371 -45.45 35.24 -19.52
C GLY E 371 -45.03 34.04 -18.70
N ARG E 372 -46.01 33.39 -18.09
CA ARG E 372 -45.76 32.17 -17.31
C ARG E 372 -46.74 31.08 -17.66
N ASP E 373 -47.01 30.87 -18.94
CA ASP E 373 -47.90 29.79 -19.31
C ASP E 373 -47.14 28.51 -19.50
N VAL E 374 -47.69 27.45 -18.92
CA VAL E 374 -47.04 26.14 -18.86
C VAL E 374 -46.80 25.57 -20.23
N VAL E 375 -47.62 26.00 -21.18
CA VAL E 375 -47.56 25.47 -22.53
C VAL E 375 -46.55 26.24 -23.38
N GLU E 376 -46.68 27.56 -23.43
CA GLU E 376 -45.69 28.35 -24.15
C GLU E 376 -44.28 27.86 -23.75
N TRP E 377 -44.06 27.69 -22.45
CA TRP E 377 -42.74 27.40 -21.94
C TRP E 377 -42.31 26.00 -22.29
N LEU E 378 -43.25 25.08 -22.14
CA LEU E 378 -42.97 23.69 -22.44
C LEU E 378 -42.54 23.54 -23.91
N GLY E 379 -43.13 24.38 -24.76
CA GLY E 379 -42.81 24.41 -26.17
C GLY E 379 -41.44 25.00 -26.43
N TRP E 380 -41.17 26.16 -25.83
CA TRP E 380 -39.83 26.72 -25.90
C TRP E 380 -38.75 25.72 -25.43
N PHE E 381 -39.08 24.89 -24.43
CA PHE E 381 -38.13 23.90 -23.94
C PHE E 381 -37.96 22.77 -24.95
N GLU E 382 -39.06 22.30 -25.54
CA GLU E 382 -38.96 21.39 -26.68
C GLU E 382 -37.96 21.91 -27.73
N ASP E 383 -38.20 23.14 -28.18
CA ASP E 383 -37.35 23.84 -29.13
C ASP E 383 -35.89 23.83 -28.71
N GLN E 384 -35.64 23.89 -27.40
CA GLN E 384 -34.27 24.00 -26.91
C GLN E 384 -33.56 22.67 -26.73
N ASN E 385 -34.17 21.58 -27.21
CA ASN E 385 -33.63 20.23 -27.10
C ASN E 385 -33.97 19.55 -25.77
N ARG E 386 -35.02 20.04 -25.12
CA ARG E 386 -35.39 19.55 -23.79
C ARG E 386 -34.15 19.41 -22.90
N LYS E 387 -33.19 20.30 -23.16
CA LYS E 387 -31.90 20.31 -22.48
C LYS E 387 -31.58 21.78 -22.18
N PRO E 388 -31.65 22.17 -20.91
CA PRO E 388 -31.68 23.58 -20.47
C PRO E 388 -30.59 24.46 -21.08
N THR E 389 -30.97 25.68 -21.43
CA THR E 389 -30.06 26.66 -22.03
C THR E 389 -28.96 27.04 -21.05
N PRO E 390 -27.91 27.75 -21.52
CA PRO E 390 -26.82 28.11 -20.63
C PRO E 390 -27.11 29.37 -19.80
N ASP E 391 -28.23 30.04 -20.08
CA ASP E 391 -28.65 31.18 -19.26
C ASP E 391 -29.49 30.68 -18.10
N MET E 392 -30.48 29.83 -18.38
CA MET E 392 -31.25 29.28 -17.28
C MET E 392 -30.34 28.45 -16.36
N MET E 393 -29.22 27.99 -16.91
CA MET E 393 -28.19 27.35 -16.09
C MET E 393 -27.41 28.41 -15.28
N GLN E 394 -27.16 29.56 -15.88
CA GLN E 394 -26.49 30.66 -15.21
C GLN E 394 -27.42 31.21 -14.15
N TYR E 395 -28.72 31.17 -14.42
CA TYR E 395 -29.72 31.64 -13.48
C TYR E 395 -29.61 30.88 -12.17
N ALA E 396 -29.61 29.56 -12.29
CA ALA E 396 -29.51 28.69 -11.15
C ALA E 396 -28.23 28.96 -10.36
N LYS E 397 -27.13 29.21 -11.08
CA LYS E 397 -25.85 29.48 -10.44
C LYS E 397 -25.89 30.75 -9.57
N ARG E 398 -26.51 31.80 -10.09
CA ARG E 398 -26.64 33.00 -9.32
C ARG E 398 -27.55 32.85 -8.08
N ALA E 399 -28.40 31.84 -8.08
CA ALA E 399 -29.37 31.66 -7.00
C ALA E 399 -28.83 30.76 -5.88
N VAL E 400 -27.73 30.08 -6.17
CA VAL E 400 -27.15 29.18 -5.17
C VAL E 400 -25.74 29.53 -4.69
N MET E 401 -24.81 29.84 -5.59
CA MET E 401 -23.55 30.45 -5.15
C MET E 401 -23.90 31.55 -4.14
N SER E 402 -23.06 31.73 -3.13
CA SER E 402 -23.29 32.77 -2.12
C SER E 402 -24.35 32.40 -1.09
N LEU E 403 -24.69 31.12 -1.03
CA LEU E 403 -25.38 30.57 0.12
C LEU E 403 -24.29 29.94 1.00
N GLN E 404 -24.45 30.01 2.32
CA GLN E 404 -23.57 29.24 3.21
C GLN E 404 -24.26 28.66 4.43
N GLY E 405 -23.51 27.88 5.19
CA GLY E 405 -24.03 27.24 6.39
C GLY E 405 -25.01 26.17 6.00
N LEU E 406 -24.57 25.31 5.10
CA LEU E 406 -25.46 24.34 4.46
C LEU E 406 -25.31 22.97 5.05
N ARG E 407 -26.37 22.54 5.72
CA ARG E 407 -26.39 21.24 6.35
C ARG E 407 -26.39 20.11 5.31
N GLU E 408 -25.72 19.01 5.64
CA GLU E 408 -25.68 17.84 4.79
C GLU E 408 -27.08 17.26 4.59
N LYS E 409 -27.39 16.89 3.35
CA LYS E 409 -28.69 16.32 3.04
C LYS E 409 -29.84 17.32 3.13
N THR E 410 -29.59 18.59 2.79
CA THR E 410 -30.70 19.52 2.59
C THR E 410 -30.80 19.85 1.11
N ILE E 411 -32.00 20.19 0.63
CA ILE E 411 -32.17 20.50 -0.79
C ILE E 411 -31.35 21.75 -1.13
N GLY E 412 -30.91 22.47 -0.11
CA GLY E 412 -30.01 23.58 -0.34
C GLY E 412 -28.60 23.09 -0.68
N LYS E 413 -28.06 22.19 0.13
CA LYS E 413 -26.70 21.75 -0.13
C LYS E 413 -26.73 20.98 -1.41
N TYR E 414 -27.88 20.38 -1.69
CA TYR E 414 -28.05 19.67 -2.96
C TYR E 414 -27.91 20.65 -4.11
N ALA E 415 -28.66 21.75 -4.04
CA ALA E 415 -28.67 22.73 -5.10
C ALA E 415 -27.32 23.37 -5.34
N LYS E 416 -26.64 23.84 -4.29
CA LYS E 416 -25.36 24.51 -4.52
C LYS E 416 -24.32 23.57 -5.13
N SER E 417 -24.37 22.30 -4.74
CA SER E 417 -23.44 21.34 -5.32
C SER E 417 -23.74 21.10 -6.79
N GLU E 418 -25.01 21.25 -7.16
CA GLU E 418 -25.45 20.91 -8.51
C GLU E 418 -25.34 22.08 -9.47
N PHE E 419 -25.36 23.31 -8.95
CA PHE E 419 -25.36 24.47 -9.81
C PHE E 419 -24.12 25.37 -9.65
N ASP E 420 -23.53 25.43 -8.47
CA ASP E 420 -22.35 26.26 -8.29
C ASP E 420 -21.09 25.48 -8.61
N LYS E 421 -20.65 25.63 -9.86
CA LYS E 421 -19.35 25.11 -10.30
C LYS E 421 -19.21 25.33 -11.82
#